data_5VTY
#
_entry.id   5VTY
#
_cell.length_a   210.078
_cell.length_b   130.830
_cell.length_c   72.368
_cell.angle_alpha   90.00
_cell.angle_beta   98.95
_cell.angle_gamma   90.00
#
_symmetry.space_group_name_H-M   'C 1 2 1'
#
loop_
_entity.id
_entity.type
_entity.pdbx_description
1 polymer 'Hemagglutinin HA1 chain'
2 polymer 'Hemagglutinin HA2 chain'
3 branched alpha-D-mannopyranose-(1-3)-beta-D-mannopyranose-(1-4)-2-acetamido-2-deoxy-beta-D-glucopyranose-(1-4)-2-acetamido-2-deoxy-beta-D-glucopyranose
4 branched 2-acetamido-2-deoxy-beta-D-glucopyranose-(1-4)-2-acetamido-2-deoxy-beta-D-glucopyranose
5 branched 'N-acetyl-alpha-neuraminic acid-(2-3)-beta-D-galactopyranose'
6 branched alpha-D-mannopyranose-(1-3)-[alpha-D-mannopyranose-(1-6)]beta-D-mannopyranose-(1-4)-2-acetamido-2-deoxy-beta-D-glucopyranose-(1-4)-2-acetamido-2-deoxy-beta-D-glucopyranose
7 branched 'N-acetyl-alpha-neuraminic acid-(2-3)-beta-D-galactopyranose-(1-4)-2-acetamido-2-deoxy-beta-D-glucopyranose'
8 non-polymer 2-acetamido-2-deoxy-beta-D-glucopyranose
9 water water
#
loop_
_entity_poly.entity_id
_entity_poly.type
_entity_poly.pdbx_seq_one_letter_code
_entity_poly.pdbx_strand_id
1 'polypeptide(L)'
;ADPGATLCLGHHAVPNGTLVKTITDDQIEVTNATELVQSSSTGKICNNPHRILDGIDCTLIDALLGDPHCDVFQNETWDL
FVERSKAFSNCYPYDVPDYASLRSLVASSGTLEFITEGFTWTGVTQNGGSNACKRGPGSGFFSRLNWLTKSGSTYPVLNV
TMPNNDNFDKLYIWGVHHPSTNQEQTSLYVQASGRVTVSTRRSQQTIIPNIGSRPWVRQASSRISIYWTIVKPGDVLVIN
SNGNLIAPRGYFKMRTGKSSIMRSDAPIDTCISECITPNGSIPNDKPFQNVNKITYGACPKYVKQNTLKLATGMRNVPEK
QTR
;
A,C,E
2 'polypeptide(L)'
;GLFGAIAGFIENGWEGMIDGWYGFRHQNSEGTGQAADLKSTQAAIDQINGKLNRVIEKTNEKFHQIEKEFSEVEGRIQDL
EKYVEDTKIDLWSYNAELLVALENQHTIDLTDSEMNKLFEKTGRQLRENAEDMGNGCFKIYHKCDNACIESIRNGTYDHD
VYRDEALNNRFQIK
;
B,D,F
#
loop_
_chem_comp.id
_chem_comp.type
_chem_comp.name
_chem_comp.formula
BMA D-saccharide, beta linking beta-D-mannopyranose 'C6 H12 O6'
GAL D-saccharide, beta linking beta-D-galactopyranose 'C6 H12 O6'
MAN D-saccharide, alpha linking alpha-D-mannopyranose 'C6 H12 O6'
NAG D-saccharide, beta linking 2-acetamido-2-deoxy-beta-D-glucopyranose 'C8 H15 N O6'
SIA D-saccharide, alpha linking 'N-acetyl-alpha-neuraminic acid' 'C11 H19 N O9'
#
# COMPACT_ATOMS: atom_id res chain seq x y z
N GLY A 4 -58.28 -20.71 -24.66
CA GLY A 4 -57.55 -19.41 -24.70
C GLY A 4 -56.11 -19.54 -25.16
N ALA A 5 -55.17 -19.12 -24.33
CA ALA A 5 -53.74 -19.13 -24.67
C ALA A 5 -52.84 -19.01 -23.44
N THR A 6 -51.60 -19.47 -23.60
CA THR A 6 -50.57 -19.41 -22.56
C THR A 6 -49.37 -18.65 -23.11
N LEU A 7 -48.86 -17.68 -22.35
CA LEU A 7 -47.66 -16.91 -22.71
C LEU A 7 -46.66 -16.95 -21.55
N CYS A 8 -45.57 -17.68 -21.76
CA CYS A 8 -44.53 -17.84 -20.75
C CYS A 8 -43.34 -16.91 -21.01
N LEU A 9 -42.93 -16.21 -19.96
CA LEU A 9 -41.73 -15.39 -19.97
C LEU A 9 -40.58 -16.24 -19.45
N GLY A 10 -39.41 -16.07 -20.05
CA GLY A 10 -38.26 -16.87 -19.69
C GLY A 10 -36.94 -16.28 -20.14
N HIS A 11 -35.87 -17.04 -19.88
CA HIS A 11 -34.51 -16.62 -20.14
C HIS A 11 -33.72 -17.79 -20.67
N HIS A 12 -32.59 -17.49 -21.30
CA HIS A 12 -31.76 -18.52 -21.92
C HIS A 12 -30.92 -19.28 -20.89
N ALA A 13 -30.37 -20.40 -21.33
CA ALA A 13 -29.44 -21.20 -20.58
C ALA A 13 -28.50 -21.85 -21.57
N VAL A 14 -27.43 -22.44 -21.06
CA VAL A 14 -26.48 -23.16 -21.89
C VAL A 14 -26.18 -24.50 -21.24
N PRO A 15 -25.69 -25.48 -22.03
CA PRO A 15 -25.39 -26.78 -21.43
C PRO A 15 -24.15 -26.78 -20.54
N ASN A 16 -23.10 -26.06 -20.96
CA ASN A 16 -21.84 -25.97 -20.20
C ASN A 16 -21.58 -24.52 -19.74
N GLY A 17 -21.98 -24.21 -18.52
CA GLY A 17 -21.73 -22.88 -17.92
C GLY A 17 -20.32 -22.77 -17.33
N THR A 18 -20.04 -21.63 -16.69
CA THR A 18 -18.77 -21.46 -15.95
C THR A 18 -19.04 -20.99 -14.54
N LEU A 19 -18.15 -21.41 -13.63
CA LEU A 19 -18.23 -21.09 -12.21
C LEU A 19 -17.54 -19.76 -11.93
N VAL A 20 -18.20 -18.93 -11.14
CA VAL A 20 -17.65 -17.67 -10.67
C VAL A 20 -17.86 -17.51 -9.19
N LYS A 21 -17.18 -16.53 -8.63
CA LYS A 21 -17.26 -16.20 -7.21
C LYS A 21 -18.10 -14.94 -7.06
N THR A 22 -18.84 -14.87 -5.95
CA THR A 22 -19.68 -13.71 -5.62
C THR A 22 -19.47 -13.32 -4.14
N ILE A 23 -20.30 -12.41 -3.63
CA ILE A 23 -20.30 -12.07 -2.22
C ILE A 23 -20.74 -13.28 -1.38
N THR A 24 -21.76 -13.98 -1.85
CA THR A 24 -22.38 -15.07 -1.09
C THR A 24 -21.90 -16.47 -1.43
N ASP A 25 -21.31 -16.68 -2.61
CA ASP A 25 -20.93 -18.00 -3.08
C ASP A 25 -19.50 -18.00 -3.58
N ASP A 26 -18.68 -18.95 -3.14
CA ASP A 26 -17.36 -19.08 -3.78
C ASP A 26 -17.36 -19.85 -5.11
N GLN A 27 -18.47 -20.53 -5.46
CA GLN A 27 -18.67 -21.13 -6.78
C GLN A 27 -20.15 -21.08 -7.09
N ILE A 28 -20.51 -20.37 -8.15
CA ILE A 28 -21.88 -20.41 -8.65
C ILE A 28 -21.82 -20.29 -10.18
N GLU A 29 -22.73 -20.98 -10.85
CA GLU A 29 -22.65 -21.15 -12.29
C GLU A 29 -23.39 -20.06 -13.04
N VAL A 30 -22.70 -19.46 -14.01
CA VAL A 30 -23.29 -18.45 -14.89
C VAL A 30 -23.12 -18.91 -16.34
N THR A 31 -23.85 -18.27 -17.24
CA THR A 31 -23.82 -18.65 -18.67
C THR A 31 -22.47 -18.41 -19.32
N ASN A 32 -21.73 -17.42 -18.84
CA ASN A 32 -20.45 -17.04 -19.43
C ASN A 32 -19.63 -16.17 -18.50
N ALA A 33 -18.32 -16.19 -18.69
CA ALA A 33 -17.41 -15.32 -17.94
C ALA A 33 -16.18 -15.03 -18.76
N THR A 34 -15.41 -14.06 -18.30
CA THR A 34 -14.15 -13.70 -18.94
C THR A 34 -13.03 -13.62 -17.89
N GLU A 35 -11.84 -13.97 -18.32
CA GLU A 35 -10.66 -14.06 -17.46
C GLU A 35 -10.02 -12.67 -17.24
N LEU A 36 -9.80 -12.29 -15.98
CA LEU A 36 -9.18 -11.01 -15.63
C LEU A 36 -7.69 -11.08 -15.28
N VAL A 37 -7.13 -12.29 -15.17
CA VAL A 37 -5.74 -12.48 -14.81
C VAL A 37 -4.98 -13.04 -16.00
N GLN A 38 -4.02 -12.28 -16.49
CA GLN A 38 -3.11 -12.74 -17.52
C GLN A 38 -2.11 -13.68 -16.87
N SER A 39 -2.10 -14.95 -17.27
CA SER A 39 -1.20 -15.96 -16.67
C SER A 39 -0.19 -16.58 -17.66
N SER A 40 -0.17 -16.13 -18.91
CA SER A 40 0.78 -16.66 -19.89
C SER A 40 1.53 -15.53 -20.58
N SER A 41 2.72 -15.88 -21.06
CA SER A 41 3.58 -15.03 -21.87
C SER A 41 3.97 -15.80 -23.11
N THR A 42 4.35 -15.08 -24.17
CA THR A 42 4.96 -15.72 -25.34
C THR A 42 6.34 -16.33 -25.07
N GLY A 43 7.03 -15.88 -24.02
CA GLY A 43 8.41 -16.27 -23.77
C GLY A 43 9.41 -15.35 -24.46
N LYS A 44 8.93 -14.30 -25.13
CA LYS A 44 9.75 -13.44 -25.96
C LYS A 44 9.45 -11.98 -25.64
N ILE A 45 10.48 -11.15 -25.63
CA ILE A 45 10.36 -9.72 -25.44
C ILE A 45 10.20 -9.04 -26.78
N CYS A 46 9.06 -8.39 -26.99
CA CYS A 46 8.80 -7.68 -28.23
C CYS A 46 9.68 -6.44 -28.34
N ASN A 47 10.26 -6.25 -29.53
CA ASN A 47 11.17 -5.13 -29.79
C ASN A 47 10.49 -3.76 -30.05
N ASN A 48 9.17 -3.75 -30.15
CA ASN A 48 8.36 -2.53 -30.21
C ASN A 48 7.24 -2.57 -29.17
N PRO A 49 6.74 -1.41 -28.71
CA PRO A 49 7.17 -0.08 -29.14
C PRO A 49 8.33 0.54 -28.33
N HIS A 50 8.86 -0.17 -27.34
CA HIS A 50 9.94 0.36 -26.50
C HIS A 50 11.26 0.01 -27.13
N ARG A 51 12.21 0.94 -27.04
CA ARG A 51 13.58 0.68 -27.49
C ARG A 51 14.27 -0.30 -26.51
N ILE A 52 14.43 -1.55 -26.96
CA ILE A 52 15.05 -2.60 -26.17
C ILE A 52 16.51 -2.74 -26.56
N LEU A 53 17.38 -2.69 -25.56
CA LEU A 53 18.81 -2.88 -25.77
C LEU A 53 19.25 -4.14 -25.05
N ASP A 54 19.65 -5.14 -25.83
CA ASP A 54 20.14 -6.39 -25.31
C ASP A 54 21.59 -6.22 -24.89
N GLY A 55 21.85 -6.41 -23.59
CA GLY A 55 23.22 -6.35 -23.08
C GLY A 55 24.11 -7.48 -23.54
N ILE A 56 23.54 -8.59 -24.02
CA ILE A 56 24.27 -9.78 -24.48
C ILE A 56 25.23 -10.22 -23.36
N ASP A 57 26.54 -10.06 -23.57
CA ASP A 57 27.56 -10.49 -22.62
C ASP A 57 27.90 -9.42 -21.59
N CYS A 58 27.17 -8.30 -21.59
CA CYS A 58 27.56 -7.11 -20.83
C CYS A 58 26.49 -6.64 -19.83
N THR A 59 26.90 -6.39 -18.59
CA THR A 59 26.10 -5.65 -17.63
C THR A 59 26.09 -4.19 -18.05
N LEU A 60 25.09 -3.45 -17.61
CA LEU A 60 25.07 -2.01 -17.84
C LEU A 60 26.34 -1.36 -17.30
N ILE A 61 26.78 -1.77 -16.12
CA ILE A 61 27.97 -1.17 -15.51
C ILE A 61 29.21 -1.42 -16.37
N ASP A 62 29.37 -2.62 -16.90
CA ASP A 62 30.53 -2.90 -17.76
C ASP A 62 30.50 -2.09 -19.09
N ALA A 63 29.30 -1.88 -19.62
CA ALA A 63 29.14 -1.03 -20.79
C ALA A 63 29.45 0.41 -20.45
N LEU A 64 29.03 0.85 -19.26
CA LEU A 64 29.32 2.19 -18.78
C LEU A 64 30.83 2.43 -18.69
N LEU A 65 31.53 1.55 -18.00
CA LEU A 65 32.96 1.70 -17.77
C LEU A 65 33.77 1.55 -19.05
N GLY A 66 33.30 0.71 -19.96
CA GLY A 66 33.97 0.47 -21.22
C GLY A 66 34.89 -0.73 -21.19
N ASP A 67 34.44 -1.81 -20.56
CA ASP A 67 35.04 -3.14 -20.69
C ASP A 67 35.14 -3.45 -22.20
N PRO A 68 36.32 -3.85 -22.73
CA PRO A 68 36.49 -3.95 -24.22
C PRO A 68 35.45 -4.78 -24.95
N HIS A 69 35.06 -5.93 -24.42
CA HIS A 69 33.99 -6.71 -25.07
C HIS A 69 32.61 -6.04 -25.04
N CYS A 70 32.48 -4.92 -24.31
CA CYS A 70 31.29 -4.07 -24.28
C CYS A 70 31.42 -2.74 -25.04
N ASP A 71 32.50 -2.58 -25.79
CA ASP A 71 32.70 -1.37 -26.60
C ASP A 71 31.55 -1.09 -27.56
N VAL A 72 30.90 -2.13 -28.09
CA VAL A 72 29.76 -1.95 -28.99
C VAL A 72 28.65 -1.10 -28.36
N PHE A 73 28.58 -1.03 -27.02
CA PHE A 73 27.57 -0.23 -26.33
C PHE A 73 27.87 1.27 -26.15
N GLN A 74 29.03 1.73 -26.63
CA GLN A 74 29.36 3.15 -26.53
C GLN A 74 28.27 4.06 -27.06
N ASN A 75 27.89 5.07 -26.28
CA ASN A 75 26.84 6.05 -26.65
C ASN A 75 25.48 5.46 -26.95
N GLU A 76 25.20 4.24 -26.49
CA GLU A 76 23.90 3.62 -26.74
C GLU A 76 22.82 4.26 -25.88
N THR A 77 21.58 4.08 -26.29
CA THR A 77 20.42 4.55 -25.55
C THR A 77 19.41 3.44 -25.48
N TRP A 78 18.43 3.58 -24.58
CA TRP A 78 17.43 2.55 -24.39
C TRP A 78 16.25 3.08 -23.61
N ASP A 79 15.11 2.43 -23.83
CA ASP A 79 14.00 2.48 -22.90
C ASP A 79 14.17 1.37 -21.87
N LEU A 80 14.56 0.18 -22.34
CA LEU A 80 14.83 -0.93 -21.44
C LEU A 80 16.13 -1.63 -21.81
N PHE A 81 17.09 -1.55 -20.90
CA PHE A 81 18.32 -2.30 -21.00
C PHE A 81 18.06 -3.68 -20.39
N VAL A 82 18.40 -4.72 -21.13
CA VAL A 82 18.17 -6.09 -20.67
C VAL A 82 19.50 -6.74 -20.32
N GLU A 83 19.69 -7.10 -19.05
CA GLU A 83 20.89 -7.81 -18.61
C GLU A 83 20.64 -9.32 -18.61
N ARG A 84 21.59 -10.05 -19.19
CA ARG A 84 21.50 -11.50 -19.35
C ARG A 84 22.28 -12.20 -18.25
N SER A 85 21.83 -13.41 -17.89
CA SER A 85 22.52 -14.16 -16.82
C SER A 85 23.90 -14.65 -17.28
N LYS A 86 24.11 -14.79 -18.59
CA LYS A 86 25.42 -15.15 -19.14
C LYS A 86 26.45 -14.00 -19.14
N ALA A 87 26.06 -12.78 -18.75
CA ALA A 87 26.99 -11.65 -18.81
C ALA A 87 28.20 -11.89 -17.94
N PHE A 88 29.35 -11.37 -18.37
CA PHE A 88 30.60 -11.52 -17.63
C PHE A 88 31.44 -10.26 -17.78
N SER A 89 32.26 -10.00 -16.78
CA SER A 89 33.26 -8.95 -16.83
C SER A 89 34.56 -9.55 -17.38
N ASN A 90 35.32 -8.76 -18.12
CA ASN A 90 36.59 -9.24 -18.71
C ASN A 90 37.63 -8.15 -18.83
N CYS A 91 37.73 -7.35 -17.78
CA CYS A 91 38.67 -6.24 -17.73
C CYS A 91 39.32 -6.28 -16.34
N TYR A 92 39.87 -5.17 -15.87
CA TYR A 92 40.53 -5.15 -14.57
C TYR A 92 39.47 -5.45 -13.48
N PRO A 93 39.83 -6.25 -12.46
CA PRO A 93 38.82 -6.55 -11.45
C PRO A 93 38.48 -5.33 -10.63
N TYR A 94 37.20 -5.14 -10.35
CA TYR A 94 36.72 -3.91 -9.74
C TYR A 94 35.54 -4.18 -8.83
N ASP A 95 35.27 -3.25 -7.94
CA ASP A 95 34.00 -3.20 -7.24
C ASP A 95 33.43 -1.79 -7.33
N VAL A 96 32.12 -1.69 -7.10
CA VAL A 96 31.43 -0.43 -6.99
C VAL A 96 30.73 -0.39 -5.64
N PRO A 97 31.28 0.36 -4.66
CA PRO A 97 30.47 0.60 -3.47
C PRO A 97 29.16 1.24 -3.92
N ASP A 98 28.04 0.72 -3.43
CA ASP A 98 26.73 1.17 -3.92
C ASP A 98 26.53 0.96 -5.43
N TYR A 99 26.98 -0.22 -5.88
CA TYR A 99 26.72 -0.72 -7.23
C TYR A 99 25.26 -0.52 -7.65
N ALA A 100 24.35 -0.96 -6.79
CA ALA A 100 22.91 -0.89 -7.07
C ALA A 100 22.44 0.53 -7.42
N SER A 101 22.92 1.54 -6.70
CA SER A 101 22.54 2.92 -6.97
C SER A 101 23.09 3.41 -8.31
N LEU A 102 24.36 3.09 -8.60
CA LEU A 102 24.98 3.53 -9.86
C LEU A 102 24.27 2.90 -11.04
N ARG A 103 24.03 1.60 -10.95
CA ARG A 103 23.25 0.89 -11.95
C ARG A 103 21.87 1.50 -12.12
N SER A 104 21.21 1.83 -11.00
CA SER A 104 19.86 2.39 -11.09
C SER A 104 19.87 3.75 -11.77
N LEU A 105 20.73 4.65 -11.33
CA LEU A 105 20.71 6.01 -11.86
C LEU A 105 21.07 6.02 -13.34
N VAL A 106 22.00 5.15 -13.76
CA VAL A 106 22.38 5.08 -15.17
C VAL A 106 21.22 4.49 -15.99
N ALA A 107 20.65 3.39 -15.50
CA ALA A 107 19.49 2.73 -16.15
C ALA A 107 18.34 3.67 -16.40
N SER A 108 18.10 4.49 -15.38
CA SER A 108 17.03 5.46 -15.41
C SER A 108 17.32 6.64 -16.35
N SER A 109 18.58 7.02 -16.45
CA SER A 109 19.01 8.05 -17.37
C SER A 109 18.77 7.63 -18.84
N GLY A 110 18.92 6.34 -19.15
CA GLY A 110 18.60 5.83 -20.48
C GLY A 110 19.62 6.06 -21.58
N THR A 111 20.81 6.52 -21.22
CA THR A 111 21.86 6.81 -22.19
C THR A 111 23.27 6.58 -21.63
N LEU A 112 24.20 6.17 -22.50
CA LEU A 112 25.63 6.14 -22.22
C LEU A 112 26.41 7.19 -23.02
N GLU A 113 25.71 8.18 -23.57
CA GLU A 113 26.36 9.27 -24.30
C GLU A 113 27.49 9.90 -23.47
N PHE A 114 28.72 9.82 -24.00
CA PHE A 114 29.93 10.24 -23.32
C PHE A 114 30.58 11.40 -24.07
N ILE A 115 30.96 12.45 -23.34
CA ILE A 115 31.62 13.62 -23.93
C ILE A 115 33.02 13.66 -23.33
N THR A 116 34.03 13.57 -24.19
CA THR A 116 35.42 13.61 -23.75
C THR A 116 35.78 15.05 -23.40
N GLU A 117 36.55 15.22 -22.32
CA GLU A 117 37.00 16.55 -21.90
C GLU A 117 38.50 16.55 -21.82
N GLY A 118 39.11 17.71 -22.06
CA GLY A 118 40.55 17.85 -22.08
C GLY A 118 41.20 18.05 -20.71
N PHE A 119 41.18 17.01 -19.87
CA PHE A 119 41.88 17.05 -18.59
C PHE A 119 43.39 17.09 -18.83
N THR A 120 44.09 17.89 -18.03
CA THR A 120 45.53 18.00 -18.11
C THR A 120 46.13 17.34 -16.86
N TRP A 121 46.81 16.22 -17.06
CA TRP A 121 47.43 15.45 -15.99
C TRP A 121 48.93 15.66 -16.08
N THR A 122 49.41 16.72 -15.45
CA THR A 122 50.81 17.13 -15.58
C THR A 122 51.75 16.25 -14.75
N GLY A 123 52.78 15.72 -15.41
CA GLY A 123 53.83 14.94 -14.74
C GLY A 123 53.50 13.48 -14.43
N VAL A 124 52.49 12.92 -15.10
CA VAL A 124 52.18 11.50 -15.00
C VAL A 124 52.06 10.84 -16.37
N THR A 125 52.18 9.52 -16.38
CA THR A 125 51.98 8.70 -17.56
C THR A 125 50.51 8.36 -17.65
N GLN A 126 49.96 8.50 -18.85
CA GLN A 126 48.55 8.26 -19.08
C GLN A 126 48.32 6.94 -19.78
N ASN A 127 47.05 6.55 -19.87
CA ASN A 127 46.61 5.42 -20.69
C ASN A 127 47.17 4.06 -20.28
N GLY A 128 47.40 3.90 -18.98
CA GLY A 128 47.86 2.63 -18.46
C GLY A 128 46.88 1.51 -18.77
N GLY A 129 47.40 0.30 -18.92
CA GLY A 129 46.59 -0.86 -19.22
C GLY A 129 47.12 -2.12 -18.55
N SER A 130 46.45 -3.23 -18.83
CA SER A 130 46.73 -4.51 -18.17
C SER A 130 46.33 -5.66 -19.05
N ASN A 131 47.05 -6.77 -18.93
CA ASN A 131 46.64 -8.02 -19.60
C ASN A 131 45.33 -8.60 -19.07
N ALA A 132 44.90 -8.15 -17.90
CA ALA A 132 43.56 -8.44 -17.39
C ALA A 132 42.44 -7.86 -18.28
N CYS A 133 42.77 -6.89 -19.13
CA CYS A 133 41.80 -6.15 -19.91
C CYS A 133 42.30 -5.91 -21.32
N LYS A 134 42.37 -6.98 -22.10
CA LYS A 134 42.89 -6.91 -23.45
C LYS A 134 41.96 -6.16 -24.40
N ARG A 135 42.59 -5.34 -25.24
CA ARG A 135 41.95 -4.60 -26.28
C ARG A 135 42.79 -4.93 -27.52
N GLY A 136 42.21 -5.67 -28.46
CA GLY A 136 43.01 -6.36 -29.47
C GLY A 136 44.00 -7.33 -28.82
N PRO A 137 45.19 -7.52 -29.42
CA PRO A 137 46.17 -8.44 -28.81
C PRO A 137 46.88 -7.90 -27.56
N GLY A 138 46.91 -6.58 -27.38
CA GLY A 138 47.73 -5.96 -26.33
C GLY A 138 46.97 -5.65 -25.08
N SER A 139 47.69 -5.22 -24.06
CA SER A 139 47.07 -4.87 -22.81
C SER A 139 46.20 -3.62 -23.01
N GLY A 140 45.14 -3.50 -22.22
CA GLY A 140 44.27 -2.36 -22.34
C GLY A 140 43.57 -2.03 -21.03
N PHE A 141 42.47 -1.29 -21.15
CA PHE A 141 41.78 -0.78 -19.99
C PHE A 141 40.38 -0.36 -20.37
N PHE A 142 39.58 -0.06 -19.33
CA PHE A 142 38.23 0.50 -19.51
C PHE A 142 38.33 1.73 -20.40
N SER A 143 37.52 1.80 -21.46
CA SER A 143 37.60 2.91 -22.43
C SER A 143 37.38 4.30 -21.84
N ARG A 144 36.53 4.40 -20.82
CA ARG A 144 36.16 5.69 -20.22
C ARG A 144 37.01 6.11 -19.03
N LEU A 145 37.99 5.29 -18.67
CA LEU A 145 38.88 5.59 -17.58
C LEU A 145 40.32 5.68 -18.05
N ASN A 146 41.11 6.46 -17.32
CA ASN A 146 42.47 6.78 -17.69
C ASN A 146 43.36 6.45 -16.51
N TRP A 147 44.11 5.36 -16.63
CA TRP A 147 44.95 4.87 -15.53
C TRP A 147 46.26 5.65 -15.55
N LEU A 148 46.43 6.48 -14.53
CA LEU A 148 47.59 7.34 -14.38
C LEU A 148 48.63 6.67 -13.50
N THR A 149 49.89 6.73 -13.92
CA THR A 149 51.02 6.21 -13.15
C THR A 149 52.17 7.21 -13.27
N LYS A 150 53.25 6.95 -12.53
CA LYS A 150 54.38 7.86 -12.51
C LYS A 150 54.97 8.11 -13.91
N SER A 151 55.55 9.30 -14.08
CA SER A 151 56.37 9.65 -15.22
C SER A 151 57.79 9.83 -14.70
N GLY A 152 58.74 9.13 -15.32
CA GLY A 152 60.10 9.06 -14.80
C GLY A 152 60.10 8.39 -13.44
N SER A 153 60.50 9.13 -12.40
CA SER A 153 60.56 8.61 -11.04
C SER A 153 59.67 9.40 -10.04
N THR A 154 58.71 10.18 -10.56
CA THR A 154 57.87 11.05 -9.74
C THR A 154 56.41 10.95 -10.15
N TYR A 155 55.53 11.12 -9.15
CA TYR A 155 54.09 11.28 -9.34
C TYR A 155 53.74 12.51 -8.53
N PRO A 156 53.60 13.69 -9.18
CA PRO A 156 53.31 14.89 -8.39
C PRO A 156 51.86 14.95 -7.90
N VAL A 157 51.54 15.97 -7.13
CA VAL A 157 50.15 16.22 -6.72
C VAL A 157 49.39 16.61 -7.98
N LEU A 158 48.38 15.83 -8.35
CA LEU A 158 47.52 16.21 -9.46
C LEU A 158 46.44 17.08 -8.90
N ASN A 159 46.17 18.20 -9.57
CA ASN A 159 45.17 19.14 -9.14
C ASN A 159 44.52 19.77 -10.35
N VAL A 160 43.32 19.31 -10.71
CA VAL A 160 42.64 19.77 -11.94
C VAL A 160 41.19 20.14 -11.69
N THR A 161 40.70 21.03 -12.54
CA THR A 161 39.33 21.51 -12.48
C THR A 161 38.67 21.38 -13.86
N MET A 162 37.37 21.11 -13.85
CA MET A 162 36.56 21.10 -15.05
C MET A 162 35.22 21.72 -14.68
N PRO A 163 34.97 22.97 -15.14
CA PRO A 163 33.70 23.58 -14.82
C PRO A 163 32.58 23.06 -15.72
N ASN A 164 31.37 23.07 -15.19
CA ASN A 164 30.19 22.76 -15.98
C ASN A 164 29.56 24.08 -16.40
N ASN A 165 29.83 24.47 -17.63
CA ASN A 165 29.24 25.64 -18.24
C ASN A 165 28.14 25.29 -19.23
N ASP A 166 27.70 24.04 -19.22
CA ASP A 166 26.53 23.62 -19.98
C ASP A 166 25.27 23.85 -19.15
N ASN A 167 24.12 23.58 -19.76
CA ASN A 167 22.83 23.68 -19.07
C ASN A 167 22.22 22.32 -18.68
N PHE A 168 23.06 21.29 -18.61
CA PHE A 168 22.62 19.94 -18.20
C PHE A 168 23.57 19.43 -17.13
N ASP A 169 23.18 18.37 -16.43
CA ASP A 169 24.05 17.73 -15.43
C ASP A 169 25.08 16.83 -16.09
N LYS A 170 26.27 16.80 -15.51
CA LYS A 170 27.33 15.90 -15.94
C LYS A 170 27.51 14.77 -14.93
N LEU A 171 27.64 13.53 -15.41
CA LEU A 171 27.97 12.37 -14.56
C LEU A 171 29.42 11.97 -14.83
N TYR A 172 30.25 12.05 -13.81
CA TYR A 172 31.65 11.65 -13.90
C TYR A 172 31.84 10.33 -13.18
N ILE A 173 32.42 9.38 -13.91
CA ILE A 173 32.80 8.09 -13.36
C ILE A 173 34.32 8.11 -13.20
N TRP A 174 34.78 7.74 -12.01
CA TRP A 174 36.19 7.70 -11.70
C TRP A 174 36.46 6.58 -10.72
N GLY A 175 37.73 6.37 -10.39
CA GLY A 175 38.07 5.28 -9.50
C GLY A 175 39.36 5.46 -8.76
N VAL A 176 39.62 4.46 -7.92
CA VAL A 176 40.80 4.40 -7.06
C VAL A 176 41.38 3.00 -7.16
N HIS A 177 42.69 2.93 -7.39
CA HIS A 177 43.37 1.65 -7.49
C HIS A 177 43.87 1.19 -6.12
N HIS A 178 43.64 -0.07 -5.81
CA HIS A 178 44.06 -0.71 -4.56
C HIS A 178 45.13 -1.74 -4.88
N PRO A 179 46.43 -1.41 -4.68
CA PRO A 179 47.47 -2.40 -4.92
C PRO A 179 47.48 -3.56 -3.91
N SER A 180 48.01 -4.71 -4.33
CA SER A 180 48.16 -5.85 -3.44
C SER A 180 49.31 -5.73 -2.46
N THR A 181 50.38 -5.04 -2.87
CA THR A 181 51.63 -4.93 -2.11
C THR A 181 52.17 -3.49 -2.08
N ASN A 182 52.98 -3.19 -1.07
CA ASN A 182 53.66 -1.90 -0.95
C ASN A 182 54.62 -1.67 -2.11
N GLN A 183 55.24 -2.76 -2.56
CA GLN A 183 56.10 -2.74 -3.74
C GLN A 183 55.35 -2.18 -4.97
N GLU A 184 54.16 -2.71 -5.22
CA GLU A 184 53.30 -2.28 -6.33
C GLU A 184 52.89 -0.81 -6.21
N GLN A 185 52.44 -0.43 -5.01
CA GLN A 185 52.10 0.96 -4.69
C GLN A 185 53.23 1.93 -5.08
N THR A 186 54.44 1.67 -4.60
CA THR A 186 55.55 2.60 -4.80
C THR A 186 56.05 2.53 -6.24
N SER A 187 56.06 1.33 -6.82
CA SER A 187 56.41 1.14 -8.24
C SER A 187 55.56 2.00 -9.17
N LEU A 188 54.24 1.96 -8.96
CA LEU A 188 53.30 2.67 -9.82
C LEU A 188 53.14 4.16 -9.47
N TYR A 189 53.08 4.50 -8.18
CA TYR A 189 52.69 5.86 -7.74
C TYR A 189 53.70 6.61 -6.89
N VAL A 190 54.87 6.00 -6.64
CA VAL A 190 55.99 6.61 -5.86
C VAL A 190 55.68 6.78 -4.38
N GLN A 191 54.68 7.61 -4.07
CA GLN A 191 54.23 7.82 -2.69
C GLN A 191 53.79 6.49 -2.08
N ALA A 192 54.12 6.30 -0.80
CA ALA A 192 53.82 5.07 -0.06
C ALA A 192 52.33 4.89 0.19
N SER A 193 51.60 5.98 0.31
CA SER A 193 50.15 5.95 0.43
C SER A 193 49.55 7.02 -0.49
N GLY A 194 48.66 6.58 -1.38
CA GLY A 194 47.95 7.49 -2.27
C GLY A 194 46.72 8.10 -1.63
N ARG A 195 45.97 8.83 -2.43
CA ARG A 195 44.83 9.61 -1.95
C ARG A 195 44.08 10.17 -3.14
N VAL A 196 42.76 10.03 -3.15
CA VAL A 196 41.93 10.64 -4.20
C VAL A 196 40.80 11.44 -3.57
N THR A 197 40.77 12.73 -3.91
CA THR A 197 39.73 13.65 -3.46
C THR A 197 39.06 14.28 -4.68
N VAL A 198 37.76 14.04 -4.81
CA VAL A 198 36.94 14.57 -5.88
C VAL A 198 35.81 15.39 -5.27
N SER A 199 35.67 16.64 -5.72
CA SER A 199 34.75 17.57 -5.07
C SER A 199 34.08 18.53 -6.03
N THR A 200 32.93 19.02 -5.59
CA THR A 200 32.22 20.13 -6.19
C THR A 200 32.14 21.23 -5.11
N ARG A 201 31.39 22.30 -5.38
CA ARG A 201 31.07 23.31 -4.38
C ARG A 201 30.19 22.71 -3.29
N ARG A 202 29.33 21.76 -3.66
CA ARG A 202 28.31 21.17 -2.81
C ARG A 202 28.75 19.90 -2.07
N SER A 203 29.69 19.16 -2.61
CA SER A 203 30.07 17.87 -2.05
C SER A 203 31.56 17.57 -2.18
N GLN A 204 32.00 16.56 -1.43
CA GLN A 204 33.35 16.04 -1.54
C GLN A 204 33.37 14.57 -1.18
N GLN A 205 34.22 13.82 -1.87
CA GLN A 205 34.50 12.43 -1.56
C GLN A 205 36.01 12.31 -1.46
N THR A 206 36.52 11.73 -0.36
CA THR A 206 37.95 11.37 -0.30
C THR A 206 38.12 9.89 0.02
N ILE A 207 38.94 9.23 -0.79
CA ILE A 207 39.14 7.80 -0.70
C ILE A 207 40.64 7.59 -0.49
N ILE A 208 40.99 6.79 0.50
CA ILE A 208 42.37 6.34 0.75
C ILE A 208 42.45 4.94 0.17
N PRO A 209 43.48 4.65 -0.65
CA PRO A 209 43.63 3.27 -1.09
C PRO A 209 44.05 2.37 0.07
N ASN A 210 43.54 1.16 0.02
CA ASN A 210 43.99 0.09 0.88
C ASN A 210 44.88 -0.90 0.15
N ILE A 211 46.03 -1.17 0.75
CA ILE A 211 47.02 -2.06 0.18
C ILE A 211 46.85 -3.43 0.80
N GLY A 212 46.81 -4.47 -0.03
CA GLY A 212 46.59 -5.83 0.44
C GLY A 212 46.09 -6.75 -0.65
N SER A 213 46.33 -8.04 -0.48
CA SER A 213 45.83 -9.02 -1.43
C SER A 213 44.32 -9.20 -1.28
N ARG A 214 43.69 -9.32 -2.44
CA ARG A 214 42.35 -9.83 -2.57
C ARG A 214 42.51 -11.13 -3.36
N PRO A 215 41.42 -11.91 -3.52
CA PRO A 215 41.59 -13.12 -4.34
C PRO A 215 41.94 -12.78 -5.79
N TRP A 216 42.71 -13.66 -6.39
CA TRP A 216 43.19 -13.49 -7.75
C TRP A 216 42.00 -13.59 -8.72
N VAL A 217 41.79 -12.54 -9.52
CA VAL A 217 40.73 -12.48 -10.53
C VAL A 217 41.33 -11.92 -11.81
N ARG A 218 41.21 -12.66 -12.91
CA ARG A 218 41.70 -12.23 -14.22
C ARG A 218 43.09 -11.58 -14.11
N GLN A 219 44.01 -12.32 -13.49
CA GLN A 219 45.44 -11.94 -13.35
C GLN A 219 45.89 -11.02 -12.23
N ALA A 220 44.97 -10.44 -11.47
CA ALA A 220 45.36 -9.47 -10.44
C ALA A 220 44.77 -9.88 -9.09
N SER A 221 45.58 -9.70 -8.04
CA SER A 221 45.09 -9.66 -6.67
C SER A 221 44.74 -8.21 -6.30
N SER A 222 45.03 -7.24 -7.17
CA SER A 222 44.62 -5.84 -6.97
C SER A 222 43.17 -5.60 -7.37
N ARG A 223 42.68 -4.42 -7.04
CA ARG A 223 41.31 -3.99 -7.38
C ARG A 223 41.24 -2.51 -7.70
N ILE A 224 40.21 -2.14 -8.47
CA ILE A 224 39.83 -0.77 -8.63
C ILE A 224 38.44 -0.60 -8.01
N SER A 225 38.25 0.49 -7.27
CA SER A 225 36.92 0.81 -6.76
C SER A 225 36.39 1.98 -7.53
N ILE A 226 35.14 1.88 -7.97
CA ILE A 226 34.50 2.87 -8.82
C ILE A 226 33.57 3.80 -8.02
N TYR A 227 33.70 5.09 -8.29
CA TYR A 227 32.87 6.14 -7.70
C TYR A 227 32.30 7.00 -8.78
N TRP A 228 31.31 7.80 -8.39
CA TRP A 228 30.68 8.74 -9.30
C TRP A 228 30.39 10.08 -8.61
N THR A 229 30.36 11.14 -9.42
CA THR A 229 30.10 12.50 -8.97
C THR A 229 29.28 13.18 -10.05
N ILE A 230 28.15 13.75 -9.66
CA ILE A 230 27.33 14.55 -10.56
C ILE A 230 27.67 16.03 -10.36
N VAL A 231 27.85 16.76 -11.47
CA VAL A 231 28.16 18.19 -11.42
C VAL A 231 27.04 18.96 -12.11
N LYS A 232 26.38 19.84 -11.36
CA LYS A 232 25.23 20.60 -11.84
C LYS A 232 25.71 21.82 -12.63
N PRO A 233 24.84 22.40 -13.48
CA PRO A 233 25.19 23.62 -14.21
C PRO A 233 25.66 24.72 -13.28
N GLY A 234 26.78 25.34 -13.60
CA GLY A 234 27.35 26.42 -12.82
C GLY A 234 28.27 25.97 -11.70
N ASP A 235 28.36 24.65 -11.47
CA ASP A 235 29.24 24.11 -10.45
C ASP A 235 30.54 23.69 -11.13
N VAL A 236 31.48 23.14 -10.39
CA VAL A 236 32.81 22.82 -10.89
C VAL A 236 33.30 21.53 -10.25
N LEU A 237 33.94 20.69 -11.04
CA LEU A 237 34.58 19.46 -10.56
C LEU A 237 36.01 19.78 -10.24
N VAL A 238 36.51 19.36 -9.09
CA VAL A 238 37.94 19.40 -8.80
C VAL A 238 38.37 17.99 -8.44
N ILE A 239 39.51 17.59 -8.96
CA ILE A 239 40.11 16.28 -8.68
C ILE A 239 41.52 16.53 -8.17
N ASN A 240 41.82 15.99 -7.00
CA ASN A 240 43.09 16.18 -6.34
C ASN A 240 43.61 14.82 -5.88
N SER A 241 44.84 14.50 -6.25
CA SER A 241 45.39 13.17 -5.95
C SER A 241 46.91 13.16 -5.95
N ASN A 242 47.50 12.44 -5.00
CA ASN A 242 48.94 12.20 -4.99
C ASN A 242 49.27 10.72 -5.26
N GLY A 243 48.35 10.02 -5.92
CA GLY A 243 48.53 8.63 -6.24
C GLY A 243 47.21 7.87 -6.29
N ASN A 244 47.18 6.84 -7.13
CA ASN A 244 46.11 5.82 -7.20
C ASN A 244 44.85 6.25 -7.92
N LEU A 245 44.86 7.44 -8.52
CA LEU A 245 43.72 7.94 -9.25
C LEU A 245 43.55 7.15 -10.53
N ILE A 246 42.32 6.66 -10.73
CA ILE A 246 41.84 6.19 -12.02
C ILE A 246 40.92 7.30 -12.53
N ALA A 247 41.46 8.11 -13.45
CA ALA A 247 40.85 9.37 -13.82
C ALA A 247 39.72 9.22 -14.82
N PRO A 248 38.73 10.13 -14.78
CA PRO A 248 37.72 10.17 -15.83
C PRO A 248 38.30 10.76 -17.10
N ARG A 249 37.79 10.35 -18.25
CA ARG A 249 38.16 10.97 -19.54
C ARG A 249 37.17 12.03 -20.00
N GLY A 250 36.13 12.25 -19.21
CA GLY A 250 35.02 13.10 -19.58
C GLY A 250 33.83 12.75 -18.72
N TYR A 251 32.64 13.06 -19.24
CA TYR A 251 31.39 12.82 -18.50
C TYR A 251 30.36 12.16 -19.38
N PHE A 252 29.39 11.56 -18.70
CA PHE A 252 28.19 11.03 -19.32
C PHE A 252 27.09 12.06 -19.19
N LYS A 253 26.34 12.22 -20.27
CA LYS A 253 25.21 13.12 -20.26
C LYS A 253 24.07 12.38 -19.55
N MET A 254 23.33 13.08 -18.71
CA MET A 254 22.20 12.49 -18.01
C MET A 254 20.89 12.99 -18.54
N ARG A 255 19.89 12.10 -18.56
CA ARG A 255 18.50 12.46 -18.90
C ARG A 255 17.55 11.99 -17.81
N THR A 256 16.33 12.47 -17.89
CA THR A 256 15.23 11.90 -17.12
C THR A 256 14.21 11.46 -18.17
N GLY A 257 13.42 10.48 -17.82
CA GLY A 257 12.44 9.89 -18.73
C GLY A 257 12.03 8.51 -18.27
N LYS A 258 11.61 7.68 -19.23
CA LYS A 258 10.99 6.38 -18.99
C LYS A 258 11.95 5.18 -18.98
N SER A 259 13.25 5.42 -18.98
CA SER A 259 14.19 4.33 -19.14
C SER A 259 14.33 3.48 -17.87
N SER A 260 14.59 2.19 -18.04
CA SER A 260 14.85 1.29 -16.93
C SER A 260 15.76 0.15 -17.35
N ILE A 261 15.87 -0.85 -16.49
CA ILE A 261 16.69 -2.02 -16.71
C ILE A 261 15.95 -3.23 -16.16
N MET A 262 16.19 -4.40 -16.77
CA MET A 262 15.54 -5.63 -16.39
C MET A 262 16.50 -6.79 -16.59
N ARG A 263 16.50 -7.73 -15.63
CA ARG A 263 17.23 -9.00 -15.72
C ARG A 263 16.32 -10.02 -16.38
N SER A 264 16.73 -10.55 -17.52
CA SER A 264 15.93 -11.54 -18.26
C SER A 264 16.77 -12.30 -19.26
N ASP A 265 16.40 -13.56 -19.47
CA ASP A 265 17.01 -14.37 -20.51
C ASP A 265 16.06 -14.65 -21.68
N ALA A 266 14.93 -13.97 -21.72
CA ALA A 266 13.99 -14.14 -22.82
C ALA A 266 14.58 -13.58 -24.11
N PRO A 267 14.45 -14.31 -25.23
CA PRO A 267 14.94 -13.75 -26.49
C PRO A 267 14.10 -12.55 -26.94
N ILE A 268 14.71 -11.64 -27.69
CA ILE A 268 14.00 -10.49 -28.27
C ILE A 268 13.51 -10.88 -29.65
N ASP A 269 12.28 -10.47 -29.96
CA ASP A 269 11.59 -10.85 -31.19
C ASP A 269 10.95 -9.62 -31.83
N THR A 270 10.63 -9.72 -33.12
CA THR A 270 9.93 -8.66 -33.83
C THR A 270 8.41 -8.79 -33.62
N CYS A 271 7.88 -7.92 -32.78
CA CYS A 271 6.45 -7.88 -32.46
C CYS A 271 6.18 -6.60 -31.67
N ILE A 272 4.92 -6.34 -31.34
CA ILE A 272 4.50 -5.16 -30.62
C ILE A 272 3.83 -5.59 -29.32
N SER A 273 4.40 -5.18 -28.19
CA SER A 273 3.75 -5.33 -26.89
C SER A 273 4.14 -4.23 -25.92
N GLU A 274 3.13 -3.54 -25.39
CA GLU A 274 3.35 -2.48 -24.41
C GLU A 274 3.99 -3.00 -23.13
N CYS A 275 3.58 -4.19 -22.68
CA CYS A 275 4.01 -4.72 -21.39
C CYS A 275 5.11 -5.77 -21.52
N ILE A 276 6.18 -5.59 -20.73
CA ILE A 276 7.32 -6.50 -20.72
C ILE A 276 7.54 -7.06 -19.30
N THR A 277 7.79 -8.36 -19.24
CA THR A 277 8.21 -9.02 -18.01
C THR A 277 9.46 -9.79 -18.31
N PRO A 278 10.18 -10.24 -17.25
CA PRO A 278 11.35 -11.09 -17.47
C PRO A 278 11.05 -12.42 -18.18
N ASN A 279 9.81 -12.90 -18.05
CA ASN A 279 9.35 -14.10 -18.75
C ASN A 279 9.09 -13.87 -20.23
N GLY A 280 9.03 -12.59 -20.63
CA GLY A 280 8.60 -12.20 -21.95
C GLY A 280 7.50 -11.17 -21.86
N SER A 281 7.14 -10.65 -23.03
CA SER A 281 6.04 -9.73 -23.17
C SER A 281 4.74 -10.42 -22.80
N ILE A 282 3.79 -9.66 -22.27
CA ILE A 282 2.45 -10.15 -22.03
C ILE A 282 1.43 -9.16 -22.57
N PRO A 283 0.26 -9.66 -22.99
CA PRO A 283 -0.81 -8.73 -23.37
C PRO A 283 -1.27 -7.92 -22.17
N ASN A 284 -1.85 -6.76 -22.44
CA ASN A 284 -2.36 -5.87 -21.39
C ASN A 284 -3.87 -5.56 -21.50
N ASP A 285 -4.62 -6.43 -22.17
CA ASP A 285 -6.09 -6.28 -22.20
C ASP A 285 -6.74 -6.57 -20.82
N LYS A 286 -6.14 -7.45 -20.02
CA LYS A 286 -6.69 -7.78 -18.70
C LYS A 286 -6.14 -6.84 -17.60
N PRO A 287 -6.93 -6.57 -16.55
CA PRO A 287 -6.49 -5.64 -15.51
C PRO A 287 -5.46 -6.23 -14.55
N PHE A 288 -5.43 -7.55 -14.42
CA PHE A 288 -4.49 -8.22 -13.53
C PHE A 288 -3.59 -9.22 -14.27
N GLN A 289 -2.47 -9.54 -13.64
CA GLN A 289 -1.56 -10.54 -14.16
C GLN A 289 -0.83 -11.26 -13.04
N ASN A 290 -0.46 -12.50 -13.32
CA ASN A 290 0.18 -13.42 -12.36
C ASN A 290 1.49 -13.93 -12.92
N VAL A 291 2.01 -13.28 -13.95
CA VAL A 291 3.20 -13.77 -14.65
C VAL A 291 4.44 -13.39 -13.85
N ASN A 292 4.57 -12.12 -13.47
CA ASN A 292 5.73 -11.67 -12.76
C ASN A 292 5.48 -10.31 -12.15
N LYS A 293 5.92 -10.16 -10.91
CA LYS A 293 5.80 -8.88 -10.23
C LYS A 293 6.75 -7.81 -10.82
N ILE A 294 7.80 -8.25 -11.52
CA ILE A 294 8.67 -7.38 -12.26
C ILE A 294 8.02 -7.12 -13.62
N THR A 295 7.67 -5.86 -13.87
CA THR A 295 7.14 -5.46 -15.16
C THR A 295 7.70 -4.11 -15.59
N TYR A 296 7.56 -3.84 -16.88
CA TYR A 296 7.91 -2.56 -17.51
C TYR A 296 6.85 -2.24 -18.57
N GLY A 297 6.30 -1.03 -18.52
CA GLY A 297 5.35 -0.55 -19.50
C GLY A 297 3.92 -0.53 -19.00
N ALA A 298 2.98 -0.37 -19.94
CA ALA A 298 1.57 -0.39 -19.64
C ALA A 298 1.18 -1.84 -19.37
N CYS A 299 1.10 -2.20 -18.09
CA CYS A 299 0.96 -3.58 -17.65
C CYS A 299 -0.22 -3.79 -16.73
N PRO A 300 -0.84 -4.99 -16.80
CA PRO A 300 -1.78 -5.36 -15.75
C PRO A 300 -1.06 -5.39 -14.42
N LYS A 301 -1.80 -5.19 -13.34
CA LYS A 301 -1.24 -5.18 -12.00
C LYS A 301 -1.01 -6.61 -11.52
N TYR A 302 0.13 -6.84 -10.87
CA TYR A 302 0.44 -8.18 -10.36
C TYR A 302 -0.45 -8.55 -9.16
N VAL A 303 -1.05 -9.74 -9.23
CA VAL A 303 -1.82 -10.33 -8.14
C VAL A 303 -1.39 -11.79 -7.94
N LYS A 304 -1.73 -12.34 -6.79
CA LYS A 304 -1.33 -13.72 -6.47
C LYS A 304 -2.24 -14.76 -7.10
N GLN A 305 -3.49 -14.41 -7.41
CA GLN A 305 -4.43 -15.35 -8.00
C GLN A 305 -4.00 -15.65 -9.42
N ASN A 306 -4.10 -16.92 -9.82
CA ASN A 306 -3.82 -17.29 -11.23
C ASN A 306 -5.08 -17.26 -12.13
N THR A 307 -6.25 -17.11 -11.52
CA THR A 307 -7.48 -16.92 -12.28
C THR A 307 -8.49 -16.11 -11.47
N LEU A 308 -9.19 -15.21 -12.13
CA LEU A 308 -10.34 -14.52 -11.59
C LEU A 308 -11.35 -14.29 -12.71
N LYS A 309 -12.53 -14.88 -12.56
CA LYS A 309 -13.58 -14.83 -13.58
C LYS A 309 -14.58 -13.72 -13.32
N LEU A 310 -14.76 -12.84 -14.31
CA LEU A 310 -15.80 -11.84 -14.26
C LEU A 310 -16.98 -12.39 -15.05
N ALA A 311 -18.12 -12.52 -14.38
CA ALA A 311 -19.33 -13.00 -15.00
C ALA A 311 -19.74 -12.05 -16.10
N THR A 312 -20.02 -12.61 -17.28
CA THR A 312 -20.51 -11.85 -18.43
C THR A 312 -21.90 -12.30 -18.84
N GLY A 313 -22.60 -12.97 -17.92
CA GLY A 313 -23.94 -13.43 -18.17
C GLY A 313 -24.68 -13.76 -16.90
N MET A 314 -25.96 -14.06 -17.07
CA MET A 314 -26.83 -14.43 -15.96
C MET A 314 -26.49 -15.79 -15.36
N ARG A 315 -27.12 -16.07 -14.24
CA ARG A 315 -27.14 -17.39 -13.62
C ARG A 315 -27.63 -18.47 -14.60
N ASN A 316 -26.86 -19.56 -14.72
CA ASN A 316 -27.20 -20.63 -15.65
C ASN A 316 -28.01 -21.72 -14.92
N VAL A 317 -29.25 -21.88 -15.35
CA VAL A 317 -30.19 -22.85 -14.77
C VAL A 317 -30.65 -23.75 -15.91
N PRO A 318 -29.92 -24.85 -16.18
CA PRO A 318 -30.23 -25.66 -17.36
C PRO A 318 -31.50 -26.51 -17.23
N GLU A 319 -31.90 -27.15 -18.34
CA GLU A 319 -33.22 -27.81 -18.51
C GLU A 319 -33.63 -28.76 -17.35
N GLY B 1 -30.97 -14.70 -6.95
CA GLY B 1 -30.89 -13.22 -7.04
C GLY B 1 -31.93 -12.47 -6.21
N LEU B 2 -31.74 -11.16 -6.09
CA LEU B 2 -32.59 -10.32 -5.26
C LEU B 2 -34.05 -10.25 -5.69
N PHE B 3 -34.32 -10.46 -6.98
CA PHE B 3 -35.68 -10.38 -7.52
C PHE B 3 -36.42 -11.72 -7.57
N GLY B 4 -35.69 -12.83 -7.47
CA GLY B 4 -36.29 -14.14 -7.35
C GLY B 4 -36.98 -14.67 -8.60
N ALA B 5 -36.59 -14.17 -9.78
CA ALA B 5 -37.12 -14.69 -11.05
C ALA B 5 -36.21 -15.80 -11.55
N ILE B 6 -34.99 -15.43 -11.93
CA ILE B 6 -34.02 -16.38 -12.45
C ILE B 6 -33.57 -17.26 -11.28
N ALA B 7 -33.64 -18.57 -11.48
CA ALA B 7 -33.48 -19.55 -10.40
C ALA B 7 -34.44 -19.28 -9.25
N GLY B 8 -35.62 -18.76 -9.57
CA GLY B 8 -36.66 -18.47 -8.59
C GLY B 8 -38.00 -18.97 -9.09
N PHE B 9 -38.94 -18.05 -9.36
CA PHE B 9 -40.27 -18.45 -9.84
C PHE B 9 -40.28 -18.96 -11.29
N ILE B 10 -39.30 -18.54 -12.09
CA ILE B 10 -39.01 -19.19 -13.36
C ILE B 10 -38.09 -20.37 -13.03
N GLU B 11 -38.60 -21.57 -13.25
CA GLU B 11 -37.95 -22.80 -12.79
C GLU B 11 -36.59 -23.06 -13.42
N ASN B 12 -36.49 -22.80 -14.71
CA ASN B 12 -35.23 -22.94 -15.40
C ASN B 12 -35.15 -22.11 -16.67
N GLY B 13 -33.96 -22.10 -17.26
CA GLY B 13 -33.71 -21.45 -18.52
C GLY B 13 -34.00 -22.32 -19.72
N TRP B 14 -33.90 -21.69 -20.89
CA TRP B 14 -34.20 -22.31 -22.16
C TRP B 14 -32.92 -22.44 -22.98
N GLU B 15 -32.37 -23.65 -23.06
CA GLU B 15 -31.22 -23.92 -23.93
C GLU B 15 -31.53 -23.66 -25.41
N GLY B 16 -32.78 -23.89 -25.78
CA GLY B 16 -33.27 -23.63 -27.13
C GLY B 16 -33.19 -22.18 -27.60
N MET B 17 -33.35 -21.22 -26.68
CA MET B 17 -33.31 -19.80 -27.05
C MET B 17 -31.87 -19.32 -27.28
N ILE B 18 -31.51 -19.25 -28.56
CA ILE B 18 -30.14 -18.92 -28.98
C ILE B 18 -30.01 -17.53 -29.60
N ASP B 19 -31.14 -16.85 -29.82
CA ASP B 19 -31.16 -15.53 -30.48
C ASP B 19 -31.43 -14.38 -29.50
N GLY B 20 -31.44 -14.69 -28.21
CA GLY B 20 -31.61 -13.68 -27.16
C GLY B 20 -31.43 -14.25 -25.77
N TRP B 21 -31.42 -13.35 -24.79
CA TRP B 21 -31.20 -13.66 -23.37
C TRP B 21 -32.50 -13.86 -22.61
N TYR B 22 -33.53 -13.10 -23.00
CA TYR B 22 -34.87 -13.21 -22.45
C TYR B 22 -35.88 -13.30 -23.58
N GLY B 23 -37.03 -13.91 -23.30
CA GLY B 23 -38.10 -13.93 -24.29
C GLY B 23 -39.36 -14.69 -23.93
N PHE B 24 -40.09 -15.08 -24.98
CA PHE B 24 -41.46 -15.54 -24.89
C PHE B 24 -41.61 -16.97 -25.45
N ARG B 25 -42.40 -17.78 -24.74
CA ARG B 25 -42.96 -19.01 -25.31
C ARG B 25 -44.47 -18.99 -25.17
N HIS B 26 -45.16 -19.44 -26.21
CA HIS B 26 -46.62 -19.44 -26.21
C HIS B 26 -47.22 -20.77 -26.63
N GLN B 27 -48.45 -21.00 -26.19
CA GLN B 27 -49.33 -21.96 -26.82
C GLN B 27 -50.69 -21.29 -27.08
N ASN B 28 -51.17 -21.39 -28.33
CA ASN B 28 -52.48 -20.89 -28.72
C ASN B 28 -53.18 -21.91 -29.64
N SER B 29 -54.27 -21.52 -30.30
CA SER B 29 -54.95 -22.40 -31.28
C SER B 29 -54.03 -22.86 -32.41
N GLU B 30 -53.22 -21.94 -32.95
CA GLU B 30 -52.34 -22.24 -34.09
C GLU B 30 -51.05 -23.04 -33.80
N GLY B 31 -50.79 -23.36 -32.52
CA GLY B 31 -49.63 -24.17 -32.13
C GLY B 31 -48.74 -23.48 -31.11
N THR B 32 -47.47 -23.88 -31.06
CA THR B 32 -46.49 -23.29 -30.14
C THR B 32 -45.35 -22.61 -30.88
N GLY B 33 -44.69 -21.69 -30.18
CA GLY B 33 -43.59 -20.92 -30.74
C GLY B 33 -42.73 -20.26 -29.68
N GLN B 34 -41.65 -19.64 -30.15
CA GLN B 34 -40.66 -19.03 -29.28
C GLN B 34 -40.04 -17.82 -29.95
N ALA B 35 -39.95 -16.70 -29.21
CA ALA B 35 -39.31 -15.49 -29.71
C ALA B 35 -38.51 -14.78 -28.62
N ALA B 36 -37.31 -14.33 -28.97
CA ALA B 36 -36.47 -13.54 -28.07
C ALA B 36 -37.03 -12.13 -27.96
N ASP B 37 -36.96 -11.55 -26.76
CA ASP B 37 -37.22 -10.13 -26.55
C ASP B 37 -35.89 -9.37 -26.67
N LEU B 38 -35.84 -8.42 -27.58
CA LEU B 38 -34.58 -7.76 -27.93
C LEU B 38 -34.23 -6.64 -26.94
N LYS B 39 -35.23 -5.94 -26.41
CA LYS B 39 -35.01 -4.76 -25.59
C LYS B 39 -34.49 -5.13 -24.18
N SER B 40 -35.05 -6.18 -23.59
CA SER B 40 -34.53 -6.73 -22.33
C SER B 40 -33.13 -7.31 -22.50
N THR B 41 -32.95 -8.10 -23.54
CA THR B 41 -31.66 -8.69 -23.86
C THR B 41 -30.59 -7.60 -23.98
N GLN B 42 -30.89 -6.54 -24.73
CA GLN B 42 -29.93 -5.46 -24.97
C GLN B 42 -29.65 -4.64 -23.71
N ALA B 43 -30.69 -4.40 -22.89
CA ALA B 43 -30.51 -3.71 -21.60
C ALA B 43 -29.49 -4.41 -20.69
N ALA B 44 -29.57 -5.74 -20.64
CA ALA B 44 -28.65 -6.55 -19.85
C ALA B 44 -27.25 -6.52 -20.43
N ILE B 45 -27.16 -6.76 -21.74
CA ILE B 45 -25.87 -6.79 -22.45
C ILE B 45 -25.19 -5.42 -22.35
N ASP B 46 -25.94 -4.34 -22.60
CA ASP B 46 -25.37 -2.98 -22.50
C ASP B 46 -24.77 -2.69 -21.12
N GLN B 47 -25.48 -3.10 -20.08
CA GLN B 47 -24.96 -2.93 -18.71
C GLN B 47 -23.71 -3.76 -18.43
N ILE B 48 -23.68 -4.98 -18.94
CA ILE B 48 -22.53 -5.86 -18.75
C ILE B 48 -21.33 -5.37 -19.56
N ASN B 49 -21.56 -4.91 -20.78
CA ASN B 49 -20.52 -4.26 -21.58
C ASN B 49 -19.95 -3.03 -20.88
N GLY B 50 -20.84 -2.23 -20.32
CA GLY B 50 -20.47 -1.07 -19.54
C GLY B 50 -19.49 -1.42 -18.44
N LYS B 51 -19.83 -2.39 -17.59
CA LYS B 51 -18.96 -2.77 -16.47
C LYS B 51 -17.67 -3.46 -16.94
N LEU B 52 -17.77 -4.28 -17.97
CA LEU B 52 -16.60 -4.89 -18.59
C LEU B 52 -15.60 -3.82 -19.04
N ASN B 53 -16.07 -2.81 -19.77
CA ASN B 53 -15.18 -1.75 -20.26
C ASN B 53 -14.58 -0.92 -19.13
N ARG B 54 -15.31 -0.72 -18.04
CA ARG B 54 -14.75 -0.04 -16.85
C ARG B 54 -13.63 -0.85 -16.20
N VAL B 55 -13.83 -2.15 -16.08
CA VAL B 55 -12.85 -3.06 -15.47
C VAL B 55 -11.58 -3.25 -16.33
N ILE B 56 -11.70 -3.39 -17.65
CA ILE B 56 -10.52 -3.63 -18.52
C ILE B 56 -9.89 -2.32 -19.03
N GLU B 57 -10.20 -1.22 -18.35
CA GLU B 57 -9.71 0.10 -18.68
C GLU B 57 -8.29 0.21 -18.16
N LYS B 58 -7.32 0.20 -19.06
CA LYS B 58 -5.90 0.35 -18.69
C LYS B 58 -5.71 1.63 -17.84
N THR B 59 -5.25 1.46 -16.60
CA THR B 59 -4.99 2.60 -15.69
C THR B 59 -3.51 2.85 -15.42
N ASN B 60 -2.66 1.81 -15.46
CA ASN B 60 -1.28 1.98 -15.01
C ASN B 60 -0.19 1.58 -16.02
N GLU B 61 0.77 2.49 -16.12
CA GLU B 61 1.96 2.36 -16.91
C GLU B 61 3.12 2.77 -15.99
N LYS B 62 4.05 1.85 -15.75
CA LYS B 62 5.18 2.06 -14.82
C LYS B 62 6.48 1.77 -15.53
N PHE B 63 7.52 2.52 -15.18
CA PHE B 63 8.80 2.42 -15.83
C PHE B 63 9.85 1.97 -14.82
N HIS B 64 10.79 2.84 -14.44
CA HIS B 64 11.77 2.46 -13.45
C HIS B 64 11.12 2.40 -12.06
N GLN B 65 11.33 1.28 -11.38
CA GLN B 65 10.69 1.00 -10.10
C GLN B 65 11.78 0.58 -9.12
N ILE B 66 11.48 -0.29 -8.17
CA ILE B 66 12.49 -0.87 -7.30
C ILE B 66 12.80 -2.29 -7.79
N GLU B 67 13.96 -2.79 -7.38
CA GLU B 67 14.30 -4.16 -7.61
C GLU B 67 13.42 -5.07 -6.72
N LYS B 68 13.10 -6.24 -7.24
CA LYS B 68 12.19 -7.19 -6.60
C LYS B 68 12.73 -8.58 -6.43
N GLU B 69 13.92 -8.87 -6.97
CA GLU B 69 14.65 -10.10 -6.75
C GLU B 69 16.09 -9.69 -6.45
N PHE B 70 16.76 -10.49 -5.65
CA PHE B 70 18.07 -10.12 -5.11
C PHE B 70 18.97 -11.35 -5.09
N SER B 71 20.20 -11.20 -5.55
CA SER B 71 21.13 -12.30 -5.63
C SER B 71 21.98 -12.44 -4.37
N GLU B 72 22.02 -11.41 -3.53
CA GLU B 72 22.79 -11.44 -2.27
C GLU B 72 21.91 -11.09 -1.06
N VAL B 73 22.29 -11.62 0.09
CA VAL B 73 21.70 -11.27 1.37
C VAL B 73 22.25 -9.91 1.78
N GLU B 74 21.36 -8.99 2.15
CA GLU B 74 21.77 -7.63 2.57
C GLU B 74 21.23 -7.15 3.91
N GLY B 75 20.06 -7.62 4.30
CA GLY B 75 19.47 -7.21 5.56
C GLY B 75 18.46 -6.09 5.37
N ARG B 76 18.61 -5.05 6.19
CA ARG B 76 17.57 -4.06 6.46
C ARG B 76 16.90 -3.44 5.22
N ILE B 77 17.72 -2.90 4.32
CA ILE B 77 17.19 -2.22 3.14
C ILE B 77 16.43 -3.20 2.24
N GLN B 78 16.99 -4.40 2.06
CA GLN B 78 16.34 -5.43 1.26
C GLN B 78 15.08 -5.93 1.93
N ASP B 79 15.10 -6.05 3.26
CA ASP B 79 13.89 -6.46 3.99
C ASP B 79 12.77 -5.49 3.65
N LEU B 80 13.11 -4.20 3.65
CA LEU B 80 12.11 -3.15 3.41
C LEU B 80 11.60 -3.19 1.97
N GLU B 81 12.52 -3.32 1.01
CA GLU B 81 12.14 -3.43 -0.40
C GLU B 81 11.17 -4.59 -0.64
N LYS B 82 11.47 -5.77 -0.09
CA LYS B 82 10.60 -6.94 -0.23
C LYS B 82 9.25 -6.73 0.43
N TYR B 83 9.29 -6.15 1.62
CA TYR B 83 8.07 -5.91 2.38
C TYR B 83 7.18 -4.91 1.67
N VAL B 84 7.77 -3.86 1.09
CA VAL B 84 7.00 -2.88 0.32
C VAL B 84 6.26 -3.59 -0.82
N GLU B 85 6.96 -4.41 -1.57
CA GLU B 85 6.37 -5.10 -2.72
C GLU B 85 5.31 -6.13 -2.30
N ASP B 86 5.65 -6.93 -1.30
CA ASP B 86 4.71 -7.92 -0.75
C ASP B 86 3.41 -7.24 -0.26
N THR B 87 3.54 -6.12 0.43
CA THR B 87 2.40 -5.35 0.94
C THR B 87 1.51 -4.89 -0.22
N LYS B 88 2.14 -4.35 -1.25
CA LYS B 88 1.46 -3.89 -2.43
C LYS B 88 0.70 -5.01 -3.12
N ILE B 89 1.38 -6.12 -3.33
CA ILE B 89 0.79 -7.26 -4.04
C ILE B 89 -0.44 -7.78 -3.28
N ASP B 90 -0.36 -7.83 -1.95
CA ASP B 90 -1.49 -8.32 -1.16
C ASP B 90 -2.67 -7.37 -1.25
N LEU B 91 -2.42 -6.08 -1.20
CA LEU B 91 -3.48 -5.09 -1.32
C LEU B 91 -4.15 -5.15 -2.70
N TRP B 92 -3.35 -5.29 -3.76
CA TRP B 92 -3.90 -5.45 -5.10
C TRP B 92 -4.65 -6.78 -5.24
N SER B 93 -4.10 -7.85 -4.67
CA SER B 93 -4.78 -9.16 -4.72
C SER B 93 -6.15 -9.09 -4.04
N TYR B 94 -6.21 -8.41 -2.90
CA TYR B 94 -7.47 -8.16 -2.22
C TYR B 94 -8.43 -7.33 -3.08
N ASN B 95 -7.94 -6.25 -3.66
CA ASN B 95 -8.78 -5.41 -4.52
C ASN B 95 -9.40 -6.23 -5.64
N ALA B 96 -8.61 -7.09 -6.24
CA ALA B 96 -9.06 -7.91 -7.36
C ALA B 96 -10.14 -8.92 -6.92
N GLU B 97 -9.94 -9.55 -5.77
CA GLU B 97 -10.88 -10.54 -5.22
C GLU B 97 -12.22 -9.86 -4.91
N LEU B 98 -12.15 -8.74 -4.21
CA LEU B 98 -13.35 -7.97 -3.90
C LEU B 98 -14.07 -7.50 -5.17
N LEU B 99 -13.31 -6.98 -6.12
CA LEU B 99 -13.90 -6.45 -7.34
C LEU B 99 -14.75 -7.51 -8.02
N VAL B 100 -14.18 -8.69 -8.27
CA VAL B 100 -14.94 -9.71 -8.99
C VAL B 100 -16.15 -10.18 -8.19
N ALA B 101 -15.99 -10.30 -6.86
CA ALA B 101 -17.10 -10.72 -6.01
C ALA B 101 -18.29 -9.74 -6.09
N LEU B 102 -18.00 -8.45 -5.95
CA LEU B 102 -19.04 -7.41 -6.05
C LEU B 102 -19.64 -7.33 -7.44
N GLU B 103 -18.77 -7.34 -8.45
CA GLU B 103 -19.22 -7.29 -9.85
C GLU B 103 -20.14 -8.44 -10.16
N ASN B 104 -19.78 -9.65 -9.74
CA ASN B 104 -20.53 -10.85 -10.11
C ASN B 104 -21.87 -10.96 -9.38
N GLN B 105 -21.89 -10.62 -8.09
CA GLN B 105 -23.16 -10.54 -7.35
C GLN B 105 -24.12 -9.55 -8.04
N HIS B 106 -23.59 -8.39 -8.43
CA HIS B 106 -24.36 -7.36 -9.10
C HIS B 106 -24.81 -7.80 -10.49
N THR B 107 -23.95 -8.50 -11.23
CA THR B 107 -24.31 -9.01 -12.57
C THR B 107 -25.46 -10.02 -12.49
N ILE B 108 -25.40 -10.92 -11.50
CA ILE B 108 -26.46 -11.88 -11.26
C ILE B 108 -27.77 -11.13 -10.90
N ASP B 109 -27.67 -10.16 -9.99
CA ASP B 109 -28.85 -9.40 -9.57
C ASP B 109 -29.44 -8.56 -10.69
N LEU B 110 -28.61 -7.98 -11.56
CA LEU B 110 -29.14 -7.12 -12.61
C LEU B 110 -29.78 -7.94 -13.74
N THR B 111 -29.25 -9.13 -14.02
CA THR B 111 -29.87 -10.00 -15.02
C THR B 111 -31.21 -10.56 -14.53
N ASP B 112 -31.24 -10.95 -13.24
CA ASP B 112 -32.48 -11.32 -12.52
C ASP B 112 -33.49 -10.17 -12.58
N SER B 113 -33.01 -8.95 -12.34
CA SER B 113 -33.83 -7.74 -12.42
C SER B 113 -34.47 -7.51 -13.79
N GLU B 114 -33.68 -7.69 -14.87
CA GLU B 114 -34.21 -7.44 -16.22
C GLU B 114 -35.28 -8.45 -16.62
N MET B 115 -35.11 -9.71 -16.19
CA MET B 115 -36.14 -10.74 -16.34
C MET B 115 -37.42 -10.28 -15.68
N ASN B 116 -37.28 -9.85 -14.41
CA ASN B 116 -38.41 -9.34 -13.65
C ASN B 116 -39.09 -8.12 -14.29
N LYS B 117 -38.29 -7.18 -14.80
CA LYS B 117 -38.83 -6.01 -15.51
C LYS B 117 -39.69 -6.42 -16.70
N LEU B 118 -39.19 -7.36 -17.49
CA LEU B 118 -39.93 -7.85 -18.66
C LEU B 118 -41.23 -8.53 -18.24
N PHE B 119 -41.15 -9.33 -17.17
CA PHE B 119 -42.33 -10.00 -16.65
C PHE B 119 -43.41 -9.03 -16.16
N GLU B 120 -43.01 -8.01 -15.40
CA GLU B 120 -43.96 -7.02 -14.86
C GLU B 120 -44.57 -6.14 -15.96
N LYS B 121 -43.78 -5.85 -16.99
CA LYS B 121 -44.21 -5.07 -18.17
C LYS B 121 -45.28 -5.80 -18.97
N THR B 122 -45.06 -7.10 -19.18
CA THR B 122 -46.01 -7.97 -19.88
C THR B 122 -47.30 -8.08 -19.08
N GLY B 123 -47.17 -8.37 -17.78
CA GLY B 123 -48.31 -8.38 -16.85
C GLY B 123 -49.16 -7.13 -16.97
N ARG B 124 -48.52 -5.97 -16.94
CA ARG B 124 -49.23 -4.69 -17.09
C ARG B 124 -49.91 -4.51 -18.43
N GLN B 125 -49.23 -4.97 -19.49
CA GLN B 125 -49.77 -4.92 -20.84
C GLN B 125 -51.14 -5.64 -20.92
N LEU B 126 -51.18 -6.84 -20.37
CA LEU B 126 -52.37 -7.70 -20.43
C LEU B 126 -53.55 -7.25 -19.55
N ARG B 127 -53.32 -6.32 -18.63
CA ARG B 127 -54.38 -5.73 -17.81
C ARG B 127 -55.26 -6.83 -17.19
N GLU B 128 -56.56 -6.83 -17.44
CA GLU B 128 -57.47 -7.81 -16.84
C GLU B 128 -57.75 -9.00 -17.76
N ASN B 129 -57.05 -9.08 -18.88
CA ASN B 129 -57.28 -10.13 -19.85
C ASN B 129 -56.42 -11.37 -19.62
N ALA B 130 -55.62 -11.37 -18.55
CA ALA B 130 -54.76 -12.52 -18.22
C ALA B 130 -54.49 -12.63 -16.71
N GLU B 131 -53.97 -13.77 -16.30
CA GLU B 131 -53.60 -14.01 -14.92
C GLU B 131 -52.25 -14.71 -14.79
N ASP B 132 -51.54 -14.32 -13.73
CA ASP B 132 -50.22 -14.85 -13.42
C ASP B 132 -50.35 -16.25 -12.80
N MET B 133 -49.94 -17.28 -13.55
CA MET B 133 -49.92 -18.66 -13.03
C MET B 133 -48.86 -18.88 -11.93
N GLY B 134 -47.88 -17.99 -11.82
CA GLY B 134 -46.89 -18.03 -10.73
C GLY B 134 -45.55 -18.65 -11.07
N ASN B 135 -45.42 -19.16 -12.29
CA ASN B 135 -44.22 -19.84 -12.79
C ASN B 135 -43.60 -19.08 -13.97
N GLY B 136 -43.85 -17.78 -14.02
CA GLY B 136 -43.49 -16.96 -15.17
C GLY B 136 -44.42 -17.06 -16.38
N CYS B 137 -45.58 -17.69 -16.22
CA CYS B 137 -46.53 -17.84 -17.33
C CYS B 137 -47.85 -17.16 -17.03
N PHE B 138 -48.37 -16.44 -18.03
CA PHE B 138 -49.72 -15.88 -17.98
C PHE B 138 -50.71 -16.78 -18.72
N LYS B 139 -51.78 -17.16 -18.05
CA LYS B 139 -52.91 -17.75 -18.74
C LYS B 139 -53.71 -16.59 -19.32
N ILE B 140 -53.82 -16.55 -20.64
CA ILE B 140 -54.58 -15.52 -21.34
C ILE B 140 -55.99 -16.06 -21.58
N TYR B 141 -56.98 -15.27 -21.21
CA TYR B 141 -58.38 -15.71 -21.15
C TYR B 141 -59.20 -15.29 -22.37
N HIS B 142 -58.58 -15.37 -23.55
CA HIS B 142 -59.26 -15.09 -24.81
C HIS B 142 -58.49 -15.75 -25.95
N LYS B 143 -59.09 -15.76 -27.14
CA LYS B 143 -58.45 -16.33 -28.32
C LYS B 143 -57.33 -15.39 -28.74
N CYS B 144 -56.09 -15.90 -28.75
CA CYS B 144 -54.93 -15.10 -29.12
C CYS B 144 -54.14 -15.83 -30.21
N ASP B 145 -54.59 -15.62 -31.45
CA ASP B 145 -53.91 -16.08 -32.66
C ASP B 145 -52.51 -15.44 -32.80
N ASN B 146 -51.68 -16.00 -33.67
CA ASN B 146 -50.28 -15.57 -33.82
C ASN B 146 -50.11 -14.04 -33.95
N ALA B 147 -51.02 -13.39 -34.68
CA ALA B 147 -51.03 -11.93 -34.81
C ALA B 147 -51.18 -11.24 -33.46
N CYS B 148 -52.04 -11.79 -32.62
CA CYS B 148 -52.27 -11.30 -31.26
C CYS B 148 -51.04 -11.52 -30.35
N ILE B 149 -50.40 -12.67 -30.46
CA ILE B 149 -49.20 -12.98 -29.67
C ILE B 149 -48.08 -12.01 -30.06
N GLU B 150 -47.80 -11.92 -31.36
CA GLU B 150 -46.80 -10.97 -31.86
C GLU B 150 -47.12 -9.53 -31.43
N SER B 151 -48.42 -9.18 -31.32
CA SER B 151 -48.84 -7.87 -30.80
C SER B 151 -48.40 -7.63 -29.35
N ILE B 152 -48.50 -8.67 -28.50
CA ILE B 152 -48.03 -8.59 -27.12
C ILE B 152 -46.50 -8.43 -27.11
N ARG B 153 -45.82 -9.17 -27.97
CA ARG B 153 -44.36 -9.16 -28.02
C ARG B 153 -43.79 -7.86 -28.58
N ASN B 154 -44.37 -7.33 -29.66
CA ASN B 154 -43.89 -6.07 -30.24
C ASN B 154 -44.62 -4.80 -29.73
N GLY B 155 -45.34 -4.93 -28.62
CA GLY B 155 -45.82 -3.77 -27.85
C GLY B 155 -47.10 -3.09 -28.32
N THR B 156 -47.85 -3.72 -29.24
CA THR B 156 -49.03 -3.09 -29.86
C THR B 156 -50.40 -3.55 -29.30
N TYR B 157 -50.42 -4.74 -28.67
CA TYR B 157 -51.62 -5.33 -28.05
C TYR B 157 -52.50 -4.29 -27.31
N ASP B 158 -53.66 -3.99 -27.89
CA ASP B 158 -54.68 -3.18 -27.22
C ASP B 158 -55.53 -4.15 -26.41
N HIS B 159 -55.48 -4.01 -25.09
CA HIS B 159 -56.26 -4.90 -24.20
C HIS B 159 -57.78 -4.63 -24.28
N ASP B 160 -58.19 -3.41 -24.63
CA ASP B 160 -59.63 -3.09 -24.72
C ASP B 160 -60.35 -3.91 -25.78
N VAL B 161 -59.64 -4.29 -26.84
CA VAL B 161 -60.19 -5.16 -27.90
C VAL B 161 -60.75 -6.48 -27.35
N TYR B 162 -59.99 -7.13 -26.47
CA TYR B 162 -60.30 -8.48 -25.97
C TYR B 162 -60.88 -8.50 -24.54
N ARG B 163 -61.11 -7.32 -23.94
CA ARG B 163 -61.49 -7.23 -22.52
C ARG B 163 -62.82 -7.94 -22.20
N ASP B 164 -63.89 -7.55 -22.91
CA ASP B 164 -65.21 -8.18 -22.74
C ASP B 164 -65.11 -9.70 -22.83
N GLU B 165 -64.50 -10.16 -23.91
CA GLU B 165 -64.26 -11.59 -24.12
C GLU B 165 -63.58 -12.21 -22.90
N ALA B 166 -62.49 -11.60 -22.43
CA ALA B 166 -61.66 -12.18 -21.37
C ALA B 166 -62.28 -12.12 -19.97
N LEU B 167 -62.83 -10.97 -19.60
CA LEU B 167 -63.57 -10.82 -18.33
C LEU B 167 -64.65 -11.89 -18.18
N ASN B 168 -65.32 -12.23 -19.28
CA ASN B 168 -66.34 -13.28 -19.31
C ASN B 168 -65.78 -14.66 -18.95
N ASN B 169 -64.72 -15.07 -19.64
CA ASN B 169 -64.04 -16.35 -19.37
C ASN B 169 -63.44 -16.47 -17.97
N ARG B 170 -63.03 -15.34 -17.39
CA ARG B 170 -62.45 -15.31 -16.05
C ARG B 170 -63.51 -15.47 -14.95
N PHE B 171 -64.67 -14.85 -15.14
CA PHE B 171 -65.75 -14.83 -14.14
C PHE B 171 -67.04 -15.42 -14.70
N PRO C 3 -67.69 8.24 -16.08
CA PRO C 3 -66.37 8.88 -16.10
C PRO C 3 -65.70 8.84 -14.72
N GLY C 4 -64.39 8.58 -14.69
CA GLY C 4 -63.65 8.33 -13.44
C GLY C 4 -62.52 9.31 -13.16
N ALA C 5 -61.30 8.77 -13.05
CA ALA C 5 -60.12 9.59 -12.71
C ALA C 5 -58.80 8.89 -13.05
N THR C 6 -57.74 9.69 -13.19
CA THR C 6 -56.37 9.20 -13.45
C THR C 6 -55.45 9.71 -12.34
N LEU C 7 -54.63 8.81 -11.77
CA LEU C 7 -53.63 9.16 -10.75
C LEU C 7 -52.26 8.63 -11.17
N CYS C 8 -51.38 9.55 -11.53
CA CYS C 8 -50.02 9.23 -11.98
C CYS C 8 -48.99 9.41 -10.88
N LEU C 9 -48.16 8.39 -10.69
CA LEU C 9 -47.02 8.45 -9.79
C LEU C 9 -45.81 8.88 -10.60
N GLY C 10 -44.96 9.69 -10.00
CA GLY C 10 -43.78 10.18 -10.68
C GLY C 10 -42.71 10.72 -9.75
N HIS C 11 -41.65 11.24 -10.38
CA HIS C 11 -40.48 11.76 -9.68
C HIS C 11 -40.03 13.04 -10.35
N HIS C 12 -39.21 13.81 -9.63
CA HIS C 12 -38.75 15.10 -10.13
C HIS C 12 -37.63 14.94 -11.16
N ALA C 13 -37.35 16.05 -11.85
CA ALA C 13 -36.24 16.16 -12.76
C ALA C 13 -35.78 17.61 -12.75
N VAL C 14 -34.63 17.86 -13.34
CA VAL C 14 -34.09 19.22 -13.46
C VAL C 14 -33.66 19.43 -14.90
N PRO C 15 -33.56 20.69 -15.33
CA PRO C 15 -33.13 20.95 -16.71
C PRO C 15 -31.64 20.67 -16.94
N ASN C 16 -30.79 21.04 -15.99
CA ASN C 16 -29.35 20.83 -16.10
C ASN C 16 -28.82 19.88 -14.98
N GLY C 17 -28.72 18.60 -15.31
CA GLY C 17 -28.18 17.59 -14.38
C GLY C 17 -26.66 17.56 -14.36
N THR C 18 -26.09 16.62 -13.60
CA THR C 18 -24.64 16.41 -13.58
C THR C 18 -24.29 14.95 -13.83
N LEU C 19 -23.14 14.75 -14.47
CA LEU C 19 -22.68 13.43 -14.85
C LEU C 19 -21.89 12.82 -13.72
N VAL C 20 -22.15 11.54 -13.46
CA VAL C 20 -21.39 10.76 -12.50
C VAL C 20 -21.00 9.42 -13.10
N LYS C 21 -20.09 8.75 -12.40
CA LYS C 21 -19.61 7.42 -12.78
C LYS C 21 -20.25 6.38 -11.86
N THR C 22 -20.51 5.19 -12.42
CA THR C 22 -21.12 4.07 -11.70
C THR C 22 -20.35 2.78 -12.03
N ILE C 23 -20.87 1.64 -11.59
CA ILE C 23 -20.31 0.33 -11.94
C ILE C 23 -20.46 0.09 -13.44
N THR C 24 -21.62 0.43 -13.99
CA THR C 24 -21.96 0.13 -15.38
C THR C 24 -21.71 1.25 -16.37
N ASP C 25 -21.63 2.50 -15.93
CA ASP C 25 -21.53 3.67 -16.82
C ASP C 25 -20.42 4.60 -16.36
N ASP C 26 -19.55 5.00 -17.27
CA ASP C 26 -18.58 6.03 -16.92
C ASP C 26 -19.10 7.48 -16.98
N GLN C 27 -20.29 7.67 -17.57
CA GLN C 27 -21.01 8.94 -17.50
C GLN C 27 -22.50 8.64 -17.52
N ILE C 28 -23.19 9.02 -16.45
CA ILE C 28 -24.65 8.95 -16.44
C ILE C 28 -25.18 10.10 -15.61
N GLU C 29 -26.29 10.65 -16.06
CA GLU C 29 -26.78 11.92 -15.54
C GLU C 29 -27.69 11.74 -14.33
N VAL C 30 -27.39 12.47 -13.26
CA VAL C 30 -28.21 12.51 -12.05
C VAL C 30 -28.64 13.94 -11.77
N THR C 31 -29.62 14.09 -10.89
CA THR C 31 -30.17 15.43 -10.57
C THR C 31 -29.16 16.33 -9.87
N ASN C 32 -28.25 15.74 -9.10
CA ASN C 32 -27.30 16.48 -8.31
C ASN C 32 -26.13 15.59 -7.87
N ALA C 33 -24.99 16.23 -7.61
CA ALA C 33 -23.83 15.54 -7.08
C ALA C 33 -22.98 16.51 -6.26
N THR C 34 -22.04 15.97 -5.51
CA THR C 34 -21.10 16.76 -4.75
C THR C 34 -19.66 16.30 -5.03
N GLU C 35 -18.74 17.27 -5.00
CA GLU C 35 -17.33 17.03 -5.32
C GLU C 35 -16.56 16.46 -4.13
N LEU C 36 -15.86 15.35 -4.34
CA LEU C 36 -15.05 14.69 -3.30
C LEU C 36 -13.54 14.98 -3.36
N VAL C 37 -13.08 15.63 -4.42
CA VAL C 37 -11.66 15.94 -4.59
C VAL C 37 -11.44 17.45 -4.46
N GLN C 38 -10.68 17.84 -3.44
CA GLN C 38 -10.23 19.22 -3.31
C GLN C 38 -9.13 19.48 -4.32
N SER C 39 -9.35 20.41 -5.25
CA SER C 39 -8.39 20.70 -6.32
C SER C 39 -7.83 22.13 -6.32
N SER C 40 -8.23 22.95 -5.35
CA SER C 40 -7.76 24.33 -5.28
C SER C 40 -7.23 24.65 -3.89
N SER C 41 -6.31 25.62 -3.88
CA SER C 41 -5.73 26.17 -2.67
C SER C 41 -5.88 27.68 -2.75
N THR C 42 -5.83 28.36 -1.60
CA THR C 42 -5.73 29.82 -1.57
C THR C 42 -4.40 30.36 -2.11
N GLY C 43 -3.35 29.53 -2.12
CA GLY C 43 -2.00 30.00 -2.43
C GLY C 43 -1.23 30.52 -1.21
N LYS C 44 -1.85 30.41 -0.03
CA LYS C 44 -1.30 30.98 1.19
C LYS C 44 -1.36 29.94 2.32
N ILE C 45 -0.32 29.91 3.15
CA ILE C 45 -0.26 29.04 4.31
C ILE C 45 -0.83 29.76 5.52
N CYS C 46 -1.93 29.24 6.06
CA CYS C 46 -2.58 29.84 7.20
C CYS C 46 -1.73 29.69 8.46
N ASN C 47 -1.59 30.78 9.22
CA ASN C 47 -0.75 30.80 10.42
C ASN C 47 -1.39 30.14 11.66
N ASN C 48 -2.66 29.75 11.58
CA ASN C 48 -3.35 28.96 12.60
C ASN C 48 -4.02 27.73 11.98
N PRO C 49 -4.22 26.65 12.75
CA PRO C 49 -3.88 26.55 14.17
C PRO C 49 -2.47 26.02 14.49
N HIS C 50 -1.68 25.70 13.47
CA HIS C 50 -0.34 25.17 13.68
C HIS C 50 0.67 26.32 13.80
N ARG C 51 1.65 26.17 14.68
CA ARG C 51 2.74 27.14 14.80
C ARG C 51 3.67 27.04 13.57
N ILE C 52 3.57 28.02 12.68
CA ILE C 52 4.36 28.07 11.45
C ILE C 52 5.61 28.94 11.66
N LEU C 53 6.78 28.41 11.35
CA LEU C 53 8.03 29.17 11.43
C LEU C 53 8.60 29.27 10.04
N ASP C 54 8.66 30.52 9.56
CA ASP C 54 9.20 30.83 8.26
C ASP C 54 10.72 30.90 8.37
N GLY C 55 11.41 30.01 7.68
CA GLY C 55 12.88 30.03 7.65
C GLY C 55 13.49 31.23 6.95
N ILE C 56 12.70 31.93 6.11
CA ILE C 56 13.16 33.10 5.36
C ILE C 56 14.44 32.73 4.57
N ASP C 57 15.60 33.27 4.96
CA ASP C 57 16.89 33.02 4.31
C ASP C 57 17.64 31.80 4.81
N CYS C 58 17.01 31.03 5.70
CA CYS C 58 17.72 29.98 6.44
C CYS C 58 17.09 28.63 6.29
N THR C 59 17.92 27.63 6.00
CA THR C 59 17.51 26.22 6.09
C THR C 59 17.47 25.89 7.57
N LEU C 60 16.73 24.83 7.90
CA LEU C 60 16.72 24.33 9.28
C LEU C 60 18.12 24.00 9.75
N ILE C 61 18.91 23.38 8.89
CA ILE C 61 20.27 23.00 9.27
C ILE C 61 21.14 24.22 9.60
N ASP C 62 21.04 25.27 8.82
CA ASP C 62 21.85 26.48 9.09
C ASP C 62 21.41 27.17 10.39
N ALA C 63 20.11 27.12 10.70
CA ALA C 63 19.61 27.64 11.97
C ALA C 63 20.12 26.77 13.12
N LEU C 64 20.14 25.46 12.91
CA LEU C 64 20.66 24.52 13.90
C LEU C 64 22.13 24.83 14.21
N LEU C 65 22.97 24.88 13.18
CA LEU C 65 24.40 25.06 13.38
C LEU C 65 24.75 26.41 13.96
N GLY C 66 23.96 27.41 13.58
CA GLY C 66 24.17 28.77 14.05
C GLY C 66 24.99 29.60 13.08
N ASP C 67 24.69 29.48 11.78
CA ASP C 67 25.13 30.40 10.73
C ASP C 67 24.70 31.82 11.17
N PRO C 68 25.62 32.82 11.18
CA PRO C 68 25.29 34.12 11.80
C PRO C 68 24.01 34.78 11.32
N HIS C 69 23.72 34.77 10.02
CA HIS C 69 22.46 35.33 9.53
C HIS C 69 21.20 34.57 9.96
N CYS C 70 21.39 33.40 10.58
CA CYS C 70 20.31 32.58 11.16
C CYS C 70 20.29 32.59 12.69
N ASP C 71 21.10 33.45 13.32
CA ASP C 71 21.09 33.62 14.76
C ASP C 71 19.69 33.91 15.32
N VAL C 72 18.86 34.64 14.58
CA VAL C 72 17.48 34.96 15.01
C VAL C 72 16.64 33.71 15.32
N PHE C 73 17.02 32.56 14.75
CA PHE C 73 16.32 31.29 15.02
C PHE C 73 16.76 30.53 16.29
N GLN C 74 17.74 31.03 17.04
CA GLN C 74 18.17 30.41 18.30
C GLN C 74 17.00 30.09 19.21
N ASN C 75 16.95 28.85 19.67
CA ASN C 75 15.90 28.38 20.60
C ASN C 75 14.47 28.48 20.09
N GLU C 76 14.27 28.59 18.77
CA GLU C 76 12.93 28.67 18.18
C GLU C 76 12.26 27.32 18.22
N THR C 77 10.94 27.34 18.10
CA THR C 77 10.13 26.13 18.06
C THR C 77 9.13 26.24 16.92
N TRP C 78 8.53 25.10 16.54
CA TRP C 78 7.59 25.06 15.46
C TRP C 78 6.77 23.78 15.46
N ASP C 79 5.58 23.86 14.86
CA ASP C 79 4.87 22.69 14.37
C ASP C 79 5.31 22.42 12.92
N LEU C 80 5.43 23.48 12.12
CA LEU C 80 5.91 23.35 10.76
C LEU C 80 6.96 24.40 10.44
N PHE C 81 8.19 23.95 10.19
CA PHE C 81 9.28 24.79 9.71
C PHE C 81 9.15 24.85 8.18
N VAL C 82 9.13 26.05 7.63
CA VAL C 82 8.97 26.23 6.19
C VAL C 82 10.31 26.70 5.60
N GLU C 83 10.92 25.89 4.75
CA GLU C 83 12.15 26.26 4.06
C GLU C 83 11.82 26.87 2.70
N ARG C 84 12.47 28.00 2.42
CA ARG C 84 12.23 28.78 1.19
C ARG C 84 13.31 28.46 0.17
N SER C 85 12.95 28.56 -1.10
CA SER C 85 13.92 28.29 -2.18
C SER C 85 15.02 29.36 -2.26
N LYS C 86 14.76 30.57 -1.73
CA LYS C 86 15.79 31.61 -1.63
C LYS C 86 16.81 31.44 -0.50
N ALA C 87 16.68 30.41 0.34
CA ALA C 87 17.60 30.27 1.47
C ALA C 87 19.03 30.07 1.01
N PHE C 88 19.98 30.55 1.80
CA PHE C 88 21.41 30.43 1.47
C PHE C 88 22.25 30.25 2.71
N SER C 89 23.38 29.57 2.56
CA SER C 89 24.39 29.44 3.61
C SER C 89 25.40 30.59 3.50
N ASN C 90 25.92 31.05 4.63
CA ASN C 90 26.87 32.17 4.62
C ASN C 90 27.89 32.10 5.76
N CYS C 91 28.40 30.90 5.98
CA CYS C 91 29.37 30.63 7.05
C CYS C 91 30.43 29.71 6.45
N TYR C 92 31.15 28.94 7.28
CA TYR C 92 32.22 28.08 6.75
C TYR C 92 31.58 27.03 5.87
N PRO C 93 32.22 26.70 4.73
CA PRO C 93 31.60 25.70 3.87
C PRO C 93 31.61 24.31 4.52
N TYR C 94 30.49 23.61 4.40
CA TYR C 94 30.29 22.35 5.10
C TYR C 94 29.47 21.39 4.29
N ASP C 95 29.55 20.12 4.67
CA ASP C 95 28.56 19.14 4.24
C ASP C 95 28.07 18.33 5.45
N VAL C 96 26.95 17.67 5.27
CA VAL C 96 26.39 16.75 6.26
C VAL C 96 26.17 15.41 5.55
N PRO C 97 27.07 14.44 5.76
CA PRO C 97 26.70 13.09 5.34
C PRO C 97 25.37 12.70 6.02
N ASP C 98 24.45 12.19 5.23
CA ASP C 98 23.10 11.95 5.75
C ASP C 98 22.41 13.24 6.26
N TYR C 99 22.59 14.31 5.48
CA TYR C 99 21.87 15.57 5.65
C TYR C 99 20.38 15.33 5.89
N ALA C 100 19.77 14.55 5.00
CA ALA C 100 18.35 14.29 5.05
C ALA C 100 17.89 13.78 6.42
N SER C 101 18.65 12.85 7.02
CA SER C 101 18.28 12.29 8.33
C SER C 101 18.38 13.34 9.43
N LEU C 102 19.44 14.13 9.43
CA LEU C 102 19.62 15.17 10.44
C LEU C 102 18.53 16.21 10.35
N ARG C 103 18.26 16.66 9.14
CA ARG C 103 17.15 17.55 8.89
C ARG C 103 15.82 16.95 9.37
N SER C 104 15.59 15.67 9.07
CA SER C 104 14.34 15.04 9.47
C SER C 104 14.18 14.97 11.00
N LEU C 105 15.20 14.48 11.67
CA LEU C 105 15.10 14.28 13.10
C LEU C 105 14.95 15.61 13.83
N VAL C 106 15.64 16.66 13.37
CA VAL C 106 15.51 17.98 14.00
C VAL C 106 14.13 18.53 13.73
N ALA C 107 13.68 18.43 12.48
CA ALA C 107 12.34 18.91 12.08
C ALA C 107 11.23 18.29 12.95
N SER C 108 11.40 17.02 13.18
CA SER C 108 10.44 16.21 13.93
C SER C 108 10.48 16.53 15.43
N SER C 109 11.65 16.90 15.92
CA SER C 109 11.78 17.34 17.31
C SER C 109 11.07 18.67 17.60
N GLY C 110 11.02 19.56 16.61
CA GLY C 110 10.22 20.77 16.71
C GLY C 110 10.82 21.91 17.51
N THR C 111 12.11 21.82 17.85
CA THR C 111 12.78 22.82 18.67
C THR C 111 14.27 22.90 18.37
N LEU C 112 14.83 24.09 18.52
CA LEU C 112 16.28 24.31 18.53
C LEU C 112 16.83 24.71 19.92
N GLU C 113 16.06 24.47 20.97
CA GLU C 113 16.51 24.77 22.33
C GLU C 113 17.88 24.15 22.62
N PHE C 114 18.85 25.00 22.96
CA PHE C 114 20.23 24.62 23.17
C PHE C 114 20.70 24.87 24.61
N ILE C 115 21.34 23.87 25.22
CA ILE C 115 21.83 23.95 26.60
C ILE C 115 23.35 23.81 26.54
N THR C 116 24.04 24.84 27.00
CA THR C 116 25.50 24.86 26.99
C THR C 116 26.01 23.96 28.10
N GLU C 117 27.07 23.21 27.81
CA GLU C 117 27.69 22.32 28.81
C GLU C 117 29.16 22.70 28.94
N GLY C 118 29.72 22.50 30.13
CA GLY C 118 31.08 22.91 30.41
C GLY C 118 32.15 21.91 30.01
N PHE C 119 32.33 21.69 28.70
CA PHE C 119 33.40 20.83 28.21
C PHE C 119 34.75 21.47 28.52
N THR C 120 35.72 20.65 28.91
CA THR C 120 37.07 21.11 29.22
C THR C 120 38.01 20.61 28.14
N TRP C 121 38.52 21.53 27.34
CA TRP C 121 39.39 21.22 26.21
C TRP C 121 40.80 21.66 26.59
N THR C 122 41.51 20.77 27.27
CA THR C 122 42.80 21.10 27.86
C THR C 122 43.90 21.10 26.79
N GLY C 123 44.65 22.20 26.73
CA GLY C 123 45.82 22.32 25.87
C GLY C 123 45.56 22.68 24.42
N VAL C 124 44.38 23.23 24.14
CA VAL C 124 44.04 23.71 22.80
C VAL C 124 43.47 25.11 22.86
N THR C 125 43.53 25.78 21.71
CA THR C 125 42.96 27.10 21.52
C THR C 125 41.51 26.91 21.11
N GLN C 126 40.62 27.68 21.71
CA GLN C 126 39.17 27.56 21.46
C GLN C 126 38.68 28.72 20.61
N ASN C 127 37.42 28.60 20.17
CA ASN C 127 36.68 29.70 19.52
C ASN C 127 37.27 30.18 18.20
N GLY C 128 37.86 29.25 17.45
CA GLY C 128 38.39 29.56 16.14
C GLY C 128 37.29 30.04 15.20
N GLY C 129 37.67 30.91 14.28
CA GLY C 129 36.72 31.53 13.34
C GLY C 129 37.36 31.75 11.98
N SER C 130 36.58 32.34 11.09
CA SER C 130 37.01 32.53 9.70
C SER C 130 36.29 33.70 9.07
N ASN C 131 36.95 34.34 8.11
CA ASN C 131 36.32 35.39 7.29
C ASN C 131 35.21 34.86 6.38
N ALA C 132 35.16 33.55 6.20
CA ALA C 132 34.01 32.88 5.58
C ALA C 132 32.70 33.00 6.36
N CYS C 133 32.80 33.35 7.64
CA CYS C 133 31.66 33.35 8.54
C CYS C 133 31.75 34.56 9.50
N LYS C 134 31.54 35.75 8.95
CA LYS C 134 31.69 36.98 9.72
C LYS C 134 30.64 37.22 10.78
N ARG C 135 31.13 37.71 11.92
CA ARG C 135 30.29 38.21 13.02
C ARG C 135 30.87 39.53 13.41
N GLY C 136 30.08 40.59 13.32
CA GLY C 136 30.57 41.93 13.64
C GLY C 136 31.71 42.31 12.72
N PRO C 137 32.73 43.02 13.24
CA PRO C 137 33.86 43.42 12.38
C PRO C 137 34.83 42.27 12.08
N GLY C 138 34.81 41.22 12.89
CA GLY C 138 35.79 40.16 12.79
C GLY C 138 35.30 38.91 12.13
N SER C 139 36.22 37.97 12.04
CA SER C 139 35.92 36.61 11.64
C SER C 139 35.08 35.93 12.71
N GLY C 140 34.33 34.92 12.32
CA GLY C 140 33.47 34.20 13.27
C GLY C 140 33.22 32.77 12.85
N PHE C 141 32.18 32.18 13.42
CA PHE C 141 31.92 30.76 13.24
C PHE C 141 30.49 30.43 13.62
N PHE C 142 30.08 29.21 13.31
CA PHE C 142 28.77 28.68 13.75
C PHE C 142 28.66 28.85 15.25
N SER C 143 27.57 29.45 15.71
CA SER C 143 27.39 29.74 17.15
C SER C 143 27.46 28.51 18.05
N ARG C 144 26.98 27.36 17.58
CA ARG C 144 26.89 26.14 18.42
C ARG C 144 28.09 25.22 18.34
N LEU C 145 29.10 25.61 17.54
CA LEU C 145 30.30 24.80 17.37
C LEU C 145 31.55 25.58 17.82
N ASN C 146 32.56 24.83 18.26
CA ASN C 146 33.73 25.36 18.87
C ASN C 146 34.95 24.81 18.12
N TRP C 147 35.56 25.66 17.30
CA TRP C 147 36.67 25.23 16.46
C TRP C 147 37.95 25.25 17.28
N LEU C 148 38.48 24.06 17.54
CA LEU C 148 39.68 23.87 18.35
C LEU C 148 40.91 23.78 17.45
N THR C 149 41.98 24.45 17.85
CA THR C 149 43.29 24.37 17.18
C THR C 149 44.39 24.29 18.24
N LYS C 150 45.62 24.09 17.79
CA LYS C 150 46.76 23.99 18.71
C LYS C 150 46.91 25.20 19.62
N SER C 151 47.45 24.93 20.81
CA SER C 151 47.91 25.96 21.75
C SER C 151 49.43 25.81 21.84
N GLY C 152 50.13 26.92 21.64
CA GLY C 152 51.59 26.90 21.51
C GLY C 152 51.99 26.09 20.28
N SER C 153 52.68 24.98 20.50
CA SER C 153 53.13 24.10 19.42
C SER C 153 52.62 22.66 19.54
N THR C 154 51.57 22.45 20.34
CA THR C 154 51.05 21.11 20.60
C THR C 154 49.52 21.09 20.54
N TYR C 155 48.99 19.94 20.11
CA TYR C 155 47.57 19.61 20.17
C TYR C 155 47.53 18.24 20.83
N PRO C 156 47.23 18.18 22.15
CA PRO C 156 47.26 16.87 22.81
C PRO C 156 46.04 16.03 22.46
N VAL C 157 46.00 14.81 22.96
CA VAL C 157 44.82 13.96 22.83
C VAL C 157 43.72 14.60 23.69
N LEU C 158 42.64 15.00 23.05
CA LEU C 158 41.48 15.50 23.79
C LEU C 158 40.62 14.30 24.16
N ASN C 159 40.22 14.24 25.42
CA ASN C 159 39.47 13.12 25.95
C ASN C 159 38.50 13.61 27.03
N VAL C 160 37.23 13.74 26.66
CA VAL C 160 36.22 14.32 27.56
C VAL C 160 34.94 13.50 27.58
N THR C 161 34.21 13.61 28.68
CA THR C 161 32.90 13.00 28.84
C THR C 161 31.89 13.97 29.27
N MET C 162 30.64 13.63 28.97
CA MET C 162 29.50 14.34 29.50
C MET C 162 28.36 13.30 29.68
N PRO C 163 27.99 12.99 30.93
CA PRO C 163 26.89 12.06 31.14
C PRO C 163 25.54 12.73 30.97
N ASN C 164 24.53 11.95 30.57
CA ASN C 164 23.15 12.43 30.52
C ASN C 164 22.43 11.94 31.76
N ASN C 165 22.31 12.83 32.74
CA ASN C 165 21.58 12.56 33.95
C ASN C 165 20.21 13.22 33.97
N ASP C 166 19.78 13.72 32.83
CA ASP C 166 18.43 14.24 32.67
C ASP C 166 17.48 13.10 32.28
N ASN C 167 16.20 13.41 32.17
CA ASN C 167 15.19 12.44 31.72
C ASN C 167 14.71 12.65 30.29
N PHE C 168 15.50 13.37 29.49
CA PHE C 168 15.20 13.59 28.10
C PHE C 168 16.44 13.22 27.28
N ASP C 169 16.25 13.03 25.98
CA ASP C 169 17.38 12.75 25.06
C ASP C 169 18.14 14.02 24.72
N LYS C 170 19.46 13.90 24.61
CA LYS C 170 20.31 15.00 24.21
C LYS C 170 20.75 14.78 22.79
N LEU C 171 20.70 15.84 21.97
CA LEU C 171 21.28 15.81 20.62
C LEU C 171 22.55 16.65 20.58
N TYR C 172 23.66 16.01 20.25
CA TYR C 172 24.93 16.67 20.12
C TYR C 172 25.30 16.78 18.66
N ILE C 173 25.58 18.02 18.23
CA ILE C 173 26.05 18.31 16.89
C ILE C 173 27.52 18.62 16.99
N TRP C 174 28.29 17.97 16.16
CA TRP C 174 29.73 18.15 16.15
C TRP C 174 30.23 17.98 14.72
N GLY C 175 31.51 18.20 14.51
CA GLY C 175 32.07 18.10 13.18
C GLY C 175 33.54 17.76 13.13
N VAL C 176 34.01 17.61 11.90
CA VAL C 176 35.38 17.29 11.57
C VAL C 176 35.83 18.26 10.48
N HIS C 177 36.99 18.87 10.68
CA HIS C 177 37.57 19.80 9.70
C HIS C 177 38.47 19.05 8.72
N HIS C 178 38.30 19.37 7.44
CA HIS C 178 39.03 18.75 6.34
C HIS C 178 39.91 19.83 5.73
N PRO C 179 41.21 19.82 6.03
CA PRO C 179 42.11 20.80 5.40
C PRO C 179 42.37 20.54 3.91
N SER C 180 42.74 21.59 3.18
CA SER C 180 43.10 21.48 1.76
C SER C 180 44.51 20.92 1.56
N THR C 181 45.42 21.19 2.48
CA THR C 181 46.84 20.81 2.36
C THR C 181 47.39 20.22 3.64
N ASN C 182 48.48 19.45 3.52
CA ASN C 182 49.21 18.92 4.67
C ASN C 182 49.81 20.02 5.54
N GLN C 183 50.23 21.09 4.87
CA GLN C 183 50.70 22.32 5.54
C GLN C 183 49.63 22.82 6.54
N GLU C 184 48.40 22.96 6.06
CA GLU C 184 47.27 23.48 6.85
C GLU C 184 46.98 22.54 8.05
N GLN C 185 46.91 21.24 7.76
CA GLN C 185 46.71 20.19 8.76
C GLN C 185 47.71 20.33 9.91
N THR C 186 49.00 20.38 9.60
CA THR C 186 50.04 20.41 10.64
C THR C 186 50.08 21.77 11.33
N SER C 187 49.87 22.83 10.57
CA SER C 187 49.82 24.17 11.13
C SER C 187 48.74 24.34 12.17
N LEU C 188 47.53 23.86 11.87
CA LEU C 188 46.38 23.94 12.80
C LEU C 188 46.37 22.90 13.91
N TYR C 189 46.72 21.65 13.60
CA TYR C 189 46.53 20.52 14.53
C TYR C 189 47.78 19.72 14.89
N VAL C 190 48.96 20.13 14.40
CA VAL C 190 50.27 19.50 14.69
C VAL C 190 50.42 18.09 14.11
N GLN C 191 49.59 17.16 14.55
CA GLN C 191 49.60 15.79 14.04
C GLN C 191 49.29 15.80 12.53
N ALA C 192 49.99 14.94 11.79
CA ALA C 192 49.89 14.85 10.33
C ALA C 192 48.53 14.32 9.86
N SER C 193 47.92 13.48 10.70
CA SER C 193 46.58 12.99 10.45
C SER C 193 45.77 13.06 11.74
N GLY C 194 44.65 13.77 11.69
CA GLY C 194 43.76 13.87 12.83
C GLY C 194 42.82 12.70 12.92
N ARG C 195 41.89 12.78 13.86
CA ARG C 195 40.99 11.69 14.17
C ARG C 195 39.94 12.17 15.16
N VAL C 196 38.67 11.88 14.89
CA VAL C 196 37.59 12.19 15.82
C VAL C 196 36.76 10.95 16.09
N THR C 197 36.68 10.58 17.37
CA THR C 197 35.88 9.45 17.83
C THR C 197 34.90 9.93 18.89
N VAL C 198 33.62 9.78 18.58
CA VAL C 198 32.52 10.18 19.47
C VAL C 198 31.68 8.95 19.74
N SER C 199 31.44 8.66 21.02
CA SER C 199 30.81 7.39 21.40
C SER C 199 29.88 7.53 22.60
N THR C 200 28.93 6.58 22.66
CA THR C 200 28.12 6.31 23.82
C THR C 200 28.44 4.87 24.26
N ARG C 201 27.70 4.34 25.22
CA ARG C 201 27.93 2.97 25.68
C ARG C 201 27.80 1.89 24.60
N ARG C 202 26.78 2.00 23.75
CA ARG C 202 26.48 0.95 22.75
C ARG C 202 27.00 1.28 21.35
N SER C 203 27.32 2.55 21.06
CA SER C 203 27.66 2.92 19.70
C SER C 203 28.80 3.91 19.62
N GLN C 204 29.37 4.00 18.43
CA GLN C 204 30.53 4.85 18.20
C GLN C 204 30.57 5.31 16.75
N GLN C 205 31.15 6.50 16.53
CA GLN C 205 31.45 7.00 15.20
C GLN C 205 32.91 7.41 15.22
N THR C 206 33.68 6.94 14.24
CA THR C 206 35.04 7.41 14.08
C THR C 206 35.29 7.95 12.68
N ILE C 207 35.77 9.19 12.62
CA ILE C 207 35.94 9.89 11.36
C ILE C 207 37.40 10.25 11.25
N ILE C 208 37.99 9.94 10.09
CA ILE C 208 39.34 10.37 9.73
C ILE C 208 39.16 11.58 8.80
N PRO C 209 39.86 12.69 9.07
CA PRO C 209 39.82 13.76 8.10
C PRO C 209 40.50 13.40 6.80
N ASN C 210 39.93 13.91 5.73
CA ASN C 210 40.50 13.90 4.41
C ASN C 210 41.17 15.21 4.03
N ILE C 211 42.42 15.14 3.60
CA ILE C 211 43.16 16.32 3.20
C ILE C 211 43.14 16.44 1.67
N GLY C 212 42.84 17.64 1.16
CA GLY C 212 42.77 17.88 -0.29
C GLY C 212 42.08 19.14 -0.77
N SER C 213 42.54 19.65 -1.92
CA SER C 213 41.97 20.88 -2.46
C SER C 213 40.62 20.60 -3.12
N ARG C 214 39.68 21.50 -2.85
CA ARG C 214 38.31 21.48 -3.32
C ARG C 214 37.99 22.85 -3.97
N PRO C 215 36.81 23.01 -4.61
CA PRO C 215 36.48 24.34 -5.09
C PRO C 215 36.32 25.36 -3.96
N TRP C 216 36.70 26.59 -4.28
CA TRP C 216 36.66 27.68 -3.32
C TRP C 216 35.18 28.04 -3.10
N VAL C 217 34.78 28.02 -1.84
CA VAL C 217 33.44 28.43 -1.46
C VAL C 217 33.58 29.39 -0.31
N ARG C 218 33.05 30.60 -0.49
CA ARG C 218 33.08 31.64 0.55
C ARG C 218 34.47 31.69 1.22
N GLN C 219 35.51 31.81 0.40
CA GLN C 219 36.92 31.97 0.86
C GLN C 219 37.77 30.75 1.28
N ALA C 220 37.20 29.54 1.33
CA ALA C 220 37.97 28.37 1.74
C ALA C 220 37.87 27.29 0.68
N SER C 221 38.98 26.60 0.49
CA SER C 221 39.00 25.31 -0.20
C SER C 221 38.83 24.18 0.82
N SER C 222 38.86 24.49 2.11
CA SER C 222 38.62 23.50 3.15
C SER C 222 37.12 23.29 3.40
N ARG C 223 36.80 22.27 4.19
CA ARG C 223 35.41 21.91 4.52
C ARG C 223 35.29 21.44 5.95
N ILE C 224 34.09 21.55 6.49
CA ILE C 224 33.75 20.86 7.71
C ILE C 224 32.67 19.83 7.37
N SER C 225 32.76 18.65 7.95
CA SER C 225 31.67 17.66 7.85
C SER C 225 30.97 17.59 9.18
N ILE C 226 29.66 17.62 9.15
CA ILE C 226 28.84 17.65 10.36
C ILE C 226 28.29 16.26 10.67
N TYR C 227 28.36 15.88 11.95
CA TYR C 227 27.80 14.64 12.49
C TYR C 227 26.96 14.95 13.70
N TRP C 228 26.19 13.94 14.12
CA TRP C 228 25.36 14.05 15.29
C TRP C 228 25.35 12.74 16.09
N THR C 229 25.08 12.87 17.39
CA THR C 229 25.01 11.76 18.31
C THR C 229 23.93 12.07 19.31
N ILE C 230 22.99 11.15 19.47
CA ILE C 230 21.95 11.23 20.49
C ILE C 230 22.38 10.43 21.72
N VAL C 231 22.22 11.03 22.88
CA VAL C 231 22.55 10.38 24.14
C VAL C 231 21.26 10.24 24.96
N LYS C 232 20.88 9.00 25.24
CA LYS C 232 19.67 8.71 25.98
C LYS C 232 19.92 8.89 27.48
N PRO C 233 18.84 9.08 28.26
CA PRO C 233 18.96 9.16 29.72
C PRO C 233 19.70 7.97 30.29
N GLY C 234 20.68 8.24 31.14
CA GLY C 234 21.47 7.20 31.79
C GLY C 234 22.67 6.74 30.97
N ASP C 235 22.83 7.26 29.74
CA ASP C 235 23.97 6.94 28.90
C ASP C 235 24.99 8.08 29.05
N VAL C 236 26.10 8.00 28.33
CA VAL C 236 27.21 8.95 28.46
C VAL C 236 27.84 9.23 27.10
N LEU C 237 28.20 10.48 26.84
CA LEU C 237 28.96 10.86 25.66
C LEU C 237 30.45 10.85 25.99
N VAL C 238 31.26 10.27 25.12
CA VAL C 238 32.72 10.47 25.17
C VAL C 238 33.19 11.03 23.83
N ILE C 239 34.09 12.01 23.88
CA ILE C 239 34.71 12.58 22.68
C ILE C 239 36.20 12.44 22.83
N ASN C 240 36.83 11.83 21.83
CA ASN C 240 38.25 11.60 21.81
C ASN C 240 38.83 12.03 20.47
N SER C 241 39.87 12.87 20.50
CA SER C 241 40.44 13.42 19.26
C SER C 241 41.87 13.86 19.42
N ASN C 242 42.69 13.59 18.41
CA ASN C 242 44.06 14.11 18.37
C ASN C 242 44.23 15.13 17.23
N GLY C 243 43.12 15.76 16.83
CA GLY C 243 43.13 16.75 15.77
C GLY C 243 41.84 16.79 14.98
N ASN C 244 41.52 17.98 14.49
CA ASN C 244 40.44 18.24 13.51
C ASN C 244 39.03 18.26 14.08
N LEU C 245 38.90 18.17 15.40
CA LEU C 245 37.61 18.20 16.06
C LEU C 245 37.01 19.61 15.95
N ILE C 246 35.77 19.65 15.49
CA ILE C 246 34.89 20.79 15.62
C ILE C 246 33.93 20.41 16.73
N ALA C 247 34.20 20.93 17.92
CA ALA C 247 33.54 20.43 19.15
C ALA C 247 32.14 20.99 19.35
N PRO C 248 31.27 20.21 20.00
CA PRO C 248 29.97 20.76 20.43
C PRO C 248 30.15 21.70 21.61
N ARG C 249 29.28 22.69 21.74
CA ARG C 249 29.28 23.57 22.94
C ARG C 249 28.26 23.10 23.99
N GLY C 250 27.53 22.04 23.69
CA GLY C 250 26.40 21.61 24.47
C GLY C 250 25.51 20.72 23.64
N TYR C 251 24.23 20.65 24.01
CA TYR C 251 23.27 19.81 23.31
C TYR C 251 22.02 20.55 23.03
N PHE C 252 21.29 20.02 22.06
CA PHE C 252 19.94 20.42 21.76
C PHE C 252 19.00 19.50 22.50
N LYS C 253 17.96 20.09 23.10
CA LYS C 253 16.91 19.32 23.73
C LYS C 253 16.00 18.76 22.65
N MET C 254 15.67 17.49 22.78
CA MET C 254 14.82 16.82 21.80
C MET C 254 13.44 16.62 22.36
N ARG C 255 12.44 16.73 21.51
CA ARG C 255 11.05 16.39 21.85
C ARG C 255 10.52 15.37 20.87
N THR C 256 9.40 14.78 21.21
CA THR C 256 8.63 14.03 20.25
C THR C 256 7.29 14.74 20.21
N GLY C 257 6.61 14.64 19.08
CA GLY C 257 5.35 15.33 18.86
C GLY C 257 5.05 15.45 17.38
N LYS C 258 4.27 16.46 17.03
CA LYS C 258 3.67 16.60 15.73
C LYS C 258 4.50 17.48 14.74
N SER C 259 5.73 17.86 15.11
CA SER C 259 6.48 18.84 14.32
C SER C 259 7.00 18.22 13.01
N SER C 260 7.10 19.05 11.98
CA SER C 260 7.67 18.62 10.68
C SER C 260 8.29 19.81 9.95
N ILE C 261 8.62 19.60 8.69
CA ILE C 261 9.24 20.61 7.84
C ILE C 261 8.65 20.46 6.44
N MET C 262 8.57 21.57 5.72
CA MET C 262 8.04 21.60 4.37
C MET C 262 8.80 22.64 3.54
N ARG C 263 9.07 22.29 2.29
CA ARG C 263 9.64 23.20 1.29
C ARG C 263 8.49 23.87 0.58
N SER C 264 8.42 25.20 0.66
CA SER C 264 7.35 25.97 0.05
C SER C 264 7.75 27.43 -0.08
N ASP C 265 7.28 28.06 -1.15
CA ASP C 265 7.41 29.50 -1.32
C ASP C 265 6.08 30.24 -1.16
N ALA C 266 5.04 29.57 -0.66
CA ALA C 266 3.76 30.21 -0.41
C ALA C 266 3.89 31.22 0.73
N PRO C 267 3.29 32.39 0.57
CA PRO C 267 3.35 33.34 1.70
C PRO C 267 2.49 32.86 2.87
N ILE C 268 2.86 33.27 4.09
CA ILE C 268 2.08 32.98 5.29
C ILE C 268 1.08 34.11 5.49
N ASP C 269 -0.15 33.76 5.87
CA ASP C 269 -1.26 34.71 6.02
C ASP C 269 -2.00 34.44 7.33
N THR C 270 -2.79 35.42 7.78
CA THR C 270 -3.63 35.26 8.96
C THR C 270 -4.96 34.61 8.58
N CYS C 271 -5.09 33.35 8.91
CA CYS C 271 -6.30 32.56 8.64
C CYS C 271 -6.18 31.23 9.40
N ILE C 272 -7.21 30.41 9.35
CA ILE C 272 -7.27 29.14 10.05
C ILE C 272 -7.46 28.04 9.01
N SER C 273 -6.50 27.13 8.95
CA SER C 273 -6.65 25.90 8.16
C SER C 273 -5.86 24.73 8.77
N GLU C 274 -6.56 23.63 9.03
CA GLU C 274 -5.94 22.41 9.54
C GLU C 274 -4.92 21.84 8.56
N CYS C 275 -5.22 21.87 7.27
CA CYS C 275 -4.39 21.21 6.26
C CYS C 275 -3.49 22.19 5.52
N ILE C 276 -2.20 21.84 5.42
CA ILE C 276 -1.20 22.64 4.73
C ILE C 276 -0.55 21.82 3.62
N THR C 277 -0.37 22.45 2.46
CA THR C 277 0.40 21.90 1.35
C THR C 277 1.42 22.96 0.93
N PRO C 278 2.43 22.56 0.13
CA PRO C 278 3.38 23.53 -0.40
C PRO C 278 2.76 24.62 -1.28
N ASN C 279 1.61 24.30 -1.89
CA ASN C 279 0.85 25.26 -2.69
C ASN C 279 0.09 26.25 -1.84
N GLY C 280 -0.01 25.97 -0.55
CA GLY C 280 -0.85 26.72 0.36
C GLY C 280 -1.78 25.79 1.13
N SER C 281 -2.49 26.38 2.07
CA SER C 281 -3.51 25.67 2.83
C SER C 281 -4.64 25.24 1.94
N ILE C 282 -5.27 24.11 2.29
CA ILE C 282 -6.49 23.67 1.60
C ILE C 282 -7.56 23.31 2.62
N PRO C 283 -8.84 23.46 2.24
CA PRO C 283 -9.91 22.94 3.12
C PRO C 283 -9.85 21.43 3.24
N ASN C 284 -10.39 20.90 4.33
CA ASN C 284 -10.42 19.46 4.58
C ASN C 284 -11.83 18.87 4.76
N ASP C 285 -12.85 19.53 4.20
CA ASP C 285 -14.22 18.96 4.19
C ASP C 285 -14.35 17.77 3.23
N LYS C 286 -13.56 17.72 2.16
CA LYS C 286 -13.62 16.61 1.21
C LYS C 286 -12.66 15.49 1.61
N PRO C 287 -12.98 14.22 1.27
CA PRO C 287 -12.11 13.11 1.67
C PRO C 287 -10.84 12.97 0.83
N PHE C 288 -10.86 13.50 -0.40
CA PHE C 288 -9.71 13.40 -1.30
C PHE C 288 -9.24 14.77 -1.76
N GLN C 289 -7.98 14.82 -2.19
CA GLN C 289 -7.41 16.02 -2.73
C GLN C 289 -6.38 15.68 -3.81
N ASN C 290 -6.24 16.63 -4.73
CA ASN C 290 -5.37 16.51 -5.91
C ASN C 290 -4.38 17.67 -5.98
N VAL C 291 -4.21 18.38 -4.87
CA VAL C 291 -3.40 19.58 -4.87
C VAL C 291 -1.94 19.18 -4.78
N ASN C 292 -1.59 18.34 -3.80
CA ASN C 292 -0.20 17.96 -3.61
C ASN C 292 -0.12 16.76 -2.71
N LYS C 293 0.75 15.83 -3.08
CA LYS C 293 0.99 14.64 -2.28
C LYS C 293 1.73 14.97 -0.98
N ILE C 294 2.42 16.11 -0.94
CA ILE C 294 3.01 16.59 0.28
C ILE C 294 1.95 17.35 1.04
N THR C 295 1.63 16.87 2.24
CA THR C 295 0.70 17.56 3.13
C THR C 295 1.15 17.48 4.58
N TYR C 296 0.58 18.36 5.38
CA TYR C 296 0.78 18.43 6.82
C TYR C 296 -0.56 18.78 7.47
N GLY C 297 -0.96 17.99 8.46
CA GLY C 297 -2.16 18.23 9.24
C GLY C 297 -3.32 17.31 8.90
N ALA C 298 -4.51 17.68 9.36
CA ALA C 298 -5.72 16.92 9.05
C ALA C 298 -6.11 17.23 7.60
N CYS C 299 -5.75 16.31 6.70
CA CYS C 299 -5.81 16.54 5.27
C CYS C 299 -6.61 15.48 4.54
N PRO C 300 -7.31 15.86 3.45
CA PRO C 300 -7.80 14.84 2.53
C PRO C 300 -6.64 14.01 1.98
N LYS C 301 -6.93 12.77 1.59
CA LYS C 301 -5.92 11.89 1.05
C LYS C 301 -5.64 12.25 -0.40
N TYR C 302 -4.37 12.23 -0.80
CA TYR C 302 -4.00 12.54 -2.17
C TYR C 302 -4.42 11.43 -3.14
N VAL C 303 -5.08 11.83 -4.23
CA VAL C 303 -5.43 10.96 -5.33
C VAL C 303 -5.05 11.63 -6.65
N LYS C 304 -5.00 10.84 -7.72
CA LYS C 304 -4.63 11.35 -9.04
C LYS C 304 -5.78 12.03 -9.75
N GLN C 305 -7.01 11.65 -9.43
CA GLN C 305 -8.16 12.23 -10.10
C GLN C 305 -8.31 13.69 -9.68
N ASN C 306 -8.64 14.57 -10.62
CA ASN C 306 -8.92 15.96 -10.28
C ASN C 306 -10.40 16.24 -9.99
N THR C 307 -11.28 15.27 -10.28
CA THR C 307 -12.66 15.35 -9.86
C THR C 307 -13.24 13.95 -9.63
N LEU C 308 -14.07 13.82 -8.60
CA LEU C 308 -14.87 12.64 -8.38
C LEU C 308 -16.19 13.06 -7.78
N LYS C 309 -17.26 12.78 -8.51
CA LYS C 309 -18.60 13.21 -8.15
C LYS C 309 -19.35 12.10 -7.42
N LEU C 310 -19.84 12.41 -6.24
CA LEU C 310 -20.71 11.51 -5.50
C LEU C 310 -22.13 11.97 -5.80
N ALA C 311 -22.92 11.09 -6.40
CA ALA C 311 -24.31 11.37 -6.70
C ALA C 311 -25.06 11.65 -5.41
N THR C 312 -25.80 12.76 -5.39
CA THR C 312 -26.64 13.14 -4.26
C THR C 312 -28.13 13.18 -4.66
N GLY C 313 -28.45 12.52 -5.76
CA GLY C 313 -29.82 12.47 -6.24
C GLY C 313 -30.04 11.36 -7.22
N MET C 314 -31.30 11.18 -7.59
CA MET C 314 -31.70 10.17 -8.57
C MET C 314 -31.22 10.46 -9.98
N ARG C 315 -31.39 9.46 -10.84
CA ARG C 315 -31.24 9.59 -12.29
C ARG C 315 -32.12 10.71 -12.86
N ASN C 316 -31.52 11.60 -13.64
CA ASN C 316 -32.24 12.73 -14.21
C ASN C 316 -32.76 12.39 -15.60
N VAL C 317 -34.09 12.36 -15.73
CA VAL C 317 -34.79 12.02 -16.97
C VAL C 317 -35.69 13.21 -17.28
N PRO C 318 -35.18 14.21 -18.02
CA PRO C 318 -35.96 15.44 -18.24
C PRO C 318 -37.11 15.31 -19.24
N GLU C 319 -37.86 16.43 -19.33
CA GLU C 319 -38.97 16.75 -20.29
C GLU C 319 -40.28 16.87 -19.53
N GLY D 1 -32.10 1.56 -13.59
CA GLY D 1 -32.00 0.95 -12.23
C GLY D 1 -32.60 -0.44 -12.09
N LEU D 2 -32.30 -1.08 -10.97
CA LEU D 2 -32.72 -2.46 -10.73
C LEU D 2 -34.24 -2.67 -10.68
N PHE D 3 -34.98 -1.64 -10.31
CA PHE D 3 -36.44 -1.72 -10.19
C PHE D 3 -37.21 -1.31 -11.44
N GLY D 4 -36.55 -0.60 -12.36
CA GLY D 4 -37.15 -0.28 -13.65
C GLY D 4 -38.28 0.73 -13.63
N ALA D 5 -38.35 1.58 -12.60
CA ALA D 5 -39.33 2.65 -12.56
C ALA D 5 -38.73 3.90 -13.19
N ILE D 6 -37.72 4.46 -12.52
CA ILE D 6 -37.06 5.68 -12.97
C ILE D 6 -36.26 5.32 -14.22
N ALA D 7 -36.46 6.10 -15.29
CA ALA D 7 -35.95 5.76 -16.63
C ALA D 7 -36.41 4.35 -17.06
N GLY D 8 -37.59 3.95 -16.62
CA GLY D 8 -38.15 2.65 -16.94
C GLY D 8 -39.61 2.83 -17.33
N PHE D 9 -40.53 2.28 -16.53
CA PHE D 9 -41.96 2.36 -16.86
C PHE D 9 -42.55 3.76 -16.65
N ILE D 10 -41.93 4.55 -15.78
CA ILE D 10 -42.17 5.99 -15.73
C ILE D 10 -41.26 6.61 -16.78
N GLU D 11 -41.88 7.19 -17.81
CA GLU D 11 -41.17 7.63 -19.00
C GLU D 11 -40.18 8.74 -18.74
N ASN D 12 -40.56 9.70 -17.89
CA ASN D 12 -39.66 10.77 -17.52
C ASN D 12 -40.05 11.42 -16.21
N GLY D 13 -39.18 12.31 -15.76
CA GLY D 13 -39.41 13.10 -14.58
C GLY D 13 -40.18 14.38 -14.83
N TRP D 14 -40.50 15.05 -13.74
CA TRP D 14 -41.29 16.28 -13.75
C TRP D 14 -40.42 17.45 -13.31
N GLU D 15 -40.01 18.29 -14.25
CA GLU D 15 -39.31 19.54 -13.92
C GLU D 15 -40.15 20.48 -13.05
N GLY D 16 -41.47 20.45 -13.25
CA GLY D 16 -42.42 21.22 -12.47
C GLY D 16 -42.45 20.93 -10.98
N MET D 17 -42.17 19.68 -10.59
CA MET D 17 -42.21 19.32 -9.17
C MET D 17 -40.96 19.80 -8.44
N ILE D 18 -41.11 20.92 -7.74
CA ILE D 18 -39.98 21.59 -7.06
C ILE D 18 -40.03 21.46 -5.53
N ASP D 19 -41.11 20.92 -4.99
CA ASP D 19 -41.31 20.80 -3.53
C ASP D 19 -41.11 19.36 -3.03
N GLY D 20 -40.64 18.48 -3.90
CA GLY D 20 -40.35 17.10 -3.53
C GLY D 20 -39.68 16.31 -4.63
N TRP D 21 -39.26 15.10 -4.28
CA TRP D 21 -38.54 14.19 -5.19
C TRP D 21 -39.45 13.20 -5.89
N TYR D 22 -40.49 12.77 -5.19
CA TYR D 22 -41.52 11.89 -5.73
C TYR D 22 -42.90 12.50 -5.43
N GLY D 23 -43.89 12.16 -6.25
CA GLY D 23 -45.25 12.57 -5.97
C GLY D 23 -46.31 12.18 -6.98
N PHE D 24 -47.41 12.94 -6.93
CA PHE D 24 -48.66 12.60 -7.58
C PHE D 24 -49.09 13.67 -8.59
N ARG D 25 -49.59 13.21 -9.73
CA ARG D 25 -50.38 14.05 -10.64
C ARG D 25 -51.72 13.37 -10.91
N HIS D 26 -52.79 14.17 -10.93
CA HIS D 26 -54.13 13.63 -11.13
C HIS D 26 -54.91 14.39 -12.20
N GLN D 27 -55.89 13.70 -12.78
CA GLN D 27 -57.02 14.34 -13.45
C GLN D 27 -58.32 13.74 -12.93
N ASN D 28 -59.23 14.61 -12.52
CA ASN D 28 -60.57 14.21 -12.07
C ASN D 28 -61.61 15.18 -12.65
N SER D 29 -62.85 15.11 -12.18
CA SER D 29 -63.91 16.03 -12.60
C SER D 29 -63.57 17.51 -12.33
N GLU D 30 -62.96 17.81 -11.17
CA GLU D 30 -62.60 19.20 -10.79
C GLU D 30 -61.33 19.81 -11.47
N GLY D 31 -60.62 19.04 -12.29
CA GLY D 31 -59.44 19.54 -13.03
C GLY D 31 -58.19 18.71 -12.78
N THR D 32 -57.02 19.33 -12.97
CA THR D 32 -55.72 18.67 -12.72
C THR D 32 -54.93 19.35 -11.62
N GLY D 33 -54.01 18.59 -11.04
CA GLY D 33 -53.16 19.09 -9.95
C GLY D 33 -51.93 18.23 -9.71
N GLN D 34 -51.09 18.69 -8.81
CA GLN D 34 -49.80 18.07 -8.53
C GLN D 34 -49.44 18.24 -7.05
N ALA D 35 -49.00 17.16 -6.41
CA ALA D 35 -48.53 17.22 -5.02
C ALA D 35 -47.34 16.29 -4.78
N ALA D 36 -46.35 16.80 -4.04
CA ALA D 36 -45.19 16.00 -3.64
C ALA D 36 -45.58 15.03 -2.54
N ASP D 37 -45.01 13.82 -2.58
CA ASP D 37 -45.10 12.88 -1.46
C ASP D 37 -43.88 13.09 -0.56
N LEU D 38 -44.13 13.38 0.71
CA LEU D 38 -43.06 13.79 1.63
C LEU D 38 -42.30 12.61 2.21
N LYS D 39 -42.98 11.48 2.43
CA LYS D 39 -42.36 10.32 3.09
C LYS D 39 -41.36 9.59 2.19
N SER D 40 -41.71 9.40 0.92
CA SER D 40 -40.80 8.82 -0.07
C SER D 40 -39.61 9.76 -0.31
N THR D 41 -39.89 11.04 -0.48
CA THR D 41 -38.85 12.05 -0.66
C THR D 41 -37.86 12.02 0.50
N GLN D 42 -38.37 12.01 1.72
CA GLN D 42 -37.51 12.03 2.91
C GLN D 42 -36.72 10.73 3.08
N ALA D 43 -37.33 9.59 2.78
CA ALA D 43 -36.64 8.29 2.82
C ALA D 43 -35.39 8.26 1.92
N ALA D 44 -35.53 8.81 0.72
CA ALA D 44 -34.42 8.90 -0.23
C ALA D 44 -33.35 9.87 0.26
N ILE D 45 -33.77 11.07 0.66
CA ILE D 45 -32.86 12.11 1.14
C ILE D 45 -32.12 11.65 2.40
N ASP D 46 -32.84 11.07 3.35
CA ASP D 46 -32.20 10.57 4.58
C ASP D 46 -31.11 9.53 4.28
N GLN D 47 -31.38 8.62 3.34
CA GLN D 47 -30.39 7.61 2.95
C GLN D 47 -29.18 8.23 2.26
N ILE D 48 -29.40 9.24 1.43
CA ILE D 48 -28.31 9.90 0.71
C ILE D 48 -27.46 10.75 1.67
N ASN D 49 -28.12 11.45 2.59
CA ASN D 49 -27.42 12.15 3.67
C ASN D 49 -26.57 11.22 4.49
N GLY D 50 -27.14 10.05 4.81
CA GLY D 50 -26.45 9.02 5.56
C GLY D 50 -25.13 8.64 4.90
N LYS D 51 -25.19 8.28 3.62
CA LYS D 51 -23.98 7.87 2.89
C LYS D 51 -23.00 9.04 2.67
N LEU D 52 -23.53 10.22 2.38
CA LEU D 52 -22.72 11.44 2.30
C LEU D 52 -21.90 11.64 3.59
N ASN D 53 -22.55 11.60 4.75
CA ASN D 53 -21.85 11.79 6.02
C ASN D 53 -20.81 10.70 6.33
N ARG D 54 -21.07 9.48 5.91
CA ARG D 54 -20.08 8.39 6.03
C ARG D 54 -18.84 8.64 5.16
N VAL D 55 -19.07 9.11 3.94
CA VAL D 55 -17.98 9.40 2.99
C VAL D 55 -17.13 10.62 3.38
N ILE D 56 -17.75 11.70 3.84
CA ILE D 56 -17.00 12.92 4.21
C ILE D 56 -16.54 12.95 5.68
N GLU D 57 -16.50 11.76 6.28
CA GLU D 57 -16.08 11.58 7.65
C GLU D 57 -14.56 11.65 7.70
N LYS D 58 -14.02 12.75 8.25
CA LYS D 58 -12.56 12.92 8.42
C LYS D 58 -11.96 11.72 9.17
N THR D 59 -11.04 11.00 8.51
CA THR D 59 -10.35 9.85 9.12
C THR D 59 -8.85 10.07 9.41
N ASN D 60 -8.15 10.92 8.63
CA ASN D 60 -6.68 10.97 8.72
C ASN D 60 -6.05 12.35 8.94
N GLU D 61 -5.11 12.35 9.89
CA GLU D 61 -4.29 13.47 10.25
C GLU D 61 -2.85 12.94 10.32
N LYS D 62 -1.95 13.51 9.51
CA LYS D 62 -0.56 13.06 9.39
C LYS D 62 0.37 14.25 9.59
N PHE D 63 1.52 14.00 10.22
CA PHE D 63 2.46 15.05 10.55
C PHE D 63 3.78 14.81 9.81
N HIS D 64 4.86 14.46 10.51
CA HIS D 64 6.10 14.13 9.84
C HIS D 64 5.98 12.80 9.07
N GLN D 65 6.35 12.83 7.79
CA GLN D 65 6.21 11.68 6.90
C GLN D 65 7.57 11.46 6.20
N ILE D 66 7.56 10.97 4.98
CA ILE D 66 8.79 10.88 4.18
C ILE D 66 8.81 12.04 3.19
N GLU D 67 10.00 12.34 2.67
CA GLU D 67 10.14 13.30 1.61
C GLU D 67 9.61 12.69 0.33
N LYS D 68 9.04 13.54 -0.52
CA LYS D 68 8.36 13.12 -1.74
C LYS D 68 8.83 13.81 -3.01
N GLU D 69 9.72 14.80 -2.86
CA GLU D 69 10.39 15.46 -3.98
C GLU D 69 11.85 15.54 -3.59
N PHE D 70 12.72 15.51 -4.59
CA PHE D 70 14.16 15.37 -4.37
C PHE D 70 14.91 16.23 -5.36
N SER D 71 15.88 16.98 -4.87
CA SER D 71 16.63 17.90 -5.70
C SER D 71 17.86 17.24 -6.32
N GLU D 72 18.33 16.11 -5.80
CA GLU D 72 19.47 15.38 -6.35
C GLU D 72 19.12 13.91 -6.67
N VAL D 73 19.86 13.36 -7.62
CA VAL D 73 19.81 11.94 -7.96
C VAL D 73 20.57 11.17 -6.88
N GLU D 74 19.93 10.13 -6.34
CA GLU D 74 20.55 9.31 -5.28
C GLU D 74 20.59 7.81 -5.53
N GLY D 75 19.63 7.30 -6.29
CA GLY D 75 19.58 5.88 -6.57
C GLY D 75 18.64 5.15 -5.61
N ARG D 76 19.16 4.07 -5.04
CA ARG D 76 18.37 3.02 -4.39
C ARG D 76 17.34 3.50 -3.35
N ILE D 77 17.81 4.26 -2.37
CA ILE D 77 16.94 4.72 -1.29
C ILE D 77 15.83 5.64 -1.82
N GLN D 78 16.19 6.54 -2.73
CA GLN D 78 15.22 7.43 -3.34
C GLN D 78 14.26 6.66 -4.22
N ASP D 79 14.75 5.66 -4.96
CA ASP D 79 13.87 4.83 -5.80
C ASP D 79 12.78 4.23 -4.90
N LEU D 80 13.18 3.76 -3.73
CA LEU D 80 12.25 3.13 -2.80
C LEU D 80 11.24 4.13 -2.22
N GLU D 81 11.74 5.30 -1.81
CA GLU D 81 10.87 6.36 -1.29
C GLU D 81 9.80 6.75 -2.31
N LYS D 82 10.20 6.93 -3.56
CA LYS D 82 9.24 7.29 -4.62
C LYS D 82 8.26 6.19 -4.89
N TYR D 83 8.77 4.97 -4.94
CA TYR D 83 7.93 3.81 -5.22
C TYR D 83 6.92 3.58 -4.12
N VAL D 84 7.35 3.76 -2.87
CA VAL D 84 6.40 3.67 -1.74
C VAL D 84 5.25 4.67 -1.93
N GLU D 85 5.57 5.92 -2.24
CA GLU D 85 4.55 6.96 -2.37
C GLU D 85 3.65 6.73 -3.60
N ASP D 86 4.27 6.40 -4.72
CA ASP D 86 3.53 6.11 -5.93
C ASP D 86 2.55 4.93 -5.71
N THR D 87 3.01 3.89 -5.03
CA THR D 87 2.17 2.71 -4.71
C THR D 87 0.94 3.11 -3.90
N LYS D 88 1.19 3.92 -2.88
CA LYS D 88 0.16 4.43 -2.01
C LYS D 88 -0.85 5.22 -2.77
N ILE D 89 -0.39 6.16 -3.57
CA ILE D 89 -1.27 7.07 -4.32
C ILE D 89 -2.18 6.28 -5.27
N ASP D 90 -1.62 5.26 -5.92
CA ASP D 90 -2.42 4.45 -6.84
C ASP D 90 -3.47 3.65 -6.09
N LEU D 91 -3.12 3.09 -4.94
CA LEU D 91 -4.09 2.35 -4.15
C LEU D 91 -5.23 3.24 -3.63
N TRP D 92 -4.88 4.44 -3.18
CA TRP D 92 -5.89 5.41 -2.76
C TRP D 92 -6.73 5.90 -3.93
N SER D 93 -6.10 6.13 -5.08
CA SER D 93 -6.83 6.57 -6.28
C SER D 93 -7.84 5.49 -6.69
N TYR D 94 -7.42 4.23 -6.64
CA TYR D 94 -8.31 3.11 -6.90
C TYR D 94 -9.46 3.07 -5.89
N ASN D 95 -9.16 3.20 -4.61
CA ASN D 95 -10.20 3.18 -3.59
C ASN D 95 -11.24 4.23 -3.88
N ALA D 96 -10.79 5.43 -4.25
CA ALA D 96 -11.69 6.55 -4.51
C ALA D 96 -12.57 6.29 -5.72
N GLU D 97 -11.99 5.72 -6.78
CA GLU D 97 -12.72 5.40 -8.01
C GLU D 97 -13.79 4.34 -7.73
N LEU D 98 -13.39 3.28 -7.05
CA LEU D 98 -14.33 2.23 -6.67
C LEU D 98 -15.44 2.76 -5.76
N LEU D 99 -15.07 3.55 -4.77
CA LEU D 99 -16.05 4.07 -3.81
C LEU D 99 -17.15 4.81 -4.54
N VAL D 100 -16.78 5.76 -5.39
CA VAL D 100 -17.84 6.55 -6.06
C VAL D 100 -18.67 5.68 -6.99
N ALA D 101 -18.04 4.74 -7.69
CA ALA D 101 -18.74 3.87 -8.62
C ALA D 101 -19.81 3.05 -7.87
N LEU D 102 -19.42 2.43 -6.76
CA LEU D 102 -20.35 1.63 -5.95
C LEU D 102 -21.43 2.48 -5.31
N GLU D 103 -21.02 3.60 -4.73
CA GLU D 103 -21.95 4.54 -4.10
C GLU D 103 -23.00 5.02 -5.11
N ASN D 104 -22.56 5.38 -6.31
CA ASN D 104 -23.46 5.97 -7.30
C ASN D 104 -24.43 4.97 -7.90
N GLN D 105 -23.96 3.76 -8.20
CA GLN D 105 -24.84 2.67 -8.64
C GLN D 105 -25.93 2.42 -7.62
N HIS D 106 -25.53 2.36 -6.34
CA HIS D 106 -26.43 2.13 -5.24
C HIS D 106 -27.40 3.31 -5.05
N THR D 107 -26.93 4.53 -5.21
CA THR D 107 -27.79 5.72 -5.10
C THR D 107 -28.86 5.73 -6.19
N ILE D 108 -28.48 5.40 -7.42
CA ILE D 108 -29.45 5.28 -8.52
C ILE D 108 -30.46 4.18 -8.21
N ASP D 109 -29.97 3.03 -7.77
CA ASP D 109 -30.87 1.90 -7.44
C ASP D 109 -31.79 2.19 -6.27
N LEU D 110 -31.32 2.92 -5.26
CA LEU D 110 -32.17 3.16 -4.08
C LEU D 110 -33.23 4.22 -4.37
N THR D 111 -32.92 5.19 -5.22
CA THR D 111 -33.91 6.18 -5.62
C THR D 111 -34.97 5.57 -6.52
N ASP D 112 -34.54 4.72 -7.45
CA ASP D 112 -35.42 3.88 -8.28
C ASP D 112 -36.33 3.00 -7.40
N SER D 113 -35.73 2.40 -6.37
CA SER D 113 -36.45 1.61 -5.39
C SER D 113 -37.54 2.39 -4.63
N GLU D 114 -37.25 3.61 -4.20
CA GLU D 114 -38.23 4.40 -3.43
C GLU D 114 -39.42 4.81 -4.29
N MET D 115 -39.17 5.12 -5.57
CA MET D 115 -40.23 5.37 -6.56
C MET D 115 -41.13 4.15 -6.65
N ASN D 116 -40.51 2.99 -6.83
CA ASN D 116 -41.25 1.71 -6.88
C ASN D 116 -42.04 1.42 -5.60
N LYS D 117 -41.45 1.66 -4.43
CA LYS D 117 -42.16 1.48 -3.15
C LYS D 117 -43.43 2.32 -3.09
N LEU D 118 -43.31 3.59 -3.49
CA LEU D 118 -44.46 4.49 -3.48
C LEU D 118 -45.54 4.02 -4.44
N PHE D 119 -45.10 3.58 -5.62
CA PHE D 119 -46.03 3.04 -6.62
C PHE D 119 -46.79 1.80 -6.13
N GLU D 120 -46.08 0.85 -5.52
CA GLU D 120 -46.70 -0.40 -5.03
C GLU D 120 -47.64 -0.15 -3.84
N LYS D 121 -47.28 0.83 -3.00
CA LYS D 121 -48.07 1.24 -1.86
C LYS D 121 -49.41 1.85 -2.27
N THR D 122 -49.35 2.71 -3.29
CA THR D 122 -50.54 3.35 -3.86
C THR D 122 -51.44 2.28 -4.50
N GLY D 123 -50.83 1.44 -5.33
CA GLY D 123 -51.53 0.28 -5.92
C GLY D 123 -52.30 -0.53 -4.89
N ARG D 124 -51.64 -0.88 -3.80
CA ARG D 124 -52.27 -1.62 -2.69
C ARG D 124 -53.39 -0.86 -2.01
N GLN D 125 -53.21 0.44 -1.85
CA GLN D 125 -54.22 1.32 -1.28
C GLN D 125 -55.54 1.21 -2.05
N LEU D 126 -55.44 1.32 -3.38
CA LEU D 126 -56.59 1.36 -4.26
C LEU D 126 -57.33 0.01 -4.44
N ARG D 127 -56.71 -1.09 -4.01
CA ARG D 127 -57.34 -2.42 -4.02
C ARG D 127 -57.97 -2.70 -5.39
N GLU D 128 -59.29 -2.96 -5.46
CA GLU D 128 -59.94 -3.31 -6.72
C GLU D 128 -60.61 -2.12 -7.38
N ASN D 129 -60.40 -0.93 -6.83
CA ASN D 129 -61.04 0.28 -7.34
C ASN D 129 -60.22 0.99 -8.43
N ALA D 130 -59.06 0.43 -8.80
CA ALA D 130 -58.22 1.01 -9.84
C ALA D 130 -57.42 -0.04 -10.58
N GLU D 131 -56.82 0.36 -11.71
CA GLU D 131 -55.96 -0.50 -12.50
C GLU D 131 -54.70 0.22 -12.97
N ASP D 132 -53.61 -0.56 -13.02
CA ASP D 132 -52.30 -0.09 -13.46
C ASP D 132 -52.26 0.04 -15.00
N MET D 133 -52.24 1.28 -15.50
CA MET D 133 -52.10 1.54 -16.94
C MET D 133 -50.72 1.15 -17.49
N GLY D 134 -49.71 0.99 -16.63
CA GLY D 134 -48.40 0.49 -17.03
C GLY D 134 -47.31 1.55 -17.24
N ASN D 135 -47.69 2.82 -17.09
CA ASN D 135 -46.81 3.97 -17.30
C ASN D 135 -46.66 4.78 -16.00
N GLY D 136 -46.85 4.11 -14.86
CA GLY D 136 -46.91 4.76 -13.57
C GLY D 136 -48.22 5.44 -13.23
N CYS D 137 -49.26 5.21 -14.02
CA CYS D 137 -50.58 5.82 -13.79
C CYS D 137 -51.64 4.79 -13.51
N PHE D 138 -52.46 5.07 -12.50
CA PHE D 138 -53.66 4.26 -12.21
C PHE D 138 -54.89 4.92 -12.80
N LYS D 139 -55.65 4.17 -13.59
CA LYS D 139 -57.00 4.59 -13.95
C LYS D 139 -57.89 4.20 -12.77
N ILE D 140 -58.48 5.21 -12.13
CA ILE D 140 -59.39 5.01 -11.01
C ILE D 140 -60.81 4.95 -11.59
N TYR D 141 -61.55 3.91 -11.19
CA TYR D 141 -62.84 3.57 -11.81
C TYR D 141 -64.04 4.07 -10.99
N HIS D 142 -63.93 5.28 -10.44
CA HIS D 142 -65.02 5.91 -9.72
C HIS D 142 -64.77 7.42 -9.67
N LYS D 143 -65.78 8.16 -9.22
CA LYS D 143 -65.68 9.62 -9.07
C LYS D 143 -64.75 9.89 -7.89
N CYS D 144 -63.64 10.58 -8.16
CA CYS D 144 -62.67 10.92 -7.13
C CYS D 144 -62.39 12.42 -7.16
N ASP D 145 -63.27 13.15 -6.48
CA ASP D 145 -63.13 14.59 -6.23
C ASP D 145 -61.85 14.91 -5.44
N ASN D 146 -61.46 16.18 -5.40
CA ASN D 146 -60.20 16.59 -4.76
C ASN D 146 -60.01 16.03 -3.34
N ALA D 147 -61.08 16.00 -2.55
CA ALA D 147 -61.07 15.40 -1.21
C ALA D 147 -60.65 13.93 -1.24
N CYS D 148 -61.15 13.21 -2.24
CA CYS D 148 -60.82 11.80 -2.46
C CYS D 148 -59.36 11.61 -2.88
N ILE D 149 -58.88 12.47 -3.77
CA ILE D 149 -57.48 12.41 -4.23
C ILE D 149 -56.54 12.67 -3.05
N GLU D 150 -56.78 13.77 -2.33
CA GLU D 150 -56.00 14.10 -1.12
C GLU D 150 -56.06 12.95 -0.10
N SER D 151 -57.18 12.23 -0.04
CA SER D 151 -57.30 11.03 0.82
C SER D 151 -56.33 9.91 0.43
N ILE D 152 -56.16 9.69 -0.88
CA ILE D 152 -55.19 8.71 -1.38
C ILE D 152 -53.78 9.16 -1.04
N ARG D 153 -53.52 10.46 -1.20
CA ARG D 153 -52.19 11.02 -0.95
C ARG D 153 -51.81 11.06 0.52
N ASN D 154 -52.73 11.47 1.40
CA ASN D 154 -52.45 11.51 2.85
C ASN D 154 -52.81 10.23 3.63
N GLY D 155 -53.07 9.13 2.91
CA GLY D 155 -53.17 7.81 3.50
C GLY D 155 -54.49 7.40 4.15
N THR D 156 -55.56 8.15 3.91
CA THR D 156 -56.86 7.93 4.57
C THR D 156 -57.93 7.22 3.72
N TYR D 157 -57.79 7.27 2.39
CA TYR D 157 -58.70 6.61 1.42
C TYR D 157 -59.17 5.21 1.86
N ASP D 158 -60.45 5.12 2.22
CA ASP D 158 -61.09 3.83 2.49
C ASP D 158 -61.62 3.32 1.16
N HIS D 159 -61.07 2.22 0.66
CA HIS D 159 -61.49 1.66 -0.62
C HIS D 159 -62.90 1.03 -0.57
N ASP D 160 -63.36 0.59 0.61
CA ASP D 160 -64.69 -0.02 0.72
C ASP D 160 -65.81 0.97 0.38
N VAL D 161 -65.59 2.26 0.64
CA VAL D 161 -66.55 3.33 0.29
C VAL D 161 -66.92 3.32 -1.20
N TYR D 162 -65.91 3.19 -2.06
CA TYR D 162 -66.09 3.31 -3.52
C TYR D 162 -66.08 1.96 -4.27
N ARG D 163 -66.00 0.85 -3.55
CA ARG D 163 -65.78 -0.47 -4.17
C ARG D 163 -66.92 -0.88 -5.12
N ASP D 164 -68.15 -0.88 -4.61
CA ASP D 164 -69.35 -1.19 -5.42
C ASP D 164 -69.35 -0.35 -6.71
N GLU D 165 -69.24 0.96 -6.53
CA GLU D 165 -69.18 1.89 -7.65
C GLU D 165 -68.12 1.46 -8.67
N ALA D 166 -66.91 1.17 -8.19
CA ALA D 166 -65.77 0.89 -9.07
C ALA D 166 -65.80 -0.48 -9.74
N LEU D 167 -66.11 -1.52 -8.97
CA LEU D 167 -66.30 -2.87 -9.53
C LEU D 167 -67.30 -2.88 -10.69
N ASN D 168 -68.35 -2.07 -10.58
CA ASN D 168 -69.35 -1.91 -11.63
C ASN D 168 -68.77 -1.35 -12.94
N ASN D 169 -68.07 -0.23 -12.83
CA ASN D 169 -67.41 0.42 -13.98
C ASN D 169 -66.33 -0.43 -14.64
N ARG D 170 -65.66 -1.28 -13.85
CA ARG D 170 -64.62 -2.17 -14.37
C ARG D 170 -65.19 -3.35 -15.15
N PHE D 171 -66.31 -3.91 -14.69
CA PHE D 171 -66.91 -5.12 -15.27
C PHE D 171 -68.35 -4.87 -15.72
N PRO E 3 -68.13 -14.82 6.41
CA PRO E 3 -66.78 -14.73 6.97
C PRO E 3 -65.78 -15.59 6.19
N GLY E 4 -64.56 -15.09 6.02
CA GLY E 4 -63.51 -15.78 5.27
C GLY E 4 -62.28 -16.14 6.09
N ALA E 5 -61.12 -15.59 5.71
CA ALA E 5 -59.86 -15.85 6.41
C ALA E 5 -58.80 -14.79 6.12
N THR E 6 -57.83 -14.68 7.03
CA THR E 6 -56.69 -13.76 6.91
C THR E 6 -55.38 -14.55 7.00
N LEU E 7 -54.45 -14.30 6.07
CA LEU E 7 -53.11 -14.92 6.09
C LEU E 7 -52.05 -13.84 6.00
N CYS E 8 -51.33 -13.65 7.11
CA CYS E 8 -50.27 -12.63 7.21
C CYS E 8 -48.89 -13.24 7.05
N LEU E 9 -48.10 -12.62 6.18
CA LEU E 9 -46.69 -12.94 5.98
C LEU E 9 -45.88 -12.05 6.89
N GLY E 10 -44.81 -12.61 7.46
CA GLY E 10 -43.94 -11.85 8.35
C GLY E 10 -42.59 -12.47 8.58
N HIS E 11 -41.83 -11.83 9.46
CA HIS E 11 -40.46 -12.21 9.76
C HIS E 11 -40.22 -12.11 11.25
N HIS E 12 -39.15 -12.74 11.71
CA HIS E 12 -38.85 -12.77 13.14
C HIS E 12 -38.22 -11.48 13.62
N ALA E 13 -38.18 -11.34 14.94
CA ALA E 13 -37.45 -10.29 15.61
C ALA E 13 -36.92 -10.84 16.92
N VAL E 14 -36.03 -10.11 17.57
CA VAL E 14 -35.47 -10.53 18.86
C VAL E 14 -35.56 -9.36 19.83
N PRO E 15 -35.50 -9.66 21.15
CA PRO E 15 -35.57 -8.57 22.13
C PRO E 15 -34.29 -7.74 22.20
N ASN E 16 -33.12 -8.39 22.12
CA ASN E 16 -31.83 -7.71 22.17
C ASN E 16 -31.06 -7.86 20.84
N GLY E 17 -31.21 -6.89 19.94
CA GLY E 17 -30.47 -6.86 18.66
C GLY E 17 -29.07 -6.31 18.83
N THR E 18 -28.33 -6.17 17.72
CA THR E 18 -27.00 -5.50 17.72
C THR E 18 -26.92 -4.46 16.60
N LEU E 19 -26.15 -3.41 16.88
CA LEU E 19 -25.94 -2.32 15.94
C LEU E 19 -24.79 -2.63 14.98
N VAL E 20 -25.02 -2.35 13.71
CA VAL E 20 -24.01 -2.48 12.68
C VAL E 20 -23.97 -1.23 11.81
N LYS E 21 -22.92 -1.13 11.01
CA LYS E 21 -22.72 -0.05 10.06
C LYS E 21 -23.05 -0.53 8.66
N THR E 22 -23.57 0.38 7.84
CA THR E 22 -23.92 0.10 6.45
C THR E 22 -23.44 1.24 5.54
N ILE E 23 -23.85 1.24 4.28
CA ILE E 23 -23.59 2.34 3.35
C ILE E 23 -24.33 3.59 3.81
N THR E 24 -25.58 3.42 4.25
CA THR E 24 -26.47 4.55 4.56
C THR E 24 -26.52 4.94 6.03
N ASP E 25 -26.14 4.03 6.93
CA ASP E 25 -26.29 4.24 8.38
C ASP E 25 -25.03 3.88 9.13
N ASP E 26 -24.59 4.79 10.02
CA ASP E 26 -23.57 4.53 11.08
C ASP E 26 -23.90 3.46 12.09
N GLN E 27 -25.19 3.39 12.39
CA GLN E 27 -25.74 2.49 13.38
C GLN E 27 -27.14 2.12 12.93
N ILE E 28 -27.36 0.83 12.70
CA ILE E 28 -28.68 0.31 12.46
C ILE E 28 -28.76 -1.10 13.04
N GLU E 29 -29.92 -1.43 13.59
CA GLU E 29 -30.07 -2.63 14.41
C GLU E 29 -30.44 -3.85 13.57
N VAL E 30 -29.68 -4.93 13.75
CA VAL E 30 -29.98 -6.21 13.13
C VAL E 30 -30.17 -7.28 14.20
N THR E 31 -30.73 -8.42 13.80
CA THR E 31 -31.02 -9.52 14.75
C THR E 31 -29.76 -10.13 15.35
N ASN E 32 -28.66 -10.11 14.60
CA ASN E 32 -27.41 -10.73 15.04
C ASN E 32 -26.23 -10.22 14.20
N ALA E 33 -25.05 -10.29 14.79
CA ALA E 33 -23.81 -9.97 14.09
C ALA E 33 -22.66 -10.75 14.67
N THR E 34 -21.54 -10.74 13.97
CA THR E 34 -20.33 -11.42 14.43
C THR E 34 -19.14 -10.47 14.31
N GLU E 35 -18.20 -10.61 15.25
CA GLU E 35 -17.04 -9.73 15.37
C GLU E 35 -15.92 -10.14 14.39
N LEU E 36 -15.43 -9.18 13.61
CA LEU E 36 -14.34 -9.44 12.64
C LEU E 36 -12.95 -8.98 13.10
N VAL E 37 -12.87 -8.29 14.23
CA VAL E 37 -11.58 -7.80 14.76
C VAL E 37 -11.23 -8.55 16.04
N GLN E 38 -10.12 -9.29 16.01
CA GLN E 38 -9.56 -9.92 17.19
C GLN E 38 -8.90 -8.85 18.04
N SER E 39 -9.39 -8.63 19.25
CA SER E 39 -8.86 -7.59 20.14
C SER E 39 -8.25 -8.09 21.45
N SER E 40 -8.19 -9.40 21.65
CA SER E 40 -7.64 -9.96 22.87
C SER E 40 -6.62 -11.04 22.56
N SER E 41 -5.70 -11.21 23.50
CA SER E 41 -4.68 -12.26 23.49
C SER E 41 -4.73 -12.95 24.84
N THR E 42 -4.26 -14.19 24.88
CA THR E 42 -4.05 -14.89 26.17
C THR E 42 -2.96 -14.26 27.05
N GLY E 43 -2.05 -13.48 26.46
CA GLY E 43 -0.86 -13.00 27.18
C GLY E 43 0.32 -13.98 27.11
N LYS E 44 0.17 -15.08 26.38
CA LYS E 44 1.14 -16.16 26.37
C LYS E 44 1.42 -16.58 24.95
N ILE E 45 2.68 -16.90 24.67
CA ILE E 45 3.11 -17.37 23.35
C ILE E 45 3.03 -18.88 23.34
N CYS E 46 2.19 -19.43 22.47
CA CYS E 46 2.06 -20.86 22.36
C CYS E 46 3.33 -21.49 21.76
N ASN E 47 3.78 -22.58 22.39
CA ASN E 47 4.99 -23.29 21.95
C ASN E 47 4.83 -24.18 20.72
N ASN E 48 3.60 -24.35 20.23
CA ASN E 48 3.32 -25.00 18.95
C ASN E 48 2.39 -24.14 18.08
N PRO E 49 2.44 -24.30 16.74
CA PRO E 49 3.27 -25.28 16.02
C PRO E 49 4.66 -24.78 15.61
N HIS E 50 5.00 -23.53 15.91
CA HIS E 50 6.29 -22.96 15.52
C HIS E 50 7.32 -23.27 16.58
N ARG E 51 8.54 -23.56 16.16
CA ARG E 51 9.67 -23.75 17.08
C ARG E 51 10.06 -22.39 17.69
N ILE E 52 9.69 -22.20 18.96
CA ILE E 52 9.98 -20.95 19.68
C ILE E 52 11.25 -21.11 20.50
N LEU E 53 12.19 -20.19 20.33
CA LEU E 53 13.42 -20.20 21.12
C LEU E 53 13.46 -18.94 21.97
N ASP E 54 13.39 -19.15 23.28
CA ASP E 54 13.45 -18.09 24.25
C ASP E 54 14.90 -17.67 24.45
N GLY E 55 15.23 -16.43 24.12
CA GLY E 55 16.58 -15.91 24.33
C GLY E 55 16.96 -15.73 25.79
N ILE E 56 15.97 -15.72 26.70
CA ILE E 56 16.19 -15.50 28.13
C ILE E 56 17.04 -14.24 28.34
N ASP E 57 18.29 -14.39 28.78
CA ASP E 57 19.21 -13.29 29.09
C ASP E 57 20.01 -12.83 27.88
N CYS E 58 19.73 -13.38 26.69
CA CYS E 58 20.60 -13.21 25.54
C CYS E 58 19.87 -12.62 24.34
N THR E 59 20.47 -11.60 23.73
CA THR E 59 20.09 -11.16 22.40
C THR E 59 20.58 -12.19 21.39
N LEU E 60 19.96 -12.22 20.22
CA LEU E 60 20.44 -13.09 19.14
C LEU E 60 21.90 -12.81 18.82
N ILE E 61 22.28 -11.53 18.81
CA ILE E 61 23.67 -11.19 18.48
C ILE E 61 24.66 -11.74 19.53
N ASP E 62 24.32 -11.65 20.81
CA ASP E 62 25.22 -12.19 21.84
C ASP E 62 25.32 -13.72 21.78
N ALA E 63 24.23 -14.38 21.41
CA ALA E 63 24.27 -15.82 21.17
C ALA E 63 25.14 -16.15 19.95
N LEU E 64 25.01 -15.34 18.90
CA LEU E 64 25.81 -15.50 17.69
C LEU E 64 27.31 -15.40 18.01
N LEU E 65 27.70 -14.32 18.67
CA LEU E 65 29.12 -14.07 18.95
C LEU E 65 29.70 -15.09 19.94
N GLY E 66 28.86 -15.54 20.87
CA GLY E 66 29.28 -16.50 21.87
C GLY E 66 29.73 -15.85 23.16
N ASP E 67 28.97 -14.83 23.59
CA ASP E 67 29.03 -14.29 24.97
C ASP E 67 28.86 -15.49 25.95
N PRO E 68 29.77 -15.67 26.94
CA PRO E 68 29.74 -16.92 27.74
C PRO E 68 28.40 -17.28 28.35
N HIS E 69 27.67 -16.32 28.92
CA HIS E 69 26.33 -16.63 29.47
C HIS E 69 25.30 -17.04 28.42
N CYS E 70 25.65 -16.92 27.13
CA CYS E 70 24.84 -17.36 25.99
C CYS E 70 25.38 -18.61 25.29
N ASP E 71 26.37 -19.27 25.89
CA ASP E 71 26.90 -20.52 25.35
C ASP E 71 25.86 -21.58 25.13
N VAL E 72 24.83 -21.63 25.99
CA VAL E 72 23.73 -22.59 25.85
C VAL E 72 23.04 -22.51 24.48
N PHE E 73 23.12 -21.37 23.81
CA PHE E 73 22.53 -21.19 22.46
C PHE E 73 23.38 -21.69 21.27
N GLN E 74 24.57 -22.23 21.52
CA GLN E 74 25.39 -22.76 20.44
C GLN E 74 24.64 -23.75 19.56
N ASN E 75 24.74 -23.56 18.24
CA ASN E 75 24.07 -24.42 17.24
C ASN E 75 22.55 -24.51 17.34
N GLU E 76 21.90 -23.57 18.02
CA GLU E 76 20.45 -23.60 18.17
C GLU E 76 19.76 -23.22 16.88
N THR E 77 18.51 -23.61 16.75
CA THR E 77 17.68 -23.25 15.60
C THR E 77 16.35 -22.74 16.11
N TRP E 78 15.59 -22.10 15.23
CA TRP E 78 14.30 -21.54 15.60
C TRP E 78 13.47 -21.19 14.38
N ASP E 79 12.16 -21.18 14.58
CA ASP E 79 11.24 -20.46 13.70
C ASP E 79 11.10 -19.03 14.21
N LEU E 80 10.98 -18.87 15.53
CA LEU E 80 10.92 -17.55 16.13
C LEU E 80 11.84 -17.46 17.33
N PHE E 81 12.86 -16.60 17.21
CA PHE E 81 13.73 -16.25 18.32
C PHE E 81 13.06 -15.10 19.07
N VAL E 82 12.91 -15.26 20.37
CA VAL E 82 12.23 -14.25 21.19
C VAL E 82 13.26 -13.54 22.05
N GLU E 83 13.45 -12.24 21.84
CA GLU E 83 14.36 -11.45 22.66
C GLU E 83 13.60 -10.78 23.79
N ARG E 84 14.14 -10.88 25.00
CA ARG E 84 13.53 -10.38 26.22
C ARG E 84 14.11 -9.02 26.60
N SER E 85 13.31 -8.18 27.25
CA SER E 85 13.77 -6.86 27.66
C SER E 85 14.84 -6.94 28.77
N LYS E 86 14.86 -8.04 29.52
CA LYS E 86 15.89 -8.27 30.54
C LYS E 86 17.26 -8.73 29.99
N ALA E 87 17.39 -8.93 28.69
CA ALA E 87 18.64 -9.43 28.14
C ALA E 87 19.78 -8.45 28.41
N PHE E 88 20.98 -8.98 28.57
CA PHE E 88 22.17 -8.18 28.82
C PHE E 88 23.39 -8.80 28.16
N SER E 89 24.36 -7.96 27.81
CA SER E 89 25.66 -8.40 27.34
C SER E 89 26.61 -8.53 28.55
N ASN E 90 27.54 -9.47 28.50
CA ASN E 90 28.48 -9.67 29.61
C ASN E 90 29.85 -10.18 29.15
N CYS E 91 30.33 -9.61 28.06
CA CYS E 91 31.60 -9.99 27.48
C CYS E 91 32.35 -8.69 27.12
N TYR E 92 33.30 -8.73 26.20
CA TYR E 92 34.04 -7.53 25.83
C TYR E 92 33.05 -6.53 25.20
N PRO E 93 33.18 -5.25 25.54
CA PRO E 93 32.24 -4.30 24.96
C PRO E 93 32.45 -4.15 23.45
N TYR E 94 31.34 -4.10 22.71
CA TYR E 94 31.38 -4.15 21.26
C TYR E 94 30.30 -3.29 20.65
N ASP E 95 30.46 -2.96 19.38
CA ASP E 95 29.37 -2.46 18.57
C ASP E 95 29.33 -3.22 17.25
N VAL E 96 28.18 -3.16 16.60
CA VAL E 96 28.00 -3.70 15.27
C VAL E 96 27.49 -2.59 14.38
N PRO E 97 28.37 -2.01 13.53
CA PRO E 97 27.82 -1.09 12.51
C PRO E 97 26.79 -1.89 11.70
N ASP E 98 25.63 -1.32 11.49
CA ASP E 98 24.53 -2.08 10.86
C ASP E 98 24.12 -3.34 11.66
N TYR E 99 24.07 -3.17 12.98
CA TYR E 99 23.52 -4.15 13.91
C TYR E 99 22.20 -4.73 13.39
N ALA E 100 21.28 -3.84 13.04
CA ALA E 100 19.95 -4.23 12.58
C ALA E 100 20.00 -5.24 11.42
N SER E 101 20.87 -5.00 10.44
CA SER E 101 20.98 -5.92 9.30
C SER E 101 21.54 -7.28 9.71
N LEU E 102 22.57 -7.31 10.55
CA LEU E 102 23.16 -8.57 11.01
C LEU E 102 22.17 -9.38 11.80
N ARG E 103 21.49 -8.72 12.73
CA ARG E 103 20.39 -9.33 13.47
C ARG E 103 19.30 -9.87 12.54
N SER E 104 18.92 -9.08 11.52
CA SER E 104 17.89 -9.51 10.60
C SER E 104 18.29 -10.76 9.79
N LEU E 105 19.47 -10.72 9.19
CA LEU E 105 19.90 -11.80 8.32
C LEU E 105 20.08 -13.11 9.13
N VAL E 106 20.60 -13.00 10.35
CA VAL E 106 20.76 -14.19 11.18
C VAL E 106 19.40 -14.72 11.60
N ALA E 107 18.52 -13.83 12.07
CA ALA E 107 17.16 -14.20 12.49
C ALA E 107 16.41 -14.94 11.40
N SER E 108 16.55 -14.43 10.19
CA SER E 108 15.93 -14.98 9.02
C SER E 108 16.52 -16.33 8.59
N SER E 109 17.82 -16.50 8.81
CA SER E 109 18.48 -17.77 8.54
C SER E 109 17.96 -18.91 9.47
N GLY E 110 17.63 -18.58 10.72
CA GLY E 110 17.00 -19.53 11.62
C GLY E 110 17.91 -20.53 12.31
N THR E 111 19.22 -20.32 12.23
CA THR E 111 20.20 -21.23 12.80
C THR E 111 21.49 -20.51 13.24
N LEU E 112 22.11 -21.01 14.30
CA LEU E 112 23.46 -20.64 14.72
C LEU E 112 24.48 -21.76 14.52
N GLU E 113 24.13 -22.78 13.72
CA GLU E 113 25.05 -23.86 13.41
C GLU E 113 26.42 -23.31 12.93
N PHE E 114 27.47 -23.64 13.69
CA PHE E 114 28.82 -23.14 13.46
C PHE E 114 29.79 -24.28 13.10
N ILE E 115 30.58 -24.09 12.05
CA ILE E 115 31.56 -25.09 11.58
C ILE E 115 32.92 -24.46 11.76
N THR E 116 33.76 -25.09 12.59
CA THR E 116 35.12 -24.61 12.84
C THR E 116 36.00 -24.91 11.63
N GLU E 117 36.86 -23.97 11.26
CA GLU E 117 37.79 -24.15 10.14
C GLU E 117 39.21 -23.94 10.64
N GLY E 118 40.16 -24.61 10.00
CA GLY E 118 41.56 -24.58 10.43
C GLY E 118 42.37 -23.42 9.89
N PHE E 119 42.05 -22.20 10.34
CA PHE E 119 42.84 -21.03 9.95
C PHE E 119 44.23 -21.13 10.54
N THR E 120 45.23 -20.71 9.77
CA THR E 120 46.63 -20.70 10.21
C THR E 120 47.08 -19.24 10.40
N TRP E 121 47.29 -18.86 11.65
CA TRP E 121 47.68 -17.51 12.01
C TRP E 121 49.14 -17.56 12.43
N THR E 122 50.02 -17.42 11.44
CA THR E 122 51.45 -17.60 11.66
C THR E 122 52.07 -16.37 12.34
N GLY E 123 52.78 -16.61 13.44
CA GLY E 123 53.56 -15.57 14.12
C GLY E 123 52.78 -14.66 15.05
N VAL E 124 51.60 -15.10 15.48
CA VAL E 124 50.80 -14.38 16.47
C VAL E 124 50.33 -15.30 17.58
N THR E 125 49.98 -14.69 18.71
CA THR E 125 49.42 -15.38 19.86
C THR E 125 47.91 -15.45 19.66
N GLN E 126 47.33 -16.62 19.91
CA GLN E 126 45.91 -16.84 19.70
C GLN E 126 45.17 -16.88 21.03
N ASN E 127 43.83 -16.90 20.94
CA ASN E 127 42.94 -17.17 22.07
C ASN E 127 43.04 -16.14 23.19
N GLY E 128 43.27 -14.89 22.82
CA GLY E 128 43.29 -13.80 23.78
C GLY E 128 41.94 -13.67 24.48
N GLY E 129 41.98 -13.21 25.72
CA GLY E 129 40.78 -13.04 26.53
C GLY E 129 40.87 -11.83 27.44
N SER E 130 39.84 -11.66 28.26
CA SER E 130 39.71 -10.49 29.11
C SER E 130 38.85 -10.80 30.31
N ASN E 131 39.12 -10.13 31.42
CA ASN E 131 38.27 -10.20 32.60
C ASN E 131 36.89 -9.57 32.39
N ALA E 132 36.75 -8.76 31.33
CA ALA E 132 35.44 -8.31 30.86
C ALA E 132 34.52 -9.43 30.38
N CYS E 133 35.09 -10.59 30.07
CA CYS E 133 34.37 -11.71 29.48
C CYS E 133 34.80 -13.05 30.09
N LYS E 134 34.41 -13.26 31.34
CA LYS E 134 34.82 -14.45 32.08
C LYS E 134 34.17 -15.73 31.56
N ARG E 135 34.97 -16.79 31.48
CA ARG E 135 34.51 -18.17 31.29
C ARG E 135 35.06 -18.92 32.48
N GLY E 136 34.19 -19.42 33.33
CA GLY E 136 34.61 -19.92 34.65
C GLY E 136 35.29 -18.81 35.45
N PRO E 137 36.31 -19.13 36.26
CA PRO E 137 36.96 -18.08 37.07
C PRO E 137 37.92 -17.18 36.29
N GLY E 138 38.42 -17.65 35.14
CA GLY E 138 39.47 -16.93 34.40
C GLY E 138 38.95 -16.06 33.28
N SER E 139 39.84 -15.31 32.69
CA SER E 139 39.48 -14.42 31.61
C SER E 139 39.10 -15.24 30.38
N GLY E 140 38.25 -14.68 29.54
CA GLY E 140 37.81 -15.36 28.34
C GLY E 140 37.40 -14.41 27.24
N PHE E 141 36.63 -14.94 26.30
CA PHE E 141 36.26 -14.19 25.12
C PHE E 141 35.06 -14.82 24.44
N PHE E 142 34.51 -14.12 23.46
CA PHE E 142 33.45 -14.63 22.61
C PHE E 142 33.89 -15.98 22.04
N SER E 143 33.07 -17.01 22.17
CA SER E 143 33.43 -18.37 21.75
C SER E 143 33.79 -18.48 20.27
N ARG E 144 33.14 -17.70 19.42
CA ARG E 144 33.32 -17.80 17.96
C ARG E 144 34.38 -16.89 17.37
N LEU E 145 35.04 -16.11 18.23
CA LEU E 145 36.06 -15.19 17.80
C LEU E 145 37.40 -15.51 18.46
N ASN E 146 38.47 -15.15 17.76
CA ASN E 146 39.82 -15.51 18.14
C ASN E 146 40.65 -14.23 18.19
N TRP E 147 40.94 -13.78 19.40
CA TRP E 147 41.65 -12.51 19.59
C TRP E 147 43.14 -12.76 19.42
N LEU E 148 43.69 -12.21 18.33
CA LEU E 148 45.09 -12.36 17.98
C LEU E 148 45.90 -11.16 18.50
N THR E 149 47.06 -11.45 19.07
CA THR E 149 48.00 -10.43 19.52
C THR E 149 49.41 -10.87 19.17
N LYS E 150 50.38 -10.00 19.40
CA LYS E 150 51.77 -10.30 19.05
C LYS E 150 52.29 -11.59 19.70
N SER E 151 53.24 -12.22 19.00
CA SER E 151 54.05 -13.33 19.52
C SER E 151 55.48 -12.82 19.61
N GLY E 152 56.09 -12.96 20.80
CA GLY E 152 57.38 -12.34 21.09
C GLY E 152 57.25 -10.83 21.02
N SER E 153 57.95 -10.22 20.06
CA SER E 153 57.94 -8.76 19.88
C SER E 153 57.47 -8.32 18.48
N THR E 154 56.82 -9.22 17.75
CA THR E 154 56.39 -8.96 16.37
C THR E 154 54.94 -9.42 16.13
N TYR E 155 54.27 -8.70 15.24
CA TYR E 155 52.96 -9.08 14.69
C TYR E 155 53.14 -8.94 13.19
N PRO E 156 53.35 -10.07 12.48
CA PRO E 156 53.59 -9.97 11.03
C PRO E 156 52.30 -9.67 10.26
N VAL E 157 52.42 -9.48 8.96
CA VAL E 157 51.26 -9.38 8.09
C VAL E 157 50.58 -10.75 8.08
N LEU E 158 49.34 -10.81 8.54
CA LEU E 158 48.58 -12.05 8.45
C LEU E 158 47.91 -12.05 7.08
N ASN E 159 48.01 -13.18 6.40
CA ASN E 159 47.45 -13.32 5.07
C ASN E 159 46.97 -14.76 4.88
N VAL E 160 45.66 -14.97 5.00
CA VAL E 160 45.08 -16.32 4.94
C VAL E 160 43.88 -16.40 4.03
N THR E 161 43.64 -17.60 3.52
CA THR E 161 42.54 -17.87 2.61
C THR E 161 41.76 -19.09 3.13
N MET E 162 40.45 -19.08 2.88
CA MET E 162 39.59 -20.22 3.13
C MET E 162 38.59 -20.28 1.98
N PRO E 163 38.76 -21.28 1.09
CA PRO E 163 37.82 -21.37 -0.02
C PRO E 163 36.52 -22.02 0.42
N ASN E 164 35.43 -21.66 -0.25
CA ASN E 164 34.15 -22.33 -0.06
C ASN E 164 34.00 -23.35 -1.17
N ASN E 165 34.29 -24.61 -0.83
CA ASN E 165 34.09 -25.74 -1.73
C ASN E 165 32.83 -26.54 -1.38
N ASP E 166 31.99 -26.00 -0.51
CA ASP E 166 30.69 -26.59 -0.22
C ASP E 166 29.67 -26.07 -1.23
N ASN E 167 28.44 -26.59 -1.14
CA ASN E 167 27.34 -26.13 -1.99
C ASN E 167 26.33 -25.22 -1.26
N PHE E 168 26.75 -24.62 -0.16
CA PHE E 168 25.92 -23.68 0.61
C PHE E 168 26.72 -22.42 0.88
N ASP E 169 26.04 -21.35 1.29
CA ASP E 169 26.71 -20.09 1.66
C ASP E 169 27.32 -20.18 3.05
N LYS E 170 28.47 -19.54 3.23
CA LYS E 170 29.10 -19.43 4.53
C LYS E 170 28.97 -18.00 5.06
N LEU E 171 28.59 -17.85 6.34
CA LEU E 171 28.58 -16.55 7.02
C LEU E 171 29.76 -16.47 7.99
N TYR E 172 30.67 -15.53 7.75
CA TYR E 172 31.82 -15.31 8.60
C TYR E 172 31.61 -14.06 9.42
N ILE E 173 31.74 -14.21 10.74
CA ILE E 173 31.68 -13.12 11.68
C ILE E 173 33.11 -12.85 12.14
N TRP E 174 33.51 -11.59 12.06
CA TRP E 174 34.84 -11.18 12.45
C TRP E 174 34.77 -9.79 13.04
N GLY E 175 35.90 -9.29 13.52
CA GLY E 175 35.93 -7.97 14.11
C GLY E 175 37.25 -7.27 14.07
N VAL E 176 37.22 -6.05 14.60
CA VAL E 176 38.37 -5.16 14.66
C VAL E 176 38.41 -4.57 16.06
N HIS E 177 39.58 -4.63 16.69
CA HIS E 177 39.75 -4.08 18.03
C HIS E 177 40.19 -2.62 17.96
N HIS E 178 39.55 -1.80 18.79
CA HIS E 178 39.82 -0.37 18.87
C HIS E 178 40.42 -0.13 20.25
N PRO E 179 41.76 0.03 20.34
CA PRO E 179 42.37 0.39 21.63
C PRO E 179 42.04 1.80 22.13
N SER E 180 42.10 1.99 23.45
CA SER E 180 41.88 3.32 24.06
C SER E 180 43.09 4.22 23.90
N THR E 181 44.30 3.65 23.89
CA THR E 181 45.56 4.41 23.86
C THR E 181 46.57 3.85 22.86
N ASN E 182 47.51 4.71 22.43
CA ASN E 182 48.63 4.29 21.56
C ASN E 182 49.52 3.26 22.21
N GLN E 183 49.68 3.40 23.53
CA GLN E 183 50.40 2.42 24.34
C GLN E 183 49.79 1.01 24.19
N GLU E 184 48.47 0.92 24.31
CA GLU E 184 47.74 -0.35 24.17
C GLU E 184 47.88 -0.95 22.77
N GLN E 185 47.69 -0.11 21.75
CA GLN E 185 47.88 -0.47 20.35
C GLN E 185 49.23 -1.14 20.11
N THR E 186 50.31 -0.47 20.50
CA THR E 186 51.66 -0.97 20.23
C THR E 186 51.99 -2.17 21.09
N SER E 187 51.54 -2.14 22.35
CA SER E 187 51.74 -3.26 23.25
C SER E 187 51.13 -4.55 22.72
N LEU E 188 49.89 -4.49 22.23
CA LEU E 188 49.19 -5.66 21.70
C LEU E 188 49.56 -6.05 20.26
N TYR E 189 49.74 -5.06 19.38
CA TYR E 189 49.88 -5.33 17.93
C TYR E 189 51.17 -4.80 17.28
N VAL E 190 52.07 -4.21 18.06
CA VAL E 190 53.38 -3.68 17.59
C VAL E 190 53.26 -2.48 16.67
N GLN E 191 52.64 -2.68 15.51
CA GLN E 191 52.42 -1.59 14.55
C GLN E 191 51.58 -0.48 15.20
N ALA E 192 51.92 0.77 14.89
CA ALA E 192 51.28 1.95 15.47
C ALA E 192 49.84 2.12 14.99
N SER E 193 49.56 1.67 13.78
CA SER E 193 48.21 1.65 13.25
C SER E 193 47.96 0.30 12.58
N GLY E 194 46.92 -0.38 13.03
CA GLY E 194 46.51 -1.66 12.45
C GLY E 194 45.63 -1.48 11.23
N ARG E 195 45.13 -2.60 10.73
CA ARG E 195 44.38 -2.63 9.48
C ARG E 195 43.78 -4.01 9.30
N VAL E 196 42.49 -4.07 8.97
CA VAL E 196 41.86 -5.36 8.63
C VAL E 196 41.16 -5.25 7.28
N THR E 197 41.57 -6.12 6.35
CA THR E 197 40.96 -6.24 5.03
C THR E 197 40.46 -7.67 4.80
N VAL E 198 39.16 -7.79 4.61
CA VAL E 198 38.49 -9.07 4.40
C VAL E 198 37.79 -8.99 3.05
N SER E 199 38.03 -9.97 2.19
CA SER E 199 37.55 -9.90 0.82
C SER E 199 37.16 -11.24 0.25
N THR E 200 36.28 -11.18 -0.75
CA THR E 200 35.96 -12.26 -1.65
C THR E 200 36.33 -11.80 -3.07
N ARG E 201 36.00 -12.57 -4.09
CA ARG E 201 36.27 -12.19 -5.48
C ARG E 201 35.61 -10.88 -5.93
N ARG E 202 34.37 -10.66 -5.54
CA ARG E 202 33.57 -9.51 -5.99
C ARG E 202 33.44 -8.39 -4.95
N SER E 203 33.81 -8.63 -3.69
CA SER E 203 33.70 -7.59 -2.67
C SER E 203 34.87 -7.55 -1.70
N GLN E 204 34.98 -6.42 -1.01
CA GLN E 204 36.01 -6.21 -0.01
C GLN E 204 35.54 -5.22 1.05
N GLN E 205 36.02 -5.41 2.27
CA GLN E 205 35.81 -4.47 3.36
C GLN E 205 37.19 -4.18 3.93
N THR E 206 37.55 -2.91 4.08
CA THR E 206 38.75 -2.59 4.88
C THR E 206 38.39 -1.63 6.01
N ILE E 207 38.85 -1.97 7.20
CA ILE E 207 38.56 -1.22 8.41
C ILE E 207 39.88 -0.82 9.02
N ILE E 208 39.99 0.49 9.34
CA ILE E 208 41.15 1.03 10.08
C ILE E 208 40.69 1.18 11.52
N PRO E 209 41.48 0.66 12.48
CA PRO E 209 41.09 0.93 13.86
C PRO E 209 41.26 2.39 14.22
N ASN E 210 40.34 2.88 15.03
CA ASN E 210 40.48 4.16 15.72
C ASN E 210 40.89 4.03 17.17
N ILE E 211 41.92 4.76 17.53
CA ILE E 211 42.46 4.73 18.87
C ILE E 211 41.86 5.87 19.68
N GLY E 212 41.39 5.57 20.89
CA GLY E 212 40.74 6.56 21.74
C GLY E 212 39.85 5.94 22.78
N SER E 213 39.62 6.67 23.88
CA SER E 213 38.71 6.16 24.91
C SER E 213 37.27 6.27 24.43
N ARG E 214 36.52 5.26 24.81
CA ARG E 214 35.07 5.25 24.82
C ARG E 214 34.65 5.12 26.27
N PRO E 215 33.35 5.20 26.58
CA PRO E 215 32.99 5.14 28.01
C PRO E 215 33.34 3.76 28.55
N TRP E 216 33.70 3.72 29.81
CA TRP E 216 34.13 2.50 30.48
C TRP E 216 32.91 1.58 30.59
N VAL E 217 33.04 0.37 30.03
CA VAL E 217 31.99 -0.64 30.06
C VAL E 217 32.62 -1.98 30.38
N ARG E 218 32.14 -2.64 31.44
CA ARG E 218 32.64 -3.95 31.86
C ARG E 218 34.18 -4.00 31.77
N GLN E 219 34.83 -3.04 32.41
CA GLN E 219 36.30 -2.99 32.59
C GLN E 219 37.18 -2.42 31.44
N ALA E 220 36.58 -2.06 30.29
CA ALA E 220 37.37 -1.54 29.18
C ALA E 220 36.79 -0.22 28.68
N SER E 221 37.69 0.68 28.33
CA SER E 221 37.37 1.82 27.50
C SER E 221 37.60 1.51 26.02
N SER E 222 38.15 0.33 25.73
CA SER E 222 38.30 -0.13 24.35
C SER E 222 37.01 -0.73 23.84
N ARG E 223 37.01 -1.03 22.55
CA ARG E 223 35.85 -1.63 21.87
C ARG E 223 36.27 -2.59 20.78
N ILE E 224 35.38 -3.52 20.47
CA ILE E 224 35.51 -4.33 19.28
C ILE E 224 34.35 -3.99 18.38
N SER E 225 34.62 -3.84 17.08
CA SER E 225 33.54 -3.61 16.11
C SER E 225 33.40 -4.87 15.30
N ILE E 226 32.15 -5.30 15.13
CA ILE E 226 31.83 -6.56 14.49
C ILE E 226 31.37 -6.37 13.06
N TYR E 227 31.92 -7.19 12.16
CA TYR E 227 31.58 -7.20 10.74
C TYR E 227 31.25 -8.61 10.32
N TRP E 228 30.67 -8.72 9.14
CA TRP E 228 30.34 -10.00 8.56
C TRP E 228 30.62 -10.03 7.06
N THR E 229 30.86 -11.24 6.55
CA THR E 229 31.12 -11.48 5.14
C THR E 229 30.50 -12.81 4.78
N ILE E 230 29.67 -12.82 3.74
CA ILE E 230 29.11 -14.04 3.18
C ILE E 230 29.96 -14.52 2.01
N VAL E 231 30.28 -15.80 1.99
CA VAL E 231 31.05 -16.41 0.90
C VAL E 231 30.21 -17.45 0.19
N LYS E 232 29.96 -17.23 -1.10
CA LYS E 232 29.12 -18.12 -1.90
C LYS E 232 29.93 -19.33 -2.37
N PRO E 233 29.25 -20.43 -2.76
CA PRO E 233 29.95 -21.60 -3.30
C PRO E 233 30.83 -21.23 -4.48
N GLY E 234 32.07 -21.70 -4.44
CA GLY E 234 33.04 -21.45 -5.49
C GLY E 234 33.82 -20.15 -5.32
N ASP E 235 33.48 -19.36 -4.31
CA ASP E 235 34.20 -18.13 -4.02
C ASP E 235 35.22 -18.43 -2.92
N VAL E 236 35.97 -17.43 -2.49
CA VAL E 236 37.03 -17.63 -1.51
C VAL E 236 37.11 -16.43 -0.57
N LEU E 237 37.35 -16.69 0.72
CA LEU E 237 37.56 -15.65 1.70
C LEU E 237 39.05 -15.38 1.79
N VAL E 238 39.45 -14.12 1.78
CA VAL E 238 40.82 -13.77 2.14
C VAL E 238 40.78 -12.77 3.28
N ILE E 239 41.66 -12.96 4.25
CA ILE E 239 41.79 -12.07 5.39
C ILE E 239 43.22 -11.60 5.44
N ASN E 240 43.40 -10.28 5.44
CA ASN E 240 44.72 -9.67 5.44
C ASN E 240 44.77 -8.60 6.53
N SER E 241 45.75 -8.69 7.41
CA SER E 241 45.82 -7.76 8.55
C SER E 241 47.24 -7.61 9.09
N ASN E 242 47.61 -6.38 9.47
CA ASN E 242 48.87 -6.12 10.16
C ASN E 242 48.63 -5.65 11.61
N GLY E 243 47.47 -6.01 12.16
CA GLY E 243 47.11 -5.64 13.52
C GLY E 243 45.62 -5.47 13.70
N ASN E 244 45.17 -5.74 14.93
CA ASN E 244 43.82 -5.43 15.42
C ASN E 244 42.72 -6.39 14.95
N LEU E 245 43.10 -7.46 14.26
CA LEU E 245 42.15 -8.45 13.79
C LEU E 245 41.61 -9.24 14.96
N ILE E 246 40.28 -9.30 15.01
CA ILE E 246 39.54 -10.27 15.81
C ILE E 246 39.04 -11.31 14.81
N ALA E 247 39.74 -12.44 14.76
CA ALA E 247 39.59 -13.41 13.67
C ALA E 247 38.39 -14.32 13.86
N PRO E 248 37.79 -14.77 12.76
CA PRO E 248 36.77 -15.81 12.83
C PRO E 248 37.41 -17.16 13.15
N ARG E 249 36.68 -18.04 13.83
CA ARG E 249 37.13 -19.42 14.04
C ARG E 249 36.53 -20.39 13.03
N GLY E 250 35.71 -19.88 12.12
CA GLY E 250 34.94 -20.70 11.21
C GLY E 250 33.78 -19.89 10.67
N TYR E 251 32.73 -20.58 10.24
CA TYR E 251 31.56 -19.94 9.65
C TYR E 251 30.30 -20.51 10.24
N PHE E 252 29.25 -19.70 10.10
CA PHE E 252 27.88 -20.11 10.36
C PHE E 252 27.24 -20.56 9.06
N LYS E 253 26.51 -21.65 9.15
CA LYS E 253 25.76 -22.15 8.02
C LYS E 253 24.52 -21.27 7.89
N MET E 254 24.15 -20.91 6.67
CA MET E 254 22.96 -20.12 6.42
C MET E 254 21.86 -20.94 5.79
N ARG E 255 20.62 -20.64 6.14
CA ARG E 255 19.44 -21.23 5.49
C ARG E 255 18.50 -20.13 5.02
N THR E 256 17.53 -20.53 4.22
CA THR E 256 16.40 -19.67 3.91
C THR E 256 15.18 -20.45 4.35
N GLY E 257 14.13 -19.73 4.69
CA GLY E 257 12.91 -20.33 5.22
C GLY E 257 12.07 -19.32 5.98
N LYS E 258 11.31 -19.82 6.94
CA LYS E 258 10.28 -19.05 7.65
C LYS E 258 10.75 -18.37 8.98
N SER E 259 12.04 -18.39 9.26
CA SER E 259 12.51 -17.96 10.58
C SER E 259 12.48 -16.46 10.73
N SER E 260 12.25 -16.00 11.95
CA SER E 260 12.26 -14.56 12.27
C SER E 260 12.63 -14.34 13.73
N ILE E 261 12.44 -13.10 14.19
CA ILE E 261 12.77 -12.72 15.55
C ILE E 261 11.73 -11.72 16.01
N MET E 262 11.47 -11.70 17.30
CA MET E 262 10.45 -10.84 17.90
C MET E 262 10.90 -10.42 19.27
N ARG E 263 10.65 -9.17 19.61
CA ARG E 263 10.86 -8.62 20.96
C ARG E 263 9.57 -8.79 21.75
N SER E 264 9.61 -9.52 22.85
CA SER E 264 8.43 -9.80 23.68
C SER E 264 8.84 -10.28 25.06
N ASP E 265 8.03 -9.91 26.05
CA ASP E 265 8.19 -10.43 27.40
C ASP E 265 7.09 -11.43 27.79
N ALA E 266 6.27 -11.84 26.82
CA ALA E 266 5.19 -12.80 27.11
C ALA E 266 5.79 -14.17 27.44
N PRO E 267 5.26 -14.83 28.47
CA PRO E 267 5.78 -16.16 28.77
C PRO E 267 5.36 -17.16 27.69
N ILE E 268 6.17 -18.23 27.55
CA ILE E 268 5.89 -19.28 26.60
C ILE E 268 5.13 -20.39 27.34
N ASP E 269 4.07 -20.89 26.71
CA ASP E 269 3.13 -21.84 27.34
C ASP E 269 2.87 -23.01 26.37
N THR E 270 2.33 -24.09 26.92
CA THR E 270 1.91 -25.23 26.16
C THR E 270 0.52 -25.02 25.55
N CYS E 271 0.49 -24.76 24.26
CA CYS E 271 -0.77 -24.61 23.53
C CYS E 271 -0.40 -24.54 22.04
N ILE E 272 -1.42 -24.47 21.19
CA ILE E 272 -1.26 -24.44 19.75
C ILE E 272 -1.89 -23.15 19.26
N SER E 273 -1.08 -22.30 18.63
CA SER E 273 -1.58 -21.13 17.93
C SER E 273 -0.69 -20.75 16.74
N GLU E 274 -1.31 -20.66 15.57
CA GLU E 274 -0.62 -20.28 14.35
C GLU E 274 -0.08 -18.84 14.46
N CYS E 275 -0.84 -17.93 15.08
CA CYS E 275 -0.48 -16.51 15.09
C CYS E 275 0.14 -16.07 16.41
N ILE E 276 1.28 -15.38 16.32
CA ILE E 276 2.00 -14.87 17.47
C ILE E 276 2.15 -13.35 17.37
N THR E 277 1.93 -12.66 18.49
CA THR E 277 2.21 -11.26 18.63
C THR E 277 3.08 -11.09 19.87
N PRO E 278 3.70 -9.92 20.02
CA PRO E 278 4.44 -9.63 21.26
C PRO E 278 3.61 -9.68 22.54
N ASN E 279 2.30 -9.43 22.40
CA ASN E 279 1.36 -9.51 23.52
C ASN E 279 1.03 -10.95 23.90
N GLY E 280 1.39 -11.89 23.03
CA GLY E 280 0.99 -13.28 23.13
C GLY E 280 0.35 -13.75 21.85
N SER E 281 0.06 -15.03 21.81
CA SER E 281 -0.64 -15.65 20.71
C SER E 281 -2.05 -15.12 20.63
N ILE E 282 -2.58 -15.09 19.41
CA ILE E 282 -3.99 -14.73 19.19
C ILE E 282 -4.63 -15.75 18.26
N PRO E 283 -5.94 -15.97 18.41
CA PRO E 283 -6.64 -16.78 17.42
C PRO E 283 -6.64 -16.12 16.04
N ASN E 284 -6.79 -16.93 15.00
CA ASN E 284 -6.82 -16.44 13.62
C ASN E 284 -8.11 -16.79 12.86
N ASP E 285 -9.21 -17.01 13.56
CA ASP E 285 -10.50 -17.20 12.93
C ASP E 285 -11.07 -15.91 12.32
N LYS E 286 -10.74 -14.76 12.89
CA LYS E 286 -11.22 -13.48 12.37
C LYS E 286 -10.24 -12.90 11.31
N PRO E 287 -10.77 -12.15 10.33
CA PRO E 287 -9.90 -11.63 9.27
C PRO E 287 -9.04 -10.43 9.70
N PHE E 288 -9.47 -9.71 10.73
CA PHE E 288 -8.73 -8.55 11.21
C PHE E 288 -8.36 -8.68 12.69
N GLN E 289 -7.35 -7.90 13.09
CA GLN E 289 -6.93 -7.85 14.47
C GLN E 289 -6.41 -6.47 14.82
N ASN E 290 -6.53 -6.14 16.09
CA ASN E 290 -6.19 -4.82 16.64
C ASN E 290 -5.23 -5.00 17.83
N VAL E 291 -4.61 -6.17 17.94
CA VAL E 291 -3.76 -6.46 19.08
C VAL E 291 -2.38 -5.84 18.88
N ASN E 292 -1.75 -6.10 17.74
CA ASN E 292 -0.42 -5.59 17.50
C ASN E 292 -0.09 -5.69 16.03
N LYS E 293 0.51 -4.63 15.52
CA LYS E 293 0.94 -4.61 14.13
C LYS E 293 2.12 -5.56 13.88
N ILE E 294 2.85 -5.91 14.94
CA ILE E 294 3.91 -6.90 14.87
C ILE E 294 3.26 -8.26 15.04
N THR E 295 3.37 -9.09 14.00
CA THR E 295 2.87 -10.45 14.06
C THR E 295 3.83 -11.41 13.38
N TYR E 296 3.65 -12.68 13.70
CA TYR E 296 4.37 -13.80 13.07
C TYR E 296 3.39 -14.96 12.91
N GLY E 297 3.33 -15.49 11.69
CA GLY E 297 2.50 -16.67 11.35
C GLY E 297 1.25 -16.35 10.59
N ALA E 298 0.33 -17.31 10.54
CA ALA E 298 -0.96 -17.12 9.89
C ALA E 298 -1.83 -16.25 10.79
N CYS E 299 -1.89 -14.95 10.47
CA CYS E 299 -2.47 -13.95 11.34
C CYS E 299 -3.57 -13.14 10.65
N PRO E 300 -4.60 -12.71 11.41
CA PRO E 300 -5.46 -11.66 10.90
C PRO E 300 -4.62 -10.40 10.57
N LYS E 301 -5.11 -9.58 9.64
CA LYS E 301 -4.44 -8.35 9.26
C LYS E 301 -4.69 -7.26 10.30
N TYR E 302 -3.65 -6.50 10.63
CA TYR E 302 -3.79 -5.42 11.60
C TYR E 302 -4.61 -4.26 11.04
N VAL E 303 -5.59 -3.82 11.82
CA VAL E 303 -6.40 -2.63 11.51
C VAL E 303 -6.47 -1.76 12.77
N LYS E 304 -6.86 -0.50 12.58
CA LYS E 304 -6.96 0.43 13.69
C LYS E 304 -8.26 0.30 14.47
N GLN E 305 -9.32 -0.20 13.86
CA GLN E 305 -10.60 -0.36 14.54
C GLN E 305 -10.49 -1.46 15.60
N ASN E 306 -11.06 -1.25 16.78
CA ASN E 306 -11.12 -2.30 17.79
C ASN E 306 -12.37 -3.20 17.71
N THR E 307 -13.36 -2.79 16.89
CA THR E 307 -14.51 -3.64 16.60
C THR E 307 -15.04 -3.35 15.20
N LEU E 308 -15.44 -4.41 14.49
CA LEU E 308 -16.19 -4.31 13.27
C LEU E 308 -17.18 -5.47 13.23
N LYS E 309 -18.47 -5.13 13.19
CA LYS E 309 -19.56 -6.10 13.21
C LYS E 309 -20.06 -6.43 11.80
N LEU E 310 -20.04 -7.71 11.46
CA LEU E 310 -20.63 -8.19 10.22
C LEU E 310 -22.01 -8.69 10.59
N ALA E 311 -23.03 -8.10 9.98
CA ALA E 311 -24.41 -8.51 10.19
C ALA E 311 -24.59 -9.96 9.74
N THR E 312 -25.18 -10.78 10.62
CA THR E 312 -25.50 -12.17 10.33
C THR E 312 -27.01 -12.41 10.38
N GLY E 313 -27.78 -11.34 10.26
CA GLY E 313 -29.24 -11.44 10.26
C GLY E 313 -29.89 -10.19 9.71
N MET E 314 -31.21 -10.28 9.54
CA MET E 314 -32.01 -9.17 9.01
C MET E 314 -32.12 -8.00 9.99
N ARG E 315 -32.68 -6.91 9.49
CA ARG E 315 -33.11 -5.76 10.31
C ARG E 315 -34.02 -6.19 11.46
N ASN E 316 -33.72 -5.76 12.67
CA ASN E 316 -34.50 -6.11 13.85
C ASN E 316 -35.53 -5.02 14.11
N VAL E 317 -36.81 -5.36 13.92
CA VAL E 317 -37.91 -4.42 14.07
C VAL E 317 -38.86 -5.01 15.10
N PRO E 318 -38.70 -4.62 16.38
CA PRO E 318 -39.59 -5.20 17.41
C PRO E 318 -40.98 -4.51 17.37
N GLU E 319 -41.94 -4.97 18.16
CA GLU E 319 -43.28 -4.34 18.18
C GLU E 319 -43.16 -2.99 18.91
N LYS E 320 -43.60 -1.91 18.26
CA LYS E 320 -43.60 -0.55 18.90
C LYS E 320 -44.47 -0.60 20.14
N GLN E 321 -43.87 -0.42 21.32
CA GLN E 321 -44.65 -0.35 22.55
C GLN E 321 -45.07 1.09 22.76
N THR E 322 -45.85 1.33 23.81
CA THR E 322 -46.30 2.67 24.15
C THR E 322 -45.77 3.10 25.53
N ARG E 323 -44.49 2.80 25.77
CA ARG E 323 -43.77 3.22 26.98
C ARG E 323 -42.32 3.43 26.65
N GLY F 1 -34.79 -1.23 3.53
CA GLY F 1 -34.20 -2.03 2.40
C GLY F 1 -34.78 -1.72 1.03
N LEU F 2 -34.11 -2.21 -0.01
CA LEU F 2 -34.49 -1.93 -1.40
C LEU F 2 -35.88 -2.42 -1.80
N PHE F 3 -36.37 -3.46 -1.13
CA PHE F 3 -37.67 -4.05 -1.46
C PHE F 3 -38.84 -3.52 -0.63
N GLY F 4 -38.54 -2.86 0.50
CA GLY F 4 -39.55 -2.17 1.27
C GLY F 4 -40.53 -3.06 2.02
N ALA F 5 -40.15 -4.30 2.30
CA ALA F 5 -40.99 -5.20 3.09
C ALA F 5 -40.60 -5.07 4.56
N ILE F 6 -39.39 -5.51 4.89
CA ILE F 6 -38.87 -5.46 6.25
C ILE F 6 -38.62 -4.00 6.62
N ALA F 7 -39.17 -3.57 7.75
CA ALA F 7 -39.25 -2.16 8.11
C ALA F 7 -39.90 -1.31 7.00
N GLY F 8 -40.84 -1.92 6.28
CA GLY F 8 -41.56 -1.25 5.21
C GLY F 8 -43.03 -1.52 5.35
N PHE F 9 -43.62 -2.25 4.38
CA PHE F 9 -45.06 -2.54 4.41
C PHE F 9 -45.45 -3.58 5.48
N ILE F 10 -44.49 -4.43 5.87
CA ILE F 10 -44.63 -5.22 7.08
C ILE F 10 -44.16 -4.35 8.22
N GLU F 11 -45.09 -4.00 9.11
CA GLU F 11 -44.87 -2.98 10.14
C GLU F 11 -43.79 -3.35 11.16
N ASN F 12 -43.77 -4.62 11.55
CA ASN F 12 -42.74 -5.10 12.45
C ASN F 12 -42.56 -6.61 12.38
N GLY F 13 -41.53 -7.07 13.08
CA GLY F 13 -41.24 -8.49 13.23
C GLY F 13 -41.98 -9.14 14.38
N TRP F 14 -41.81 -10.46 14.44
CA TRP F 14 -42.50 -11.30 15.40
C TRP F 14 -41.47 -11.92 16.35
N GLU F 15 -41.41 -11.40 17.58
CA GLU F 15 -40.57 -12.02 18.62
C GLU F 15 -41.00 -13.46 18.95
N GLY F 16 -42.30 -13.73 18.83
CA GLY F 16 -42.86 -15.06 19.03
C GLY F 16 -42.34 -16.15 18.10
N MET F 17 -41.99 -15.79 16.85
CA MET F 17 -41.50 -16.79 15.90
C MET F 17 -40.05 -17.15 16.19
N ILE F 18 -39.87 -18.29 16.82
CA ILE F 18 -38.55 -18.76 17.28
C ILE F 18 -38.01 -19.96 16.49
N ASP F 19 -38.83 -20.51 15.59
CA ASP F 19 -38.46 -21.70 14.81
C ASP F 19 -38.15 -21.37 13.34
N GLY F 20 -38.09 -20.08 13.01
CA GLY F 20 -37.73 -19.64 11.66
C GLY F 20 -37.57 -18.13 11.56
N TRP F 21 -37.11 -17.68 10.39
CA TRP F 21 -36.84 -16.26 10.10
C TRP F 21 -38.00 -15.57 9.41
N TYR F 22 -38.72 -16.32 8.57
CA TYR F 22 -39.92 -15.85 7.89
C TYR F 22 -41.03 -16.86 8.10
N GLY F 23 -42.27 -16.38 8.03
CA GLY F 23 -43.41 -17.29 8.08
C GLY F 23 -44.79 -16.68 8.05
N PHE F 24 -45.76 -17.47 8.55
CA PHE F 24 -47.17 -17.24 8.36
C PHE F 24 -47.91 -17.08 9.70
N ARG F 25 -48.83 -16.12 9.75
CA ARG F 25 -49.86 -16.05 10.78
C ARG F 25 -51.23 -16.01 10.12
N HIS F 26 -52.18 -16.74 10.68
CA HIS F 26 -53.53 -16.81 10.12
C HIS F 26 -54.62 -16.59 11.15
N GLN F 27 -55.78 -16.16 10.66
CA GLN F 27 -57.04 -16.31 11.39
C GLN F 27 -58.08 -16.92 10.45
N ASN F 28 -58.72 -18.01 10.91
CA ASN F 28 -59.81 -18.66 10.19
C ASN F 28 -60.94 -19.03 11.15
N SER F 29 -61.91 -19.85 10.71
CA SER F 29 -62.97 -20.35 11.62
C SER F 29 -62.43 -21.08 12.86
N GLU F 30 -61.42 -21.92 12.67
CA GLU F 30 -60.87 -22.75 13.76
C GLU F 30 -59.92 -22.04 14.75
N GLY F 31 -59.66 -20.74 14.55
CA GLY F 31 -58.84 -19.95 15.48
C GLY F 31 -57.63 -19.32 14.79
N THR F 32 -56.59 -19.03 15.57
CA THR F 32 -55.35 -18.45 15.05
C THR F 32 -54.15 -19.37 15.27
N GLY F 33 -53.11 -19.15 14.47
CA GLY F 33 -51.89 -19.96 14.53
C GLY F 33 -50.72 -19.31 13.84
N GLN F 34 -49.57 -19.96 13.95
CA GLN F 34 -48.31 -19.43 13.44
C GLN F 34 -47.40 -20.57 13.00
N ALA F 35 -46.80 -20.44 11.82
CA ALA F 35 -45.84 -21.42 11.31
C ALA F 35 -44.69 -20.74 10.55
N ALA F 36 -43.48 -21.21 10.80
CA ALA F 36 -42.28 -20.75 10.08
C ALA F 36 -42.26 -21.33 8.68
N ASP F 37 -41.83 -20.54 7.71
CA ASP F 37 -41.52 -21.04 6.35
C ASP F 37 -40.06 -21.43 6.32
N LEU F 38 -39.79 -22.67 5.98
CA LEU F 38 -38.43 -23.21 6.07
C LEU F 38 -37.55 -22.85 4.87
N LYS F 39 -38.14 -22.75 3.68
CA LYS F 39 -37.37 -22.53 2.44
C LYS F 39 -36.84 -21.09 2.34
N SER F 40 -37.67 -20.11 2.70
CA SER F 40 -37.24 -18.71 2.76
C SER F 40 -36.20 -18.52 3.85
N THR F 41 -36.46 -19.08 5.02
CA THR F 41 -35.50 -19.03 6.13
C THR F 41 -34.14 -19.60 5.72
N GLN F 42 -34.14 -20.77 5.09
CA GLN F 42 -32.90 -21.44 4.70
C GLN F 42 -32.17 -20.68 3.56
N ALA F 43 -32.92 -20.12 2.62
CA ALA F 43 -32.33 -19.29 1.55
C ALA F 43 -31.52 -18.11 2.10
N ALA F 44 -32.07 -17.43 3.11
CA ALA F 44 -31.42 -16.31 3.76
C ALA F 44 -30.19 -16.75 4.55
N ILE F 45 -30.37 -17.79 5.37
CA ILE F 45 -29.29 -18.33 6.19
C ILE F 45 -28.15 -18.86 5.31
N ASP F 46 -28.47 -19.63 4.27
CA ASP F 46 -27.45 -20.13 3.33
C ASP F 46 -26.60 -19.01 2.71
N GLN F 47 -27.27 -17.93 2.29
CA GLN F 47 -26.56 -16.79 1.72
C GLN F 47 -25.67 -16.07 2.75
N ILE F 48 -26.13 -15.95 3.97
CA ILE F 48 -25.37 -15.30 5.04
C ILE F 48 -24.18 -16.17 5.46
N ASN F 49 -24.40 -17.48 5.55
CA ASN F 49 -23.29 -18.44 5.78
C ASN F 49 -22.25 -18.36 4.68
N GLY F 50 -22.72 -18.28 3.44
CA GLY F 50 -21.86 -18.14 2.30
C GLY F 50 -20.93 -16.95 2.45
N LYS F 51 -21.48 -15.77 2.71
CA LYS F 51 -20.65 -14.54 2.83
C LYS F 51 -19.76 -14.57 4.07
N LEU F 52 -20.28 -15.10 5.17
CA LEU F 52 -19.49 -15.30 6.37
C LEU F 52 -18.25 -16.14 6.06
N ASN F 53 -18.42 -17.30 5.42
CA ASN F 53 -17.29 -18.17 5.09
C ASN F 53 -16.27 -17.54 4.12
N ARG F 54 -16.74 -16.69 3.19
CA ARG F 54 -15.84 -15.92 2.33
C ARG F 54 -15.00 -14.91 3.10
N VAL F 55 -15.64 -14.21 4.04
CA VAL F 55 -14.98 -13.19 4.86
C VAL F 55 -13.99 -13.77 5.88
N ILE F 56 -14.31 -14.89 6.54
CA ILE F 56 -13.41 -15.48 7.56
C ILE F 56 -12.42 -16.48 6.97
N GLU F 57 -12.22 -16.41 5.66
CA GLU F 57 -11.33 -17.28 4.92
C GLU F 57 -9.90 -16.77 5.13
N LYS F 58 -9.11 -17.51 5.92
CA LYS F 58 -7.70 -17.17 6.17
C LYS F 58 -6.96 -17.04 4.83
N THR F 59 -6.40 -15.86 4.58
CA THR F 59 -5.62 -15.58 3.35
C THR F 59 -4.12 -15.37 3.57
N ASN F 60 -3.70 -14.86 4.73
CA ASN F 60 -2.30 -14.43 4.88
C ASN F 60 -1.53 -15.03 6.07
N GLU F 61 -0.33 -15.47 5.73
CA GLU F 61 0.66 -16.00 6.63
C GLU F 61 1.97 -15.27 6.30
N LYS F 62 2.53 -14.54 7.28
CA LYS F 62 3.76 -13.75 7.11
C LYS F 62 4.77 -14.14 8.17
N PHE F 63 6.04 -14.11 7.79
CA PHE F 63 7.11 -14.56 8.66
C PHE F 63 8.05 -13.39 8.93
N HIS F 64 9.28 -13.40 8.42
CA HIS F 64 10.17 -12.26 8.60
C HIS F 64 9.69 -11.06 7.79
N GLN F 65 9.57 -9.93 8.47
CA GLN F 65 9.01 -8.71 7.87
C GLN F 65 9.99 -7.57 8.17
N ILE F 66 9.51 -6.35 8.34
CA ILE F 66 10.35 -5.24 8.79
C ILE F 66 10.08 -5.03 10.29
N GLU F 67 11.02 -4.38 10.94
CA GLU F 67 10.81 -3.88 12.29
C GLU F 67 9.79 -2.74 12.27
N LYS F 68 9.03 -2.64 13.35
CA LYS F 68 7.92 -1.70 13.46
C LYS F 68 7.95 -0.84 14.71
N GLU F 69 8.89 -1.11 15.61
CA GLU F 69 9.14 -0.29 16.79
C GLU F 69 10.63 -0.13 16.85
N PHE F 70 11.07 0.99 17.40
CA PHE F 70 12.48 1.37 17.34
C PHE F 70 12.88 2.00 18.66
N SER F 71 14.02 1.59 19.18
CA SER F 71 14.50 2.10 20.45
C SER F 71 15.41 3.32 20.30
N GLU F 72 15.91 3.60 19.10
CA GLU F 72 16.77 4.79 18.83
C GLU F 72 16.20 5.62 17.67
N VAL F 73 16.50 6.90 17.72
CA VAL F 73 16.22 7.83 16.63
C VAL F 73 17.26 7.60 15.54
N GLU F 74 16.80 7.43 14.30
CA GLU F 74 17.69 7.18 13.16
C GLU F 74 17.53 8.10 11.95
N GLY F 75 16.33 8.61 11.74
CA GLY F 75 16.09 9.50 10.62
C GLY F 75 15.53 8.74 9.42
N ARG F 76 16.13 9.00 8.26
CA ARG F 76 15.56 8.70 6.94
C ARG F 76 15.01 7.27 6.76
N ILE F 77 15.83 6.28 7.04
CA ILE F 77 15.45 4.88 6.85
C ILE F 77 14.29 4.49 7.78
N GLN F 78 14.36 4.94 9.02
CA GLN F 78 13.29 4.69 9.99
C GLN F 78 12.02 5.43 9.60
N ASP F 79 12.15 6.66 9.09
CA ASP F 79 10.98 7.42 8.65
C ASP F 79 10.26 6.60 7.60
N LEU F 80 11.02 6.01 6.69
CA LEU F 80 10.45 5.24 5.60
C LEU F 80 9.80 3.93 6.08
N GLU F 81 10.49 3.21 6.96
CA GLU F 81 9.93 2.01 7.58
C GLU F 81 8.60 2.28 8.28
N LYS F 82 8.53 3.35 9.07
CA LYS F 82 7.28 3.70 9.77
C LYS F 82 6.18 4.09 8.81
N TYR F 83 6.56 4.88 7.80
CA TYR F 83 5.60 5.37 6.80
C TYR F 83 5.04 4.21 5.99
N VAL F 84 5.90 3.25 5.63
CA VAL F 84 5.44 2.07 4.90
C VAL F 84 4.36 1.35 5.74
N GLU F 85 4.62 1.13 7.03
CA GLU F 85 3.70 0.38 7.87
C GLU F 85 2.40 1.16 8.12
N ASP F 86 2.55 2.44 8.42
CA ASP F 86 1.40 3.29 8.65
C ASP F 86 0.50 3.32 7.40
N THR F 87 1.10 3.42 6.22
CA THR F 87 0.37 3.45 4.96
C THR F 87 -0.45 2.16 4.78
N LYS F 88 0.22 1.04 5.05
CA LYS F 88 -0.38 -0.29 4.96
C LYS F 88 -1.57 -0.43 5.89
N ILE F 89 -1.36 -0.05 7.15
CA ILE F 89 -2.40 -0.16 8.18
C ILE F 89 -3.64 0.66 7.82
N ASP F 90 -3.43 1.86 7.27
CA ASP F 90 -4.55 2.69 6.88
C ASP F 90 -5.30 2.10 5.72
N LEU F 91 -4.59 1.57 4.74
CA LEU F 91 -5.25 0.92 3.60
C LEU F 91 -6.06 -0.32 4.01
N TRP F 92 -5.49 -1.13 4.90
CA TRP F 92 -6.22 -2.28 5.44
C TRP F 92 -7.40 -1.85 6.30
N SER F 93 -7.21 -0.81 7.12
CA SER F 93 -8.30 -0.30 7.95
C SER F 93 -9.47 0.17 7.06
N TYR F 94 -9.15 0.87 5.98
CA TYR F 94 -10.16 1.27 5.01
C TYR F 94 -10.83 0.06 4.37
N ASN F 95 -10.06 -0.92 3.93
CA ASN F 95 -10.64 -2.11 3.33
C ASN F 95 -11.66 -2.76 4.27
N ALA F 96 -11.32 -2.83 5.54
CA ALA F 96 -12.16 -3.48 6.55
C ALA F 96 -13.45 -2.70 6.77
N GLU F 97 -13.34 -1.37 6.84
CA GLU F 97 -14.52 -0.50 7.00
C GLU F 97 -15.48 -0.62 5.81
N LEU F 98 -14.91 -0.53 4.61
CA LEU F 98 -15.71 -0.68 3.39
C LEU F 98 -16.36 -2.06 3.31
N LEU F 99 -15.58 -3.10 3.61
CA LEU F 99 -16.10 -4.46 3.50
C LEU F 99 -17.37 -4.61 4.33
N VAL F 100 -17.30 -4.21 5.59
CA VAL F 100 -18.41 -4.38 6.51
C VAL F 100 -19.63 -3.54 6.05
N ALA F 101 -19.37 -2.33 5.61
CA ALA F 101 -20.43 -1.45 5.15
C ALA F 101 -21.18 -2.05 3.94
N LEU F 102 -20.44 -2.52 2.95
CA LEU F 102 -21.04 -3.16 1.76
C LEU F 102 -21.75 -4.46 2.10
N GLU F 103 -21.08 -5.30 2.90
CA GLU F 103 -21.65 -6.58 3.32
C GLU F 103 -22.96 -6.37 4.03
N ASN F 104 -23.01 -5.40 4.95
CA ASN F 104 -24.18 -5.21 5.81
C ASN F 104 -25.36 -4.62 5.08
N GLN F 105 -25.11 -3.65 4.21
CA GLN F 105 -26.15 -3.11 3.33
C GLN F 105 -26.79 -4.23 2.49
N HIS F 106 -25.93 -5.08 1.92
CA HIS F 106 -26.35 -6.20 1.11
C HIS F 106 -27.10 -7.24 1.92
N THR F 107 -26.66 -7.52 3.14
CA THR F 107 -27.33 -8.48 4.03
C THR F 107 -28.75 -8.01 4.39
N ILE F 108 -28.88 -6.71 4.68
CA ILE F 108 -30.19 -6.11 4.94
C ILE F 108 -31.08 -6.23 3.68
N ASP F 109 -30.53 -5.86 2.53
CA ASP F 109 -31.27 -5.92 1.26
C ASP F 109 -31.66 -7.35 0.88
N LEU F 110 -30.81 -8.34 1.14
CA LEU F 110 -31.13 -9.71 0.70
C LEU F 110 -32.16 -10.34 1.64
N THR F 111 -32.15 -10.00 2.92
CA THR F 111 -33.15 -10.50 3.85
C THR F 111 -34.52 -9.87 3.57
N ASP F 112 -34.51 -8.57 3.28
CA ASP F 112 -35.68 -7.83 2.79
C ASP F 112 -36.23 -8.47 1.49
N SER F 113 -35.31 -8.81 0.59
CA SER F 113 -35.64 -9.49 -0.67
C SER F 113 -36.32 -10.85 -0.46
N GLU F 114 -35.82 -11.66 0.47
CA GLU F 114 -36.39 -13.01 0.70
C GLU F 114 -37.79 -12.94 1.28
N MET F 115 -38.03 -11.96 2.15
CA MET F 115 -39.37 -11.65 2.67
C MET F 115 -40.31 -11.35 1.51
N ASN F 116 -39.86 -10.43 0.64
CA ASN F 116 -40.63 -10.07 -0.53
C ASN F 116 -40.90 -11.24 -1.48
N LYS F 117 -39.89 -12.09 -1.73
CA LYS F 117 -40.07 -13.29 -2.56
C LYS F 117 -41.17 -14.19 -2.02
N LEU F 118 -41.15 -14.42 -0.70
CA LEU F 118 -42.15 -15.26 -0.06
C LEU F 118 -43.54 -14.65 -0.19
N PHE F 119 -43.62 -13.34 0.01
CA PHE F 119 -44.89 -12.62 -0.14
C PHE F 119 -45.47 -12.69 -1.57
N GLU F 120 -44.64 -12.47 -2.59
CA GLU F 120 -45.09 -12.51 -3.99
C GLU F 120 -45.49 -13.91 -4.42
N LYS F 121 -44.79 -14.91 -3.90
CA LYS F 121 -45.06 -16.33 -4.16
C LYS F 121 -46.42 -16.76 -3.62
N THR F 122 -46.71 -16.32 -2.40
CA THR F 122 -47.99 -16.58 -1.73
C THR F 122 -49.13 -15.89 -2.50
N GLY F 123 -48.92 -14.61 -2.80
CA GLY F 123 -49.85 -13.84 -3.65
C GLY F 123 -50.22 -14.57 -4.93
N ARG F 124 -49.20 -15.05 -5.64
CA ARG F 124 -49.41 -15.82 -6.88
C ARG F 124 -50.16 -17.13 -6.68
N GLN F 125 -49.85 -17.80 -5.58
CA GLN F 125 -50.52 -19.06 -5.20
C GLN F 125 -52.04 -18.87 -5.11
N LEU F 126 -52.45 -17.80 -4.41
CA LEU F 126 -53.85 -17.52 -4.14
C LEU F 126 -54.66 -17.02 -5.34
N ARG F 127 -53.99 -16.63 -6.42
CA ARG F 127 -54.65 -16.23 -7.67
C ARG F 127 -55.77 -15.22 -7.39
N GLU F 128 -57.02 -15.51 -7.78
CA GLU F 128 -58.12 -14.56 -7.61
C GLU F 128 -58.93 -14.83 -6.34
N ASN F 129 -58.47 -15.76 -5.51
CA ASN F 129 -59.18 -16.14 -4.30
C ASN F 129 -58.79 -15.30 -3.08
N ALA F 130 -57.91 -14.31 -3.26
CA ALA F 130 -57.49 -13.43 -2.15
C ALA F 130 -57.09 -12.06 -2.64
N GLU F 131 -56.95 -11.13 -1.70
CA GLU F 131 -56.51 -9.77 -1.98
C GLU F 131 -55.49 -9.27 -0.97
N ASP F 132 -54.54 -8.46 -1.46
CA ASP F 132 -53.47 -7.86 -0.68
C ASP F 132 -54.00 -6.67 0.13
N MET F 133 -54.10 -6.85 1.46
CA MET F 133 -54.49 -5.75 2.35
C MET F 133 -53.45 -4.62 2.45
N GLY F 134 -52.21 -4.89 2.04
CA GLY F 134 -51.16 -3.86 1.97
C GLY F 134 -50.19 -3.80 3.14
N ASN F 135 -50.42 -4.65 4.14
CA ASN F 135 -49.62 -4.70 5.37
C ASN F 135 -48.95 -6.07 5.52
N GLY F 136 -48.72 -6.74 4.39
CA GLY F 136 -48.24 -8.13 4.39
C GLY F 136 -49.30 -9.19 4.66
N CYS F 137 -50.58 -8.81 4.67
CA CYS F 137 -51.68 -9.75 4.92
C CYS F 137 -52.61 -9.88 3.72
N PHE F 138 -52.98 -11.12 3.40
CA PHE F 138 -54.00 -11.40 2.39
C PHE F 138 -55.34 -11.67 3.06
N LYS F 139 -56.37 -10.96 2.66
CA LYS F 139 -57.74 -11.35 3.02
C LYS F 139 -58.13 -12.44 2.03
N ILE F 140 -58.39 -13.65 2.55
CA ILE F 140 -58.82 -14.79 1.74
C ILE F 140 -60.34 -14.81 1.75
N TYR F 141 -60.94 -14.91 0.56
CA TYR F 141 -62.37 -14.72 0.37
C TYR F 141 -63.15 -16.04 0.27
N HIS F 142 -62.77 -17.01 1.10
CA HIS F 142 -63.46 -18.28 1.19
C HIS F 142 -63.14 -18.95 2.53
N LYS F 143 -63.86 -20.03 2.84
CA LYS F 143 -63.62 -20.77 4.08
C LYS F 143 -62.31 -21.52 3.92
N CYS F 144 -61.36 -21.23 4.81
CA CYS F 144 -60.03 -21.87 4.78
C CYS F 144 -59.70 -22.44 6.15
N ASP F 145 -60.22 -23.65 6.38
CA ASP F 145 -59.90 -24.47 7.55
C ASP F 145 -58.41 -24.80 7.64
N ASN F 146 -57.96 -25.27 8.80
CA ASN F 146 -56.53 -25.54 9.04
C ASN F 146 -55.84 -26.35 7.95
N ALA F 147 -56.54 -27.35 7.42
CA ALA F 147 -56.06 -28.15 6.27
C ALA F 147 -55.76 -27.29 5.05
N CYS F 148 -56.64 -26.34 4.79
CA CYS F 148 -56.50 -25.38 3.68
C CYS F 148 -55.33 -24.42 3.92
N ILE F 149 -55.16 -23.92 5.14
CA ILE F 149 -54.05 -23.03 5.48
C ILE F 149 -52.72 -23.76 5.32
N GLU F 150 -52.61 -24.94 5.93
CA GLU F 150 -51.41 -25.79 5.76
C GLU F 150 -51.14 -26.11 4.28
N SER F 151 -52.20 -26.22 3.46
CA SER F 151 -52.05 -26.40 2.00
C SER F 151 -51.37 -25.22 1.32
N ILE F 152 -51.71 -24.00 1.74
CA ILE F 152 -51.07 -22.79 1.23
C ILE F 152 -49.60 -22.77 1.67
N ARG F 153 -49.35 -23.15 2.91
CA ARG F 153 -48.00 -23.12 3.48
C ARG F 153 -47.08 -24.19 2.89
N ASN F 154 -47.58 -25.42 2.73
CA ASN F 154 -46.76 -26.51 2.16
C ASN F 154 -46.90 -26.67 0.62
N GLY F 155 -47.46 -25.68 -0.05
CA GLY F 155 -47.40 -25.57 -1.50
C GLY F 155 -48.40 -26.37 -2.33
N THR F 156 -49.44 -26.92 -1.69
CA THR F 156 -50.41 -27.83 -2.36
C THR F 156 -51.75 -27.19 -2.74
N TYR F 157 -52.11 -26.09 -2.08
CA TYR F 157 -53.35 -25.32 -2.34
C TYR F 157 -53.70 -25.20 -3.83
N ASP F 158 -54.74 -25.91 -4.27
CA ASP F 158 -55.30 -25.74 -5.61
C ASP F 158 -56.31 -24.63 -5.53
N HIS F 159 -56.05 -23.51 -6.20
CA HIS F 159 -56.96 -22.36 -6.19
C HIS F 159 -58.27 -22.62 -6.94
N ASP F 160 -58.27 -23.53 -7.93
CA ASP F 160 -59.50 -23.83 -8.70
C ASP F 160 -60.61 -24.42 -7.82
N VAL F 161 -60.23 -25.13 -6.76
CA VAL F 161 -61.19 -25.70 -5.78
C VAL F 161 -62.10 -24.63 -5.17
N TYR F 162 -61.51 -23.51 -4.77
CA TYR F 162 -62.22 -22.46 -4.04
C TYR F 162 -62.57 -21.22 -4.89
N ARG F 163 -62.28 -21.26 -6.19
CA ARG F 163 -62.39 -20.06 -7.05
C ARG F 163 -63.82 -19.51 -7.13
N ASP F 164 -64.77 -20.36 -7.53
CA ASP F 164 -66.20 -19.98 -7.60
C ASP F 164 -66.66 -19.34 -6.29
N GLU F 165 -66.41 -20.06 -5.19
CA GLU F 165 -66.73 -19.57 -3.86
C GLU F 165 -66.17 -18.16 -3.64
N ALA F 166 -64.89 -17.97 -3.94
CA ALA F 166 -64.18 -16.72 -3.64
C ALA F 166 -64.54 -15.56 -4.55
N LEU F 167 -64.58 -15.80 -5.85
CA LEU F 167 -65.03 -14.80 -6.82
C LEU F 167 -66.40 -14.20 -6.44
N ASN F 168 -67.28 -15.05 -5.92
CA ASN F 168 -68.60 -14.64 -5.46
C ASN F 168 -68.53 -13.63 -4.29
N ASN F 169 -67.79 -14.00 -3.25
CA ASN F 169 -67.59 -13.14 -2.07
C ASN F 169 -66.88 -11.82 -2.38
N ARG F 170 -66.01 -11.82 -3.39
CA ARG F 170 -65.30 -10.61 -3.80
C ARG F 170 -66.17 -9.62 -4.57
N PHE F 171 -67.05 -10.14 -5.43
CA PHE F 171 -67.91 -9.32 -6.30
C PHE F 171 -69.39 -9.59 -6.08
C1 NAG G . 43.91 23.21 -7.01
C2 NAG G . 44.54 24.41 -6.29
C3 NAG G . 43.49 25.44 -5.88
C4 NAG G . 42.54 25.72 -7.03
C5 NAG G . 41.90 24.44 -7.52
C6 NAG G . 40.89 24.68 -8.64
C7 NAG G . 46.57 23.91 -4.96
C8 NAG G . 47.07 23.45 -3.63
N2 NAG G . 45.24 23.99 -5.09
O3 NAG G . 44.18 26.64 -5.49
O4 NAG G . 41.47 26.54 -6.59
O5 NAG G . 42.91 23.56 -7.98
O6 NAG G . 41.39 25.61 -9.62
O7 NAG G . 47.35 24.19 -5.86
C1 NAG G . 41.67 27.94 -6.82
C2 NAG G . 40.30 28.58 -6.89
C3 NAG G . 40.39 30.10 -7.02
C4 NAG G . 41.29 30.66 -5.93
C5 NAG G . 42.64 29.92 -5.91
C6 NAG G . 43.56 30.42 -4.79
C7 NAG G . 38.40 27.40 -7.90
C8 NAG G . 37.75 26.95 -9.18
N2 NAG G . 39.54 28.06 -8.02
O3 NAG G . 39.07 30.64 -6.92
O4 NAG G . 41.53 32.06 -6.18
O5 NAG G . 42.42 28.50 -5.75
O6 NAG G . 44.57 29.46 -4.46
O7 NAG G . 37.90 27.13 -6.82
C1 BMA G . 40.68 33.01 -5.49
C2 BMA G . 41.58 34.14 -5.03
C3 BMA G . 40.79 35.27 -4.38
C4 BMA G . 39.63 35.71 -5.25
C5 BMA G . 38.80 34.51 -5.72
C6 BMA G . 37.71 34.96 -6.70
O2 BMA G . 42.32 34.65 -6.15
O3 BMA G . 41.64 36.40 -4.12
O4 BMA G . 38.82 36.62 -4.52
O5 BMA G . 39.63 33.52 -6.33
O6 BMA G . 37.03 33.82 -7.23
C1 MAN G . 42.11 36.47 -2.75
C2 MAN G . 42.74 37.83 -2.48
C3 MAN G . 44.15 37.95 -3.06
C4 MAN G . 44.99 36.73 -2.70
C5 MAN G . 44.26 35.47 -3.16
C6 MAN G . 45.08 34.19 -2.95
O2 MAN G . 42.80 38.02 -1.06
O3 MAN G . 44.79 39.12 -2.57
O4 MAN G . 46.29 36.83 -3.30
O5 MAN G . 43.03 35.41 -2.43
O6 MAN G . 45.58 34.08 -1.61
C1 NAG H . 7.87 -16.21 -14.82
C2 NAG H . 7.14 -17.54 -14.55
C3 NAG H . 7.17 -17.83 -13.05
C4 NAG H . 8.63 -17.73 -12.59
C5 NAG H . 9.22 -16.36 -12.91
C6 NAG H . 10.64 -16.16 -12.42
C7 NAG H . 5.37 -17.87 -16.26
C8 NAG H . 3.90 -17.82 -16.55
N2 NAG H . 5.74 -17.54 -15.02
O3 NAG H . 6.61 -19.12 -12.80
O4 NAG H . 8.71 -17.93 -11.18
O5 NAG H . 9.20 -16.20 -14.32
O6 NAG H . 11.42 -17.34 -12.66
O7 NAG H . 6.17 -18.15 -17.14
C1 NAG H . 9.22 -19.23 -10.89
C2 NAG H . 9.71 -19.25 -9.45
C3 NAG H . 10.34 -20.61 -9.22
C4 NAG H . 9.28 -21.69 -9.40
C5 NAG H . 8.52 -21.58 -10.73
C6 NAG H . 7.19 -22.35 -10.68
C7 NAG H . 10.26 -16.97 -8.64
C8 NAG H . 11.38 -15.98 -8.44
N2 NAG H . 10.63 -18.15 -9.17
O3 NAG H . 10.90 -20.68 -7.91
O4 NAG H . 9.89 -22.99 -9.29
O5 NAG H . 8.22 -20.22 -11.09
O6 NAG H . 7.01 -23.15 -11.86
O7 NAG H . 9.11 -16.69 -8.35
C1 GAL I . 51.69 -8.85 -12.50
C2 GAL I . 52.30 -7.86 -13.49
C3 GAL I . 51.32 -7.65 -14.64
C4 GAL I . 50.98 -8.98 -15.31
C5 GAL I . 50.53 -10.00 -14.26
C6 GAL I . 50.35 -11.38 -14.90
O1 GAL I . 52.57 -9.03 -11.39
O2 GAL I . 52.57 -6.62 -12.84
O3 GAL I . 51.89 -6.72 -15.60
O4 GAL I . 52.12 -9.46 -16.03
O5 GAL I . 51.46 -10.09 -13.16
O6 GAL I . 49.57 -12.22 -14.03
C1 SIA I . 49.69 -6.16 -16.56
C2 SIA I . 51.01 -5.65 -16.02
C3 SIA I . 51.74 -4.79 -17.06
C4 SIA I . 51.07 -3.42 -17.23
C5 SIA I . 50.92 -2.69 -15.90
C6 SIA I . 50.18 -3.60 -14.91
C7 SIA I . 50.01 -3.04 -13.49
C8 SIA I . 49.36 -4.06 -12.53
C9 SIA I . 49.09 -3.51 -11.14
C10 SIA I . 50.43 -0.32 -15.46
C11 SIA I . 49.56 0.84 -15.83
N5 SIA I . 50.19 -1.45 -16.11
O1A SIA I . 49.64 -6.66 -17.72
O1B SIA I . 48.65 -6.10 -15.85
O4 SIA I . 51.81 -2.61 -18.17
O6 SIA I . 50.85 -4.87 -14.82
O7 SIA I . 51.26 -2.63 -12.96
O8 SIA I . 48.13 -4.54 -13.07
O9 SIA I . 48.41 -4.50 -10.35
O10 SIA I . 51.29 -0.22 -14.61
C1 NAG J . 39.21 9.30 28.77
C2 NAG J . 40.07 8.55 29.77
C3 NAG J . 39.21 7.52 30.49
C4 NAG J . 38.01 8.18 31.15
C5 NAG J . 37.29 9.16 30.23
C6 NAG J . 36.31 10.04 31.02
C7 NAG J . 42.47 8.22 29.35
C8 NAG J . 43.48 7.47 28.54
N2 NAG J . 41.19 7.93 29.09
O3 NAG J . 39.99 6.89 31.50
O4 NAG J . 37.03 7.21 31.49
O5 NAG J . 38.20 9.99 29.52
O6 NAG J . 36.98 10.82 32.02
O7 NAG J . 42.81 9.03 30.21
C1 NAG J . 37.03 6.88 32.88
C2 NAG J . 35.69 6.22 33.17
C3 NAG J . 35.60 5.77 34.62
C4 NAG J . 36.81 4.93 35.00
C5 NAG J . 38.13 5.58 34.57
C6 NAG J . 39.34 4.69 34.79
C7 NAG J . 33.90 6.99 31.71
C8 NAG J . 32.71 7.89 31.57
N2 NAG J . 34.53 7.05 32.87
O3 NAG J . 34.38 5.04 34.69
O4 NAG J . 36.85 4.78 36.42
O5 NAG J . 38.07 5.96 33.18
O6 NAG J . 39.33 3.58 33.88
O7 NAG J . 34.25 6.25 30.79
C1 BMA J . 36.36 3.52 36.91
C2 BMA J . 37.32 3.05 37.99
C3 BMA J . 36.83 1.73 38.62
C4 BMA J . 35.34 1.79 38.98
C5 BMA J . 34.49 2.37 37.85
C6 BMA J . 33.03 2.60 38.24
O2 BMA J . 37.48 4.07 38.97
O3 BMA J . 37.60 1.42 39.81
O4 BMA J . 34.86 0.47 39.28
O5 BMA J . 35.04 3.62 37.44
O6 BMA J . 32.43 3.38 37.18
C1 MAN J . 38.91 0.88 39.51
C2 MAN J . 38.85 -0.65 39.43
C3 MAN J . 38.85 -1.33 40.79
C4 MAN J . 39.92 -0.75 41.70
C5 MAN J . 39.79 0.77 41.78
C6 MAN J . 40.86 1.36 42.70
O2 MAN J . 39.97 -1.12 38.65
O3 MAN J . 39.06 -2.74 40.64
O4 MAN J . 39.82 -1.34 42.99
O5 MAN J . 39.89 1.33 40.47
O6 MAN J . 40.99 2.77 42.51
C1 MAN J . 31.03 3.67 37.35
C2 MAN J . 30.22 2.93 36.28
C3 MAN J . 30.53 3.48 34.88
C4 MAN J . 30.29 4.98 34.84
C5 MAN J . 31.03 5.67 35.99
C6 MAN J . 30.70 7.14 36.08
O2 MAN J . 28.82 3.07 36.57
O3 MAN J . 29.75 2.84 33.87
O4 MAN J . 30.70 5.49 33.57
O5 MAN J . 30.74 5.07 37.26
O6 MAN J . 31.62 7.72 37.02
C1 NAG K . 0.71 22.49 -6.57
C2 NAG K . 0.03 22.54 -7.95
C3 NAG K . 0.57 21.42 -8.83
C4 NAG K . 2.09 21.49 -8.91
C5 NAG K . 2.61 21.33 -7.47
C6 NAG K . 4.13 21.25 -7.32
C7 NAG K . -2.25 23.44 -7.59
C8 NAG K . -3.72 23.14 -7.60
N2 NAG K . -1.43 22.42 -7.91
O3 NAG K . -0.03 21.52 -10.12
O4 NAG K . 2.52 20.47 -9.85
O5 NAG K . 2.14 22.44 -6.69
O6 NAG K . 4.75 22.53 -7.48
O7 NAG K . -1.84 24.55 -7.28
C1 NAG K . 3.33 20.90 -10.98
C2 NAG K . 4.33 19.77 -11.27
C3 NAG K . 4.87 19.81 -12.69
C4 NAG K . 3.75 19.71 -13.72
C5 NAG K . 2.47 20.45 -13.31
C6 NAG K . 1.32 19.45 -13.10
C7 NAG K . 5.84 18.83 -9.55
C8 NAG K . 7.01 19.11 -8.66
N2 NAG K . 5.45 19.84 -10.33
O3 NAG K . 5.78 18.72 -12.88
O4 NAG K . 4.22 20.18 -14.99
O5 NAG K . 2.60 21.31 -12.15
O6 NAG K . 0.13 20.14 -12.70
O7 NAG K . 5.28 17.74 -9.53
C1 NAG L . 46.76 28.61 0.72
C2 NAG L . 45.90 29.75 0.17
C3 NAG L . 45.65 30.75 1.30
C4 NAG L . 44.98 30.05 2.47
C5 NAG L . 45.59 28.69 2.84
C6 NAG L . 44.59 27.86 3.65
C7 NAG L . 47.60 30.90 -1.25
C8 NAG L . 47.85 31.44 -2.63
N2 NAG L . 46.40 30.35 -1.08
O1 NAG L . 47.14 27.72 -0.34
O3 NAG L . 44.82 31.82 0.83
O4 NAG L . 45.06 30.91 3.64
O5 NAG L . 45.98 27.92 1.69
O6 NAG L . 45.23 26.70 4.20
O7 NAG L . 48.46 30.99 -0.38
C1 GAL L . 43.78 31.42 4.06
C2 GAL L . 43.89 31.92 5.50
C3 GAL L . 42.52 32.36 6.00
C4 GAL L . 41.92 33.41 5.06
C5 GAL L . 41.99 32.92 3.59
C6 GAL L . 41.54 34.00 2.60
O2 GAL L . 44.40 30.88 6.35
O3 GAL L . 42.66 32.92 7.33
O4 GAL L . 42.60 34.65 5.28
O5 GAL L . 43.30 32.48 3.24
O6 GAL L . 40.11 34.03 2.53
C1 SIA L . 40.23 32.84 7.90
C2 SIA L . 41.66 32.49 8.29
C3 SIA L . 42.13 33.07 9.62
C4 SIA L . 41.47 32.34 10.79
C5 SIA L . 41.78 30.85 10.72
C6 SIA L . 41.31 30.31 9.36
C7 SIA L . 41.64 28.83 9.11
C8 SIA L . 41.37 28.40 7.67
C9 SIA L . 41.54 26.89 7.50
C10 SIA L . 41.56 29.12 12.47
C11 SIA L . 40.69 28.60 13.57
N5 SIA L . 41.08 30.19 11.81
O1A SIA L . 39.78 33.99 8.13
O1B SIA L . 39.52 31.98 7.34
O4 SIA L . 41.87 32.86 12.06
O6 SIA L . 41.90 31.08 8.30
O7 SIA L . 43.00 28.53 9.43
O8 SIA L . 40.04 28.76 7.24
O9 SIA L . 41.07 26.49 6.21
O10 SIA L . 42.63 28.61 12.20
C1 NAG M . 48.17 -13.73 0.32
C2 NAG M . 49.22 -13.82 -0.80
C3 NAG M . 48.59 -14.10 -2.17
C4 NAG M . 47.65 -15.29 -2.11
C5 NAG M . 46.66 -15.11 -0.96
C6 NAG M . 45.72 -16.30 -0.82
C7 NAG M . 51.18 -12.40 -0.36
C8 NAG M . 51.76 -11.03 -0.58
N2 NAG M . 49.96 -12.58 -0.87
O3 NAG M . 49.60 -14.38 -3.15
O4 NAG M . 46.90 -15.38 -3.33
O5 NAG M . 47.36 -14.91 0.27
O6 NAG M . 46.44 -17.53 -0.67
O7 NAG M . 51.79 -13.28 0.23
C1 NAG M . 47.43 -16.32 -4.28
C2 NAG M . 46.28 -16.68 -5.20
C3 NAG M . 46.74 -17.58 -6.34
C4 NAG M . 47.92 -16.98 -7.09
C5 NAG M . 49.02 -16.59 -6.09
C6 NAG M . 50.15 -15.81 -6.76
C7 NAG M . 43.99 -16.89 -4.32
C8 NAG M . 43.07 -17.76 -3.53
N2 NAG M . 45.22 -17.36 -4.46
O3 NAG M . 45.64 -17.76 -7.23
O4 NAG M . 48.43 -17.94 -8.03
O5 NAG M . 48.51 -15.76 -5.03
O6 NAG M . 49.67 -14.53 -7.18
O7 NAG M . 43.60 -15.83 -4.78
C1 BMA M . 47.84 -17.99 -9.36
C2 BMA M . 49.00 -18.12 -10.34
C3 BMA M . 48.54 -18.43 -11.76
C4 BMA M . 47.52 -19.56 -11.78
C5 BMA M . 46.37 -19.29 -10.82
C6 BMA M . 45.39 -20.47 -10.75
O2 BMA M . 49.89 -19.15 -9.88
O3 BMA M . 49.68 -18.79 -12.56
O4 BMA M . 47.02 -19.74 -13.11
O5 BMA M . 46.89 -19.05 -9.50
O6 BMA M . 44.08 -20.00 -10.40
C1 MAN M . 50.17 -17.80 -13.49
C2 MAN M . 50.64 -18.53 -14.75
C3 MAN M . 51.81 -19.46 -14.41
C4 MAN M . 52.90 -18.78 -13.58
C5 MAN M . 52.40 -17.77 -12.54
C6 MAN M . 53.51 -16.80 -12.17
O2 MAN M . 51.00 -17.60 -15.78
O3 MAN M . 52.39 -19.96 -15.62
O4 MAN M . 53.64 -19.80 -12.89
O5 MAN M . 51.27 -17.03 -12.99
O6 MAN M . 53.14 -16.04 -11.03
C1 NAG N . -0.40 -5.04 23.13
C2 NAG N . -1.59 -4.23 23.68
C3 NAG N . -1.52 -2.79 23.21
C4 NAG N . -0.12 -2.24 23.41
C5 NAG N . 0.90 -3.13 22.72
C6 NAG N . 2.34 -2.61 22.72
C7 NAG N . -3.44 -5.81 23.94
C8 NAG N . -4.73 -6.32 23.35
N2 NAG N . -2.83 -4.83 23.25
O3 NAG N . -2.46 -1.99 23.93
O4 NAG N . -0.07 -0.93 22.87
O5 NAG N . 0.85 -4.38 23.40
O6 NAG N . 2.99 -2.92 23.96
O7 NAG N . -2.97 -6.28 24.97
C1 NAG N . 0.48 -0.01 23.83
C2 NAG N . 0.86 1.26 23.09
C3 NAG N . 1.27 2.37 24.03
C4 NAG N . 0.31 2.50 25.21
C5 NAG N . 0.09 1.14 25.87
C6 NAG N . -0.87 1.19 27.06
C7 NAG N . 1.78 0.73 20.88
C8 NAG N . 3.03 0.42 20.10
N2 NAG N . 1.96 0.94 22.19
O3 NAG N . 1.27 3.61 23.30
O4 NAG N . 0.84 3.43 26.16
O5 NAG N . -0.44 0.25 24.89
O6 NAG N . -2.22 1.23 26.58
O7 NAG N . 0.69 0.80 20.33
C1 NAG O . 44.71 1.99 30.79
C2 NAG O . 44.02 1.81 32.15
C3 NAG O . 44.33 0.41 32.70
C4 NAG O . 44.08 -0.68 31.67
C5 NAG O . 44.69 -0.35 30.29
C6 NAG O . 44.28 -1.36 29.22
C7 NAG O . 43.81 3.22 34.17
C8 NAG O . 44.38 4.37 34.95
N2 NAG O . 44.45 2.90 33.04
O1 NAG O . 44.39 3.28 30.24
O3 NAG O . 43.53 0.11 33.85
O4 NAG O . 44.61 -1.92 32.17
O5 NAG O . 44.26 0.96 29.89
O6 NAG O . 44.78 -1.00 27.93
O7 NAG O . 42.82 2.62 34.56
C1 GAL O . 43.68 -3.02 32.10
C2 GAL O . 44.41 -4.37 32.07
C3 GAL O . 43.40 -5.44 31.62
C4 GAL O . 42.13 -5.41 32.50
C5 GAL O . 41.66 -4.00 32.90
C6 GAL O . 40.72 -4.05 34.11
O2 GAL O . 45.54 -4.31 31.20
O3 GAL O . 44.03 -6.76 31.62
O4 GAL O . 42.33 -6.24 33.65
O5 GAL O . 42.75 -3.10 33.17
O6 GAL O . 39.92 -2.87 34.15
C1 SIA O . 42.08 -8.07 30.77
C2 SIA O . 43.55 -7.71 30.62
C3 SIA O . 44.44 -8.97 30.68
C4 SIA O . 44.29 -9.83 29.42
C5 SIA O . 44.57 -9.01 28.16
C6 SIA O . 43.65 -7.79 28.16
C7 SIA O . 43.81 -6.83 26.97
C8 SIA O . 43.00 -5.54 27.15
C9 SIA O . 42.99 -4.73 25.86
C10 SIA O . 45.07 -9.70 25.85
C11 SIA O . 44.68 -10.61 24.72
N5 SIA O . 44.35 -9.80 26.97
O1A SIA O . 41.72 -8.88 31.65
O1B SIA O . 41.23 -7.53 30.02
O4 SIA O . 45.15 -10.97 29.47
O6 SIA O . 43.83 -7.05 29.38
O7 SIA O . 45.18 -6.49 26.80
O8 SIA O . 41.66 -5.85 27.54
O9 SIA O . 42.05 -3.65 25.98
O10 SIA O . 45.99 -8.91 25.71
C1 NAG P . -19.13 -15.91 -24.07
C2 NAG P . -19.71 -16.45 -25.36
C3 NAG P . -18.57 -17.05 -26.16
C4 NAG P . -17.40 -16.06 -26.18
C5 NAG P . -16.99 -15.68 -24.75
C6 NAG P . -15.74 -14.80 -24.66
C7 NAG P . -20.74 -18.44 -24.19
C8 NAG P . -19.47 -19.24 -24.02
N2 NAG P . -20.80 -17.26 -24.83
O3 NAG P . -19.08 -17.36 -27.45
O4 NAG P . -16.29 -16.66 -26.85
O5 NAG P . -18.09 -14.98 -24.18
O6 NAG P . -14.88 -15.31 -23.63
O7 NAG P . -21.77 -18.88 -23.74
C1 NAG Q . -25.50 -15.05 16.46
C2 NAG Q . -25.56 -16.53 16.88
C3 NAG Q . -24.44 -16.85 17.88
C4 NAG Q . -23.08 -16.29 17.49
C5 NAG Q . -23.16 -14.84 16.99
C6 NAG Q . -21.85 -14.39 16.33
C7 NAG Q . -27.97 -16.95 16.73
C8 NAG Q . -29.24 -17.20 17.50
N2 NAG Q . -26.86 -16.78 17.46
O3 NAG Q . -24.30 -18.27 17.99
O4 NAG Q . -22.22 -16.37 18.64
O5 NAG Q . -24.19 -14.72 16.01
O6 NAG Q . -21.00 -13.79 17.32
O7 NAG Q . -27.97 -16.90 15.51
C1 NAG R . 27.90 -27.52 16.38
C2 NAG R . 28.50 -28.47 17.40
C3 NAG R . 29.89 -28.89 16.95
C4 NAG R . 29.80 -29.50 15.55
C5 NAG R . 29.18 -28.48 14.61
C6 NAG R . 29.08 -28.97 13.17
C7 NAG R . 27.71 -28.07 19.68
C8 NAG R . 27.93 -27.33 20.97
N2 NAG R . 28.59 -27.83 18.70
O3 NAG R . 30.46 -29.83 17.87
O4 NAG R . 31.11 -29.85 15.09
O5 NAG R . 27.87 -28.13 15.10
O6 NAG R . 27.89 -29.74 12.99
O7 NAG R . 26.77 -28.83 19.54
#